data_9BJZ
#
_entry.id   9BJZ
#
_cell.length_a   1.00
_cell.length_b   1.00
_cell.length_c   1.00
_cell.angle_alpha   90.00
_cell.angle_beta   90.00
_cell.angle_gamma   90.00
#
_symmetry.space_group_name_H-M   'P 1'
#
loop_
_entity.id
_entity.type
_entity.pdbx_description
1 polymer 'DNA damage-binding protein 1'
2 polymer 'DET1 homolog'
3 polymer 'DET1- and DDB1-associated protein 1'
4 polymer 'Ubiquitin-conjugating enzyme E2 E2'
#
loop_
_entity_poly.entity_id
_entity_poly.type
_entity_poly.pdbx_seq_one_letter_code
_entity_poly.pdbx_strand_id
1 'polypeptide(L)'
;MAHHHHHHSAALEVLFQMSYNYVVTAQKPTAVNGCVTGHFTSAEDLNLLIAKNTRLEIYVVTAEGLRPVKEVGMYGKIAV
MELFRPKGESKDLLFILTAKYNACILEYKQSGESIDIITRAHGNVQDRIGRPSETGIIGIIDPECRMIGLRLYDGLFKVI
PLDRDNKELKAFNIRLEELHVIDVKFLYGCQAPTICFVYQDPQGRHVKTYEVSLREKEFNKGPWKQENVEAEASMVIAVP
EPFGGAIIIGQESITYHNGDKYLAIAPPIIKQSTIVCHNRVDPNGSRYLLGDMEGRLFMLLLEKEEQMDGTVTLKDLRVE
LLGETSIAECLTYLDNGVVFVGSRLGDSQLVKLNVDSNEQGSYVVAMETFTNLGPIVDMCVVDLERQGQGQLVTCSGAFK
EGSLRIIRNGIGGNGNSGEIQKLHIRTVPLYESPRKICYQEVSQCFGVLSSRIEVQDTSGGTTALRPSASTQALSSSVSS
SKLFSSSTAPHETSFGEEVEVHNLLIIDQHTFEVLHAHQFLQNEYALSLVSCKLGKDPNTYFIVGTAMVYPEEAEPKQGR
IVVFQYSDGKLQTVAEKEVKGAVYSMVEFNGKLLASINSTVRLYEWTTEKELRTECNHYNNIMALYLKTKGDFILVGDLM
RSVLLLAYKPMEGNFEEIARDFNPNWMSAVEILDDDNFLGAENAFNLFVCQKDSAATTDEERQHLQEVGLFHLGEFVNVF
CHGSLVMQNLGETSTPTQGSVLFGTVNGMIGLVTSLSESWYNLLLDMQNRLNKVIKSVGKIEHSFWRSFHTERKTEPATG
FIDGDLIESFLDISRPKMQEVVANLQYDDGSGMKREATADDLIKVVEELTRIH
;
A
2 'polypeptide(L)'
;MSAWSHPQFEKGGGSGGGSGGSAWSHPQFEKLEVLFQGPGDHHVSTIKPRRIQNQNVIHRLERRRISSGKAGTHWHQVRV
FHQNVFPNFTVVNVEKPPCFLRKFSPDGRYFIAFSSDQTSLEIYEYQGCQAAEDLLQGYEGEILSNGNDQRSVNIRGRLF
ERFFVLLHITNVAANGEHLNRECSLFTDDCRCVIVGSAAYLPDEPHPPFFEVYRNSESVTPNPRSPLEDYSLHIIDLHTG
RLCDTRTFKCDKVVLSHNQGLYLYKNILAILSVQQQTIHVFQVTPEGTFIDVRTIGRFCYEDDLLTVSAVFPEVQRDSQT
GMANPFRDPFINSLKHRLLVYLWRRAEQDGSAMAKRRFFQYFDQLRQLRMWKMQLLDENHLFIKYTSEDVVTLRVTDPSQ
ASFFVVYNMVTTEVIAVFENTSDELLELFENFCDLFRNATLHSEVQFPCSASSNNFARQIQRRFKDTIINAKYGGHTEAV
RRLLGQLPISAQSYSGSPYLDLSLFSYDDKWVSVMERPKTCGDHPIRFYARDSGLLKFEIQAGLLGRPINHTVRRLVAFT
FHPFEPFAISVQRTNAEYVVNFHMRHCCT
;
B
3 'polypeptide(L)'
;MADFLKGLPVYNKSNFSRFHADSVCKASNRRPSVYLPTREYPSEQIIVTEKTNILLRYLHQQWDKKNAAKKRDQEQVELE
GESSAPPRKVARTDSPDMHEDT
;
C
4 'polypeptide(L)'
;MAHHHHHHSAALEVLFQGPGSTEAQRVDDSPSTSGGSSDGDQRESVQQEPEREQVQPKKKEGKISSKTAAKLSTSAKRIQ
KELAEITLDPPPNCSAGPKGDNIYEWRSTILGPPGSVYEGGVFFLDITFSPDYPFKPPKVTFRTRIYHCNINSQGVICLD
ILKDNWSPALTISKVLLSICSLLTDCNPADPLVGSIATQYMTNRAEHDRMARQWTKRYAT
;
D
#
# COMPACT_ATOMS: atom_id res chain seq x y z
N MET A 18 -12.18 -26.20 -11.06
CA MET A 18 -13.54 -26.38 -10.54
C MET A 18 -14.52 -25.39 -11.13
N SER A 19 -14.24 -24.09 -11.01
CA SER A 19 -15.10 -23.06 -11.56
C SER A 19 -14.49 -22.49 -12.84
N TYR A 20 -15.30 -22.38 -13.89
CA TYR A 20 -14.84 -21.92 -15.19
C TYR A 20 -15.81 -20.87 -15.71
N ASN A 21 -15.41 -19.61 -15.63
CA ASN A 21 -16.27 -18.50 -16.00
C ASN A 21 -15.67 -17.74 -17.18
N TYR A 22 -16.51 -16.94 -17.83
CA TYR A 22 -16.14 -16.20 -19.03
C TYR A 22 -16.67 -14.79 -18.89
N VAL A 23 -15.79 -13.80 -18.97
CA VAL A 23 -16.13 -12.39 -18.77
C VAL A 23 -15.91 -11.65 -20.08
N VAL A 24 -16.91 -10.90 -20.51
CA VAL A 24 -16.86 -10.13 -21.73
C VAL A 24 -17.42 -8.74 -21.45
N THR A 25 -17.12 -7.80 -22.35
CA THR A 25 -17.57 -6.43 -22.25
C THR A 25 -18.64 -6.17 -23.30
N ALA A 26 -19.79 -5.64 -22.86
CA ALA A 26 -20.88 -5.31 -23.77
C ALA A 26 -20.95 -3.83 -24.09
N GLN A 27 -20.45 -2.97 -23.20
CA GLN A 27 -20.43 -1.53 -23.42
C GLN A 27 -19.15 -0.99 -22.80
N LYS A 28 -18.25 -0.49 -23.64
CA LYS A 28 -16.98 0.01 -23.15
C LYS A 28 -17.21 1.23 -22.26
N PRO A 29 -16.33 1.48 -21.29
CA PRO A 29 -16.58 2.58 -20.35
C PRO A 29 -16.68 3.91 -21.07
N THR A 30 -17.53 4.78 -20.53
CA THR A 30 -17.83 6.07 -21.15
C THR A 30 -17.38 7.27 -20.31
N ALA A 31 -17.14 7.10 -19.03
CA ALA A 31 -16.69 8.22 -18.21
C ALA A 31 -15.31 8.67 -18.66
N VAL A 32 -15.03 9.96 -18.45
CA VAL A 32 -13.77 10.57 -18.88
C VAL A 32 -12.97 10.90 -17.63
N ASN A 33 -11.76 10.33 -17.55
CA ASN A 33 -10.86 10.55 -16.41
C ASN A 33 -9.88 11.68 -16.66
N GLY A 34 -9.34 11.79 -17.85
CA GLY A 34 -8.39 12.84 -18.17
C GLY A 34 -8.41 13.16 -19.64
N CYS A 35 -8.18 14.44 -19.95
CA CYS A 35 -8.17 14.91 -21.32
C CYS A 35 -6.97 15.83 -21.52
N VAL A 36 -6.23 15.61 -22.61
CA VAL A 36 -5.07 16.40 -22.94
C VAL A 36 -5.05 16.65 -24.44
N THR A 37 -4.52 17.81 -24.83
CA THR A 37 -4.45 18.20 -26.23
C THR A 37 -3.04 18.64 -26.56
N GLY A 38 -2.64 18.37 -27.80
CA GLY A 38 -1.31 18.71 -28.26
C GLY A 38 -1.07 18.18 -29.65
N HIS A 39 0.18 18.26 -30.08
CA HIS A 39 0.59 17.81 -31.41
C HIS A 39 1.17 16.40 -31.26
N PHE A 40 0.36 15.40 -31.59
CA PHE A 40 0.73 14.00 -31.42
C PHE A 40 0.83 13.26 -32.75
N THR A 41 -0.22 13.31 -33.57
CA THR A 41 -0.16 12.63 -34.87
C THR A 41 0.90 13.26 -35.76
N SER A 42 1.02 14.58 -35.74
CA SER A 42 2.01 15.28 -36.55
C SER A 42 2.23 16.67 -35.96
N ALA A 43 3.22 17.37 -36.50
CA ALA A 43 3.54 18.70 -35.99
C ALA A 43 2.50 19.74 -36.37
N GLU A 44 1.72 19.49 -37.42
CA GLU A 44 0.71 20.45 -37.87
C GLU A 44 -0.69 20.15 -37.36
N ASP A 45 -1.00 18.88 -37.10
CA ASP A 45 -2.31 18.53 -36.59
C ASP A 45 -2.45 18.97 -35.14
N LEU A 46 -3.70 19.20 -34.73
CA LEU A 46 -4.06 19.45 -33.34
C LEU A 46 -4.89 18.25 -32.86
N ASN A 47 -4.37 17.54 -31.86
CA ASN A 47 -4.97 16.30 -31.40
C ASN A 47 -5.62 16.49 -30.04
N LEU A 48 -6.74 15.81 -29.83
CA LEU A 48 -7.40 15.72 -28.53
C LEU A 48 -7.36 14.27 -28.09
N LEU A 49 -6.78 14.03 -26.92
CA LEU A 49 -6.66 12.69 -26.35
C LEU A 49 -7.56 12.58 -25.13
N ILE A 50 -8.40 11.55 -25.13
CA ILE A 50 -9.37 11.32 -24.05
C ILE A 50 -9.07 9.97 -23.43
N ALA A 51 -8.96 9.93 -22.10
CA ALA A 51 -8.72 8.70 -21.36
C ALA A 51 -10.01 8.30 -20.67
N LYS A 52 -10.52 7.11 -21.00
CA LYS A 52 -11.70 6.55 -20.39
C LYS A 52 -11.28 5.26 -19.70
N ASN A 53 -10.79 5.41 -18.45
CA ASN A 53 -10.33 4.26 -17.68
C ASN A 53 -9.25 3.51 -18.42
N THR A 54 -9.61 2.45 -19.15
CA THR A 54 -8.64 1.60 -19.84
C THR A 54 -8.56 1.88 -21.34
N ARG A 55 -9.26 2.90 -21.84
CA ARG A 55 -9.33 3.17 -23.27
C ARG A 55 -8.76 4.55 -23.55
N LEU A 56 -7.92 4.62 -24.57
CA LEU A 56 -7.31 5.87 -25.01
C LEU A 56 -7.85 6.21 -26.39
N GLU A 57 -8.44 7.39 -26.52
CA GLU A 57 -9.04 7.84 -27.77
C GLU A 57 -8.26 9.03 -28.31
N ILE A 58 -8.02 9.03 -29.61
CA ILE A 58 -7.25 10.08 -30.28
C ILE A 58 -8.16 10.76 -31.30
N TYR A 59 -8.33 12.07 -31.15
CA TYR A 59 -9.17 12.87 -32.03
C TYR A 59 -8.35 13.99 -32.64
N VAL A 60 -8.73 14.37 -33.86
CA VAL A 60 -8.10 15.48 -34.58
C VAL A 60 -9.07 16.63 -34.61
N VAL A 61 -8.67 17.77 -34.04
CA VAL A 61 -9.50 18.96 -34.08
C VAL A 61 -9.48 19.52 -35.50
N THR A 62 -10.61 19.44 -36.19
CA THR A 62 -10.70 19.85 -37.58
C THR A 62 -12.03 20.56 -37.79
N ALA A 63 -12.23 21.08 -39.01
CA ALA A 63 -13.42 21.87 -39.29
C ALA A 63 -14.69 21.07 -39.05
N GLU A 64 -14.73 19.82 -39.53
CA GLU A 64 -15.95 19.03 -39.51
C GLU A 64 -16.34 18.58 -38.12
N GLY A 65 -15.46 18.69 -37.12
CA GLY A 65 -15.77 18.23 -35.79
C GLY A 65 -14.56 17.72 -35.04
N LEU A 66 -14.66 16.52 -34.50
CA LEU A 66 -13.54 15.82 -33.86
C LEU A 66 -13.40 14.48 -34.56
N ARG A 67 -12.60 14.45 -35.62
CA ARG A 67 -12.45 13.23 -36.40
C ARG A 67 -11.78 12.16 -35.56
N PRO A 68 -12.37 10.98 -35.38
CA PRO A 68 -11.64 9.89 -34.74
C PRO A 68 -10.49 9.41 -35.62
N VAL A 69 -9.41 9.00 -34.96
CA VAL A 69 -8.21 8.55 -35.67
C VAL A 69 -7.94 7.10 -35.29
N LYS A 70 -7.70 6.85 -34.00
CA LYS A 70 -7.46 5.50 -33.52
C LYS A 70 -7.86 5.42 -32.05
N GLU A 71 -8.57 4.36 -31.69
CA GLU A 71 -8.95 4.09 -30.31
C GLU A 71 -8.16 2.89 -29.83
N VAL A 72 -7.39 3.09 -28.76
CA VAL A 72 -6.46 2.08 -28.26
C VAL A 72 -6.81 1.77 -26.82
N GLY A 73 -6.95 0.48 -26.51
CA GLY A 73 -7.21 0.03 -25.16
C GLY A 73 -5.94 -0.53 -24.55
N MET A 74 -5.64 -0.07 -23.34
CA MET A 74 -4.43 -0.46 -22.64
C MET A 74 -4.75 -1.45 -21.52
N TYR A 75 -3.72 -2.20 -21.13
CA TYR A 75 -3.83 -3.15 -20.02
C TYR A 75 -3.55 -2.45 -18.69
N GLY A 76 -4.37 -1.45 -18.39
CA GLY A 76 -4.25 -0.74 -17.14
C GLY A 76 -5.26 0.38 -17.06
N LYS A 77 -5.38 0.92 -15.84
CA LYS A 77 -6.25 2.07 -15.58
C LYS A 77 -5.40 3.32 -15.74
N ILE A 78 -5.57 4.02 -16.86
CA ILE A 78 -4.79 5.22 -17.10
C ILE A 78 -5.00 6.19 -15.95
N ALA A 79 -3.90 6.54 -15.27
CA ALA A 79 -3.94 7.46 -14.15
C ALA A 79 -3.20 8.76 -14.40
N VAL A 80 -2.26 8.78 -15.35
CA VAL A 80 -1.54 9.98 -15.73
C VAL A 80 -1.42 9.99 -17.25
N MET A 81 -1.61 11.18 -17.84
CA MET A 81 -1.47 11.32 -19.29
C MET A 81 -0.99 12.73 -19.57
N GLU A 82 0.26 12.86 -20.01
CA GLU A 82 0.81 14.15 -20.38
C GLU A 82 1.55 14.02 -21.70
N LEU A 83 1.59 15.12 -22.45
CA LEU A 83 2.31 15.20 -23.71
C LEU A 83 3.52 16.10 -23.56
N PHE A 84 4.64 15.69 -24.15
CA PHE A 84 5.85 16.48 -24.10
C PHE A 84 6.67 16.21 -25.36
N ARG A 85 7.53 17.17 -25.70
CA ARG A 85 8.35 17.09 -26.90
C ARG A 85 9.79 17.43 -26.53
N PRO A 86 10.65 16.43 -26.31
CA PRO A 86 12.05 16.73 -26.02
C PRO A 86 12.80 17.16 -27.27
N LYS A 87 13.98 17.74 -27.07
CA LYS A 87 14.77 18.23 -28.18
C LYS A 87 15.10 17.09 -29.13
N GLY A 88 15.08 17.39 -30.43
CA GLY A 88 15.32 16.40 -31.45
C GLY A 88 14.10 15.60 -31.86
N GLU A 89 12.92 15.94 -31.34
CA GLU A 89 11.68 15.26 -31.69
C GLU A 89 10.82 16.17 -32.56
N SER A 90 10.38 15.64 -33.70
CA SER A 90 9.51 16.42 -34.57
C SER A 90 8.14 16.66 -33.94
N LYS A 91 7.57 15.62 -33.33
CA LYS A 91 6.25 15.69 -32.72
C LYS A 91 6.32 15.23 -31.27
N ASP A 92 5.27 15.51 -30.52
CA ASP A 92 5.28 15.24 -29.09
C ASP A 92 5.22 13.74 -28.80
N LEU A 93 5.57 13.39 -27.57
CA LEU A 93 5.51 12.02 -27.08
C LEU A 93 4.53 11.96 -25.91
N LEU A 94 3.91 10.79 -25.74
CA LEU A 94 2.89 10.59 -24.72
C LEU A 94 3.44 9.70 -23.61
N PHE A 95 3.25 10.14 -22.37
CA PHE A 95 3.66 9.39 -21.19
C PHE A 95 2.43 9.00 -20.40
N ILE A 96 2.26 7.69 -20.15
CA ILE A 96 1.09 7.16 -19.46
C ILE A 96 1.56 6.33 -18.28
N LEU A 97 0.91 6.54 -17.13
CA LEU A 97 1.13 5.72 -15.94
C LEU A 97 -0.21 5.13 -15.51
N THR A 98 -0.24 3.81 -15.32
CA THR A 98 -1.45 3.11 -14.94
C THR A 98 -1.53 2.98 -13.41
N ALA A 99 -2.72 2.64 -12.93
CA ALA A 99 -2.92 2.52 -11.49
C ALA A 99 -2.10 1.38 -10.89
N LYS A 100 -1.64 0.44 -11.72
CA LYS A 100 -0.71 -0.59 -11.29
C LYS A 100 0.75 -0.19 -11.52
N TYR A 101 0.99 1.08 -11.88
CA TYR A 101 2.34 1.63 -11.97
C TYR A 101 3.11 1.05 -13.16
N ASN A 102 2.44 0.91 -14.30
CA ASN A 102 3.11 0.50 -15.54
C ASN A 102 3.42 1.75 -16.36
N ALA A 103 4.49 2.43 -15.97
CA ALA A 103 4.92 3.63 -16.69
C ALA A 103 5.35 3.26 -18.10
N CYS A 104 5.11 4.19 -19.04
CA CYS A 104 5.53 3.98 -20.42
C CYS A 104 5.61 5.34 -21.11
N ILE A 105 6.30 5.34 -22.25
CA ILE A 105 6.41 6.52 -23.11
C ILE A 105 6.09 6.08 -24.53
N LEU A 106 5.07 6.69 -25.12
CA LEU A 106 4.53 6.24 -26.40
C LEU A 106 4.87 7.21 -27.51
N GLU A 107 5.00 6.68 -28.72
CA GLU A 107 5.25 7.46 -29.92
C GLU A 107 4.25 7.03 -31.00
N TYR A 108 3.76 8.00 -31.76
CA TYR A 108 2.74 7.75 -32.78
C TYR A 108 3.43 7.65 -34.13
N LYS A 109 3.25 6.51 -34.81
CA LYS A 109 3.80 6.29 -36.13
C LYS A 109 2.69 5.85 -37.07
N GLN A 110 2.65 6.45 -38.25
CA GLN A 110 1.72 6.06 -39.31
C GLN A 110 2.52 5.65 -40.53
N SER A 111 2.36 4.39 -40.95
CA SER A 111 2.99 3.86 -42.15
C SER A 111 1.90 3.55 -43.16
N GLY A 112 1.75 4.39 -44.17
CA GLY A 112 0.66 4.23 -45.10
C GLY A 112 -0.67 4.29 -44.37
N GLU A 113 -1.56 3.34 -44.68
CA GLU A 113 -2.84 3.25 -44.00
C GLU A 113 -2.73 2.61 -42.62
N SER A 114 -1.59 2.00 -42.29
CA SER A 114 -1.41 1.38 -40.99
C SER A 114 -1.00 2.42 -39.96
N ILE A 115 -1.68 2.42 -38.82
CA ILE A 115 -1.38 3.32 -37.71
C ILE A 115 -0.89 2.47 -36.55
N ASP A 116 0.27 2.84 -36.00
CA ASP A 116 0.90 2.08 -34.94
C ASP A 116 1.31 3.01 -33.81
N ILE A 117 1.33 2.46 -32.60
CA ILE A 117 1.81 3.16 -31.42
C ILE A 117 3.04 2.40 -30.92
N ILE A 118 4.16 3.10 -30.82
CA ILE A 118 5.45 2.49 -30.47
C ILE A 118 5.80 2.89 -29.05
N THR A 119 6.22 1.92 -28.25
CA THR A 119 6.62 2.15 -26.87
C THR A 119 8.11 2.45 -26.84
N ARG A 120 8.46 3.73 -26.76
CA ARG A 120 9.86 4.11 -26.69
C ARG A 120 10.50 3.60 -25.40
N ALA A 121 9.81 3.76 -24.28
CA ALA A 121 10.31 3.31 -22.99
C ALA A 121 9.17 2.63 -22.23
N HIS A 122 9.53 1.71 -21.35
CA HIS A 122 8.54 1.01 -20.55
C HIS A 122 9.22 0.41 -19.33
N GLY A 123 8.47 0.30 -18.25
CA GLY A 123 8.98 -0.27 -17.02
C GLY A 123 8.05 0.04 -15.86
N ASN A 124 8.10 -0.77 -14.81
CA ASN A 124 7.25 -0.59 -13.65
C ASN A 124 8.01 0.17 -12.59
N VAL A 125 7.30 1.03 -11.85
CA VAL A 125 7.94 1.92 -10.88
C VAL A 125 7.30 1.79 -9.51
N GLN A 126 6.75 0.62 -9.19
CA GLN A 126 6.16 0.42 -7.88
C GLN A 126 7.26 0.26 -6.83
N ASP A 127 6.99 0.77 -5.64
CA ASP A 127 7.85 0.54 -4.48
C ASP A 127 7.11 -0.42 -3.54
N ARG A 128 7.73 -1.56 -3.26
CA ARG A 128 7.07 -2.55 -2.41
C ARG A 128 6.75 -1.98 -1.03
N ILE A 129 7.46 -0.94 -0.61
CA ILE A 129 7.22 -0.26 0.67
C ILE A 129 6.86 1.18 0.37
N GLY A 130 5.73 1.64 0.91
CA GLY A 130 5.30 3.00 0.70
C GLY A 130 3.81 3.18 0.88
N ARG A 131 3.42 4.25 1.57
CA ARG A 131 2.02 4.54 1.83
C ARG A 131 1.45 5.34 0.67
N PRO A 132 0.48 4.82 -0.09
CA PRO A 132 -0.09 5.62 -1.18
C PRO A 132 -0.68 6.92 -0.66
N SER A 133 -0.47 7.99 -1.42
CA SER A 133 -0.94 9.30 -1.01
C SER A 133 -2.47 9.38 -1.10
N GLU A 134 -3.07 10.14 -0.19
CA GLU A 134 -4.52 10.25 -0.16
C GLU A 134 -5.06 10.88 -1.44
N THR A 135 -4.37 11.90 -1.95
CA THR A 135 -4.84 12.64 -3.12
C THR A 135 -4.61 11.90 -4.42
N GLY A 136 -3.93 10.75 -4.40
CA GLY A 136 -3.80 9.93 -5.57
C GLY A 136 -2.51 10.19 -6.33
N ILE A 137 -2.44 9.57 -7.51
CA ILE A 137 -1.26 9.67 -8.37
C ILE A 137 -1.22 11.05 -9.01
N ILE A 138 -0.05 11.68 -9.02
CA ILE A 138 0.17 12.97 -9.65
C ILE A 138 1.39 12.84 -10.55
N GLY A 139 1.25 13.27 -11.80
CA GLY A 139 2.34 13.24 -12.77
C GLY A 139 2.60 14.64 -13.30
N ILE A 140 3.89 14.98 -13.40
CA ILE A 140 4.31 16.30 -13.86
C ILE A 140 5.56 16.14 -14.71
N ILE A 141 5.70 17.00 -15.71
CA ILE A 141 6.83 16.98 -16.63
C ILE A 141 7.46 18.37 -16.66
N ASP A 142 8.78 18.41 -16.59
CA ASP A 142 9.50 19.67 -16.69
C ASP A 142 9.19 20.33 -18.04
N PRO A 143 8.93 21.64 -18.08
CA PRO A 143 8.69 22.28 -19.38
C PRO A 143 9.80 22.07 -20.39
N GLU A 144 11.04 21.96 -19.94
CA GLU A 144 12.15 21.69 -20.86
C GLU A 144 12.29 20.23 -21.22
N CYS A 145 11.40 19.36 -20.72
CA CYS A 145 11.44 17.94 -21.02
C CYS A 145 12.74 17.32 -20.52
N ARG A 146 13.11 17.65 -19.28
CA ARG A 146 14.34 17.14 -18.67
C ARG A 146 14.11 15.98 -17.73
N MET A 147 12.95 15.92 -17.07
CA MET A 147 12.67 14.87 -16.10
C MET A 147 11.16 14.70 -15.98
N ILE A 148 10.77 13.66 -15.26
CA ILE A 148 9.37 13.36 -14.99
C ILE A 148 9.23 13.11 -13.49
N GLY A 149 8.40 13.92 -12.84
CA GLY A 149 8.09 13.69 -11.45
C GLY A 149 6.90 12.77 -11.28
N LEU A 150 6.81 12.15 -10.11
CA LEU A 150 5.68 11.28 -9.78
C LEU A 150 5.50 11.29 -8.27
N ARG A 151 4.29 11.55 -7.82
CA ARG A 151 3.95 11.52 -6.39
C ARG A 151 3.02 10.33 -6.19
N LEU A 152 3.62 9.17 -5.94
CA LEU A 152 2.86 7.94 -5.72
C LEU A 152 2.67 7.66 -4.23
N TYR A 153 3.75 7.63 -3.48
CA TYR A 153 3.73 7.26 -2.08
C TYR A 153 4.11 8.46 -1.21
N ASP A 154 3.52 8.52 -0.03
CA ASP A 154 3.77 9.63 0.88
C ASP A 154 5.26 9.69 1.24
N GLY A 155 5.80 10.91 1.25
CA GLY A 155 7.17 11.13 1.66
C GLY A 155 8.21 10.90 0.59
N LEU A 156 7.82 10.50 -0.62
CA LEU A 156 8.76 10.23 -1.70
C LEU A 156 8.29 10.95 -2.96
N PHE A 157 9.26 11.34 -3.78
CA PHE A 157 9.01 12.03 -5.05
C PHE A 157 9.86 11.36 -6.12
N LYS A 158 9.30 10.34 -6.78
CA LYS A 158 10.06 9.62 -7.81
C LYS A 158 10.40 10.55 -8.96
N VAL A 159 11.57 10.32 -9.55
CA VAL A 159 12.05 11.11 -10.69
C VAL A 159 12.51 10.15 -11.78
N ILE A 160 12.43 10.61 -13.02
CA ILE A 160 12.85 9.80 -14.16
C ILE A 160 13.61 10.69 -15.13
N PRO A 161 14.95 10.74 -15.06
CA PRO A 161 15.70 11.52 -16.05
C PRO A 161 15.46 10.98 -17.45
N LEU A 162 15.60 11.87 -18.44
CA LEU A 162 15.24 11.59 -19.82
C LEU A 162 16.46 11.55 -20.73
N ASP A 163 17.52 10.87 -20.27
CA ASP A 163 18.73 10.72 -21.09
C ASP A 163 18.39 10.00 -22.39
N ARG A 164 18.47 10.72 -23.51
CA ARG A 164 18.14 10.11 -24.80
C ARG A 164 19.12 8.99 -25.14
N ASP A 165 20.41 9.21 -24.90
CA ASP A 165 21.42 8.25 -25.33
C ASP A 165 21.44 7.01 -24.44
N ASN A 166 21.31 7.19 -23.13
CA ASN A 166 21.38 6.06 -22.22
C ASN A 166 20.22 5.10 -22.45
N LYS A 167 20.46 3.81 -22.19
CA LYS A 167 19.48 2.77 -22.44
C LYS A 167 18.71 2.36 -21.19
N GLU A 168 19.17 2.73 -20.00
CA GLU A 168 18.52 2.38 -18.74
C GLU A 168 18.13 3.67 -18.03
N LEU A 169 16.86 4.05 -18.15
CA LEU A 169 16.36 5.24 -17.45
C LEU A 169 16.28 4.92 -15.96
N LYS A 170 17.26 5.40 -15.21
CA LYS A 170 17.40 5.05 -13.80
C LYS A 170 16.49 5.96 -12.97
N ALA A 171 15.27 5.51 -12.74
CA ALA A 171 14.37 6.23 -11.85
C ALA A 171 14.85 6.10 -10.41
N PHE A 172 14.80 7.21 -9.67
CA PHE A 172 15.25 7.23 -8.29
C PHE A 172 14.30 8.08 -7.46
N ASN A 173 14.03 7.62 -6.24
CA ASN A 173 13.17 8.36 -5.32
C ASN A 173 13.99 9.40 -4.59
N ILE A 174 13.32 10.46 -4.16
CA ILE A 174 13.94 11.55 -3.41
C ILE A 174 13.13 11.77 -2.15
N ARG A 175 13.81 11.82 -1.01
CA ARG A 175 13.14 12.09 0.26
C ARG A 175 12.45 13.44 0.20
N LEU A 176 11.22 13.50 0.70
CA LEU A 176 10.42 14.72 0.73
C LEU A 176 9.93 14.94 2.14
N GLU A 177 10.39 16.02 2.77
CA GLU A 177 10.09 16.24 4.19
C GLU A 177 8.59 16.43 4.42
N GLU A 178 7.90 17.11 3.51
CA GLU A 178 6.47 17.37 3.66
C GLU A 178 5.71 16.11 3.25
N LEU A 179 4.98 15.53 4.20
CA LEU A 179 4.36 14.23 3.97
C LEU A 179 3.02 14.36 3.27
N HIS A 180 2.18 15.30 3.69
CA HIS A 180 0.83 15.45 3.15
C HIS A 180 0.84 16.52 2.06
N VAL A 181 1.20 16.10 0.85
CA VAL A 181 1.25 16.97 -0.31
C VAL A 181 -0.05 16.81 -1.09
N ILE A 182 -0.67 17.94 -1.45
CA ILE A 182 -1.96 17.92 -2.12
C ILE A 182 -1.76 18.03 -3.62
N ASP A 183 -1.11 19.10 -4.07
CA ASP A 183 -0.84 19.31 -5.49
C ASP A 183 0.58 19.80 -5.66
N VAL A 184 1.20 19.40 -6.77
CA VAL A 184 2.57 19.77 -7.10
C VAL A 184 2.64 20.05 -8.60
N LYS A 185 3.43 21.04 -8.97
CA LYS A 185 3.56 21.45 -10.36
C LYS A 185 5.00 21.86 -10.66
N PHE A 186 5.37 21.79 -11.93
CA PHE A 186 6.67 22.26 -12.40
C PHE A 186 6.53 23.70 -12.86
N LEU A 187 7.30 24.60 -12.26
CA LEU A 187 7.21 26.01 -12.60
C LEU A 187 7.82 26.27 -13.97
N TYR A 188 7.53 27.46 -14.50
CA TYR A 188 8.01 27.89 -15.80
C TYR A 188 9.09 28.95 -15.65
N GLY A 189 9.91 29.07 -16.70
CA GLY A 189 10.91 30.12 -16.73
C GLY A 189 11.93 30.05 -15.62
N CYS A 190 12.43 28.85 -15.32
CA CYS A 190 13.44 28.64 -14.30
C CYS A 190 14.63 27.94 -14.91
N GLN A 191 15.83 28.38 -14.54
CA GLN A 191 17.05 27.81 -15.11
C GLN A 191 17.15 26.32 -14.78
N ALA A 192 16.96 25.96 -13.51
CA ALA A 192 16.97 24.58 -13.10
C ALA A 192 15.55 24.11 -12.81
N PRO A 193 15.25 22.82 -12.99
CA PRO A 193 13.89 22.34 -12.71
C PRO A 193 13.46 22.71 -11.29
N THR A 194 12.24 23.23 -11.19
CA THR A 194 11.71 23.69 -9.92
C THR A 194 10.26 23.23 -9.79
N ILE A 195 9.85 22.92 -8.56
CA ILE A 195 8.51 22.42 -8.29
C ILE A 195 7.87 23.28 -7.21
N CYS A 196 6.63 23.67 -7.44
CA CYS A 196 5.81 24.35 -6.45
C CYS A 196 4.66 23.44 -6.06
N PHE A 197 4.44 23.29 -4.76
CA PHE A 197 3.40 22.39 -4.27
C PHE A 197 2.79 22.96 -3.01
N VAL A 198 1.60 22.45 -2.67
CA VAL A 198 0.86 22.84 -1.48
C VAL A 198 0.66 21.59 -0.64
N TYR A 199 0.99 21.70 0.66
CA TYR A 199 0.94 20.57 1.56
C TYR A 199 0.23 20.97 2.84
N GLN A 200 -0.21 19.97 3.60
CA GLN A 200 -0.95 20.17 4.84
C GLN A 200 -0.11 19.70 6.03
N ASP A 201 -0.39 20.29 7.18
CA ASP A 201 0.34 19.97 8.41
C ASP A 201 -0.49 20.48 9.59
N PRO A 202 -0.05 20.23 10.82
CA PRO A 202 -0.86 20.68 11.96
C PRO A 202 -1.10 22.18 11.99
N GLN A 203 -0.22 22.97 11.39
CA GLN A 203 -0.37 24.41 11.38
C GLN A 203 -1.31 24.91 10.29
N GLY A 204 -1.75 24.03 9.38
CA GLY A 204 -2.64 24.44 8.32
C GLY A 204 -2.16 23.96 6.96
N ARG A 205 -2.28 24.82 5.95
CA ARG A 205 -1.83 24.52 4.59
C ARG A 205 -0.80 25.56 4.17
N HIS A 206 0.23 25.10 3.46
CA HIS A 206 1.34 25.95 3.08
C HIS A 206 1.75 25.64 1.65
N VAL A 207 2.40 26.62 1.02
CA VAL A 207 2.93 26.49 -0.33
C VAL A 207 4.44 26.69 -0.26
N LYS A 208 5.18 25.77 -0.88
CA LYS A 208 6.63 25.76 -0.78
C LYS A 208 7.22 25.37 -2.13
N THR A 209 8.49 25.71 -2.32
CA THR A 209 9.18 25.46 -3.58
C THR A 209 10.53 24.79 -3.31
N TYR A 210 10.90 23.86 -4.18
CA TYR A 210 12.18 23.18 -4.12
C TYR A 210 12.80 23.13 -5.51
N GLU A 211 14.13 23.20 -5.55
CA GLU A 211 14.88 23.05 -6.80
C GLU A 211 15.43 21.63 -6.88
N VAL A 212 15.26 20.99 -8.03
CA VAL A 212 15.66 19.60 -8.22
C VAL A 212 17.07 19.57 -8.80
N SER A 213 17.99 18.95 -8.07
CA SER A 213 19.37 18.75 -8.52
C SER A 213 19.53 17.27 -8.87
N LEU A 214 19.69 16.98 -10.15
CA LEU A 214 19.69 15.59 -10.62
C LEU A 214 20.90 14.83 -10.09
N ARG A 215 22.10 15.38 -10.28
CA ARG A 215 23.31 14.65 -9.92
C ARG A 215 23.38 14.37 -8.42
N GLU A 216 23.23 15.40 -7.59
CA GLU A 216 23.25 15.18 -6.15
C GLU A 216 22.03 14.41 -5.66
N LYS A 217 20.95 14.39 -6.42
CA LYS A 217 19.73 13.66 -6.07
C LYS A 217 19.15 14.10 -4.73
N GLU A 218 18.90 15.41 -4.60
CA GLU A 218 18.09 15.91 -3.48
C GLU A 218 17.37 17.17 -3.94
N PHE A 219 16.63 17.75 -3.00
CA PHE A 219 15.93 19.01 -3.22
C PHE A 219 16.77 20.15 -2.65
N ASN A 220 16.87 21.24 -3.41
CA ASN A 220 17.57 22.43 -2.97
C ASN A 220 16.57 23.56 -2.73
N LYS A 221 16.92 24.45 -1.80
CA LYS A 221 15.99 25.51 -1.40
C LYS A 221 15.55 26.30 -2.61
N GLY A 222 14.23 26.51 -2.73
CA GLY A 222 13.67 27.20 -3.86
C GLY A 222 13.76 28.70 -3.70
N PRO A 223 13.33 29.42 -4.74
CA PRO A 223 13.39 30.88 -4.72
C PRO A 223 12.25 31.55 -3.96
N TRP A 224 11.40 30.78 -3.29
CA TRP A 224 10.23 31.30 -2.61
C TRP A 224 10.41 31.16 -1.10
N LYS A 225 9.35 31.51 -0.37
CA LYS A 225 9.33 31.44 1.09
C LYS A 225 8.13 30.62 1.54
N GLN A 226 8.23 30.07 2.74
CA GLN A 226 7.09 29.41 3.35
C GLN A 226 5.95 30.40 3.54
N GLU A 227 4.73 29.92 3.34
CA GLU A 227 3.55 30.77 3.49
C GLU A 227 2.40 29.93 4.01
N ASN A 228 1.43 30.62 4.62
CA ASN A 228 0.21 29.99 5.10
C ASN A 228 -0.96 30.48 4.27
N VAL A 229 -1.72 29.55 3.70
CA VAL A 229 -2.77 29.90 2.75
C VAL A 229 -4.11 29.36 3.24
N GLU A 230 -5.16 29.58 2.44
CA GLU A 230 -6.49 29.10 2.80
C GLU A 230 -6.47 27.59 2.98
N ALA A 231 -7.15 27.12 4.02
CA ALA A 231 -7.11 25.68 4.34
C ALA A 231 -7.68 24.83 3.23
N GLU A 232 -8.47 25.41 2.32
CA GLU A 232 -9.10 24.67 1.24
C GLU A 232 -8.30 24.71 -0.06
N ALA A 233 -7.15 25.38 -0.07
CA ALA A 233 -6.32 25.42 -1.26
C ALA A 233 -6.08 24.02 -1.78
N SER A 234 -6.51 23.76 -3.02
CA SER A 234 -6.50 22.39 -3.52
C SER A 234 -6.02 22.29 -4.98
N MET A 235 -5.45 23.35 -5.54
CA MET A 235 -5.02 23.31 -6.93
C MET A 235 -4.00 24.41 -7.17
N VAL A 236 -3.02 24.11 -8.01
CA VAL A 236 -1.93 25.02 -8.32
C VAL A 236 -1.81 25.12 -9.83
N ILE A 237 -1.71 26.34 -10.34
CA ILE A 237 -1.52 26.61 -11.76
C ILE A 237 -0.20 27.36 -11.92
N ALA A 238 0.66 26.86 -12.79
CA ALA A 238 1.96 27.49 -13.06
C ALA A 238 1.77 28.40 -14.26
N VAL A 239 1.82 29.71 -14.01
CA VAL A 239 1.63 30.70 -15.07
C VAL A 239 2.87 30.72 -15.95
N PRO A 240 2.76 30.54 -17.27
CA PRO A 240 3.95 30.58 -18.12
C PRO A 240 4.59 31.96 -18.18
N GLU A 241 5.65 32.09 -18.96
CA GLU A 241 6.31 33.37 -19.11
C GLU A 241 5.36 34.39 -19.76
N PRO A 242 5.59 35.68 -19.53
CA PRO A 242 6.63 36.30 -18.71
C PRO A 242 6.24 36.44 -17.24
N PHE A 243 5.00 36.10 -16.90
CA PHE A 243 4.55 36.28 -15.52
C PHE A 243 5.32 35.39 -14.56
N GLY A 244 5.47 34.12 -14.91
CA GLY A 244 6.07 33.20 -13.96
C GLY A 244 5.13 33.03 -12.76
N GLY A 245 5.69 32.49 -11.68
CA GLY A 245 4.90 32.35 -10.48
C GLY A 245 3.87 31.25 -10.60
N ALA A 246 2.94 31.26 -9.65
CA ALA A 246 1.90 30.23 -9.58
C ALA A 246 0.60 30.83 -9.07
N ILE A 247 -0.50 30.16 -9.39
CA ILE A 247 -1.83 30.54 -8.93
C ILE A 247 -2.35 29.43 -8.02
N ILE A 248 -2.82 29.82 -6.84
CA ILE A 248 -3.36 28.88 -5.86
C ILE A 248 -4.86 29.13 -5.75
N ILE A 249 -5.65 28.09 -6.01
CA ILE A 249 -7.10 28.17 -5.98
C ILE A 249 -7.61 27.49 -4.72
N GLY A 250 -8.40 28.21 -3.93
CA GLY A 250 -9.01 27.65 -2.75
C GLY A 250 -10.52 27.60 -2.88
N GLN A 251 -11.22 27.49 -1.74
CA GLN A 251 -12.67 27.49 -1.77
C GLN A 251 -13.26 28.89 -1.83
N GLU A 252 -12.53 29.89 -1.32
CA GLU A 252 -13.05 31.25 -1.30
C GLU A 252 -12.00 32.29 -1.65
N SER A 253 -10.91 31.90 -2.31
CA SER A 253 -9.86 32.85 -2.65
C SER A 253 -9.04 32.32 -3.83
N ILE A 254 -8.41 33.25 -4.54
CA ILE A 254 -7.45 32.94 -5.59
C ILE A 254 -6.27 33.89 -5.43
N THR A 255 -5.06 33.35 -5.44
CA THR A 255 -3.86 34.12 -5.15
C THR A 255 -2.79 33.84 -6.19
N TYR A 256 -1.91 34.82 -6.37
CA TYR A 256 -0.77 34.71 -7.29
C TYR A 256 0.50 34.94 -6.50
N HIS A 257 1.49 34.07 -6.71
CA HIS A 257 2.79 34.18 -6.06
C HIS A 257 3.89 34.17 -7.11
N ASN A 258 4.80 35.13 -7.00
CA ASN A 258 6.00 35.14 -7.85
C ASN A 258 7.05 35.95 -7.10
N GLY A 259 8.05 35.27 -6.55
CA GLY A 259 8.97 35.93 -5.66
C GLY A 259 8.24 36.53 -4.48
N ASP A 260 8.22 37.86 -4.39
CA ASP A 260 7.47 38.55 -3.34
C ASP A 260 6.10 39.03 -3.81
N LYS A 261 5.85 39.06 -5.11
CA LYS A 261 4.57 39.55 -5.63
C LYS A 261 3.44 38.68 -5.09
N TYR A 262 2.42 39.32 -4.52
CA TYR A 262 1.31 38.61 -3.92
C TYR A 262 0.01 39.33 -4.25
N LEU A 263 -1.00 38.58 -4.69
CA LEU A 263 -2.32 39.10 -4.98
C LEU A 263 -3.37 38.19 -4.36
N ALA A 264 -4.53 38.76 -4.08
CA ALA A 264 -5.62 38.00 -3.47
C ALA A 264 -6.96 38.56 -3.95
N ILE A 265 -7.88 37.66 -4.26
CA ILE A 265 -9.25 38.02 -4.59
C ILE A 265 -10.17 36.99 -3.95
N ALA A 266 -11.30 37.46 -3.43
CA ALA A 266 -12.30 36.59 -2.81
C ALA A 266 -13.68 36.96 -3.36
N PRO A 267 -13.93 36.72 -4.64
CA PRO A 267 -15.24 37.02 -5.21
C PRO A 267 -16.32 36.20 -4.55
N PRO A 268 -17.49 36.78 -4.26
CA PRO A 268 -18.56 35.99 -3.65
C PRO A 268 -19.15 34.95 -4.58
N ILE A 269 -18.98 35.10 -5.89
CA ILE A 269 -19.57 34.15 -6.84
C ILE A 269 -18.93 32.77 -6.70
N ILE A 270 -17.62 32.74 -6.41
CA ILE A 270 -16.90 31.47 -6.40
C ILE A 270 -17.37 30.58 -5.26
N LYS A 271 -17.62 31.16 -4.09
CA LYS A 271 -17.86 30.36 -2.90
C LYS A 271 -19.08 29.46 -3.03
N GLN A 272 -20.00 29.77 -3.95
CA GLN A 272 -21.21 28.97 -4.08
C GLN A 272 -20.91 27.53 -4.48
N SER A 273 -19.72 27.27 -5.03
CA SER A 273 -19.34 25.92 -5.43
C SER A 273 -17.84 25.75 -5.18
N THR A 274 -17.27 24.67 -5.72
CA THR A 274 -15.86 24.36 -5.54
C THR A 274 -15.23 24.10 -6.91
N ILE A 275 -14.08 24.73 -7.14
CA ILE A 275 -13.39 24.58 -8.42
C ILE A 275 -12.61 23.27 -8.41
N VAL A 276 -12.76 22.48 -9.47
CA VAL A 276 -12.17 21.15 -9.51
C VAL A 276 -11.40 20.91 -10.81
N CYS A 277 -11.34 21.92 -11.68
CA CYS A 277 -10.62 21.76 -12.93
C CYS A 277 -10.21 23.14 -13.45
N HIS A 278 -9.24 23.14 -14.36
CA HIS A 278 -8.72 24.36 -14.95
C HIS A 278 -8.01 24.01 -16.25
N ASN A 279 -7.73 25.03 -17.03
CA ASN A 279 -7.05 24.84 -18.31
C ASN A 279 -6.56 26.18 -18.83
N ARG A 280 -5.44 26.15 -19.54
CA ARG A 280 -4.84 27.35 -20.10
C ARG A 280 -5.33 27.55 -21.53
N VAL A 281 -5.76 28.77 -21.84
CA VAL A 281 -6.25 29.11 -23.18
C VAL A 281 -5.15 29.83 -23.95
N ASP A 282 -4.70 30.95 -23.41
CA ASP A 282 -3.63 31.72 -24.05
C ASP A 282 -2.28 31.16 -23.63
N PRO A 283 -1.36 30.89 -24.58
CA PRO A 283 -0.02 30.45 -24.17
C PRO A 283 0.66 31.42 -23.22
N ASN A 284 0.40 32.72 -23.35
CA ASN A 284 0.92 33.69 -22.39
C ASN A 284 0.27 33.57 -21.02
N GLY A 285 -0.82 32.80 -20.91
CA GLY A 285 -1.46 32.60 -19.62
C GLY A 285 -2.38 33.71 -19.19
N SER A 286 -2.85 34.55 -20.11
CA SER A 286 -3.72 35.65 -19.74
C SER A 286 -5.11 35.15 -19.33
N ARG A 287 -5.63 34.14 -20.02
CA ARG A 287 -7.00 33.68 -19.85
C ARG A 287 -7.00 32.22 -19.42
N TYR A 288 -7.74 31.92 -18.36
CA TYR A 288 -7.80 30.59 -17.79
C TYR A 288 -9.25 30.17 -17.59
N LEU A 289 -9.55 28.92 -17.96
CA LEU A 289 -10.87 28.35 -17.72
C LEU A 289 -10.93 27.68 -16.35
N LEU A 290 -12.14 27.55 -15.82
CA LEU A 290 -12.36 26.90 -14.54
C LEU A 290 -13.76 26.30 -14.52
N GLY A 291 -13.88 25.13 -13.89
CA GLY A 291 -15.17 24.51 -13.69
C GLY A 291 -15.37 24.13 -12.24
N ASP A 292 -16.62 23.99 -11.81
CA ASP A 292 -16.93 23.68 -10.42
C ASP A 292 -17.91 22.53 -10.36
N MET A 293 -18.28 22.13 -9.15
CA MET A 293 -19.16 20.98 -8.95
C MET A 293 -20.55 21.24 -9.53
N GLU A 294 -21.10 22.43 -9.32
CA GLU A 294 -22.45 22.71 -9.77
C GLU A 294 -22.59 22.74 -11.28
N GLY A 295 -21.49 22.75 -12.02
CA GLY A 295 -21.51 22.81 -13.46
C GLY A 295 -21.26 24.19 -14.04
N ARG A 296 -21.13 25.22 -13.18
CA ARG A 296 -20.88 26.56 -13.66
C ARG A 296 -19.46 26.67 -14.19
N LEU A 297 -19.30 27.37 -15.31
CA LEU A 297 -18.02 27.53 -15.99
C LEU A 297 -17.55 28.98 -15.81
N PHE A 298 -16.34 29.15 -15.29
CA PHE A 298 -15.79 30.47 -15.02
C PHE A 298 -14.67 30.80 -16.00
N MET A 299 -14.22 32.05 -15.94
CA MET A 299 -13.08 32.51 -16.72
C MET A 299 -12.21 33.37 -15.83
N LEU A 300 -10.93 33.01 -15.73
CA LEU A 300 -9.97 33.75 -14.93
C LEU A 300 -9.09 34.58 -15.86
N LEU A 301 -9.02 35.87 -15.60
CA LEU A 301 -8.29 36.82 -16.45
C LEU A 301 -7.07 37.33 -15.71
N LEU A 302 -5.94 37.35 -16.41
CA LEU A 302 -4.66 37.74 -15.83
C LEU A 302 -4.25 39.04 -16.53
N GLU A 303 -4.63 40.18 -15.95
CA GLU A 303 -4.38 41.48 -16.58
C GLU A 303 -2.94 41.91 -16.31
N LYS A 304 -2.24 42.31 -17.37
CA LYS A 304 -0.82 42.64 -17.31
C LYS A 304 -0.62 44.13 -17.53
N GLU A 305 0.26 44.72 -16.72
CA GLU A 305 0.69 46.10 -16.87
C GLU A 305 2.13 46.09 -17.37
N GLU A 306 2.37 46.71 -18.51
CA GLU A 306 3.70 46.75 -19.11
C GLU A 306 4.47 47.96 -18.60
N GLN A 307 5.70 47.71 -18.14
CA GLN A 307 6.56 48.78 -17.67
C GLN A 307 7.28 49.44 -18.84
N MET A 308 7.92 50.58 -18.56
CA MET A 308 8.68 51.28 -19.59
C MET A 308 10.04 50.65 -19.82
N ASP A 309 10.48 49.76 -18.95
CA ASP A 309 11.76 49.08 -19.09
C ASP A 309 11.60 47.67 -19.68
N GLY A 310 10.42 47.31 -20.14
CA GLY A 310 10.19 46.03 -20.76
C GLY A 310 9.86 44.89 -19.82
N THR A 311 9.69 45.17 -18.53
CA THR A 311 9.35 44.14 -17.56
C THR A 311 7.84 44.02 -17.44
N VAL A 312 7.33 42.80 -17.63
CA VAL A 312 5.90 42.54 -17.52
C VAL A 312 5.55 42.23 -16.07
N THR A 313 4.66 43.04 -15.49
CA THR A 313 4.22 42.86 -14.12
C THR A 313 2.72 42.57 -14.12
N LEU A 314 2.30 41.63 -13.29
CA LEU A 314 0.89 41.28 -13.21
C LEU A 314 0.11 42.37 -12.47
N LYS A 315 -1.03 42.74 -13.03
CA LYS A 315 -1.82 43.85 -12.50
C LYS A 315 -2.88 43.37 -11.50
N ASP A 316 -3.79 42.50 -11.94
CA ASP A 316 -4.85 42.01 -11.07
C ASP A 316 -5.53 40.83 -11.73
N LEU A 317 -6.34 40.13 -10.94
CA LEU A 317 -7.13 38.99 -11.39
C LEU A 317 -8.59 39.41 -11.57
N ARG A 318 -9.30 38.67 -12.40
CA ARG A 318 -10.72 38.88 -12.61
C ARG A 318 -11.38 37.56 -12.95
N VAL A 319 -12.48 37.26 -12.25
CA VAL A 319 -13.25 36.03 -12.45
C VAL A 319 -14.62 36.42 -12.95
N GLU A 320 -15.02 35.84 -14.09
CA GLU A 320 -16.27 36.18 -14.75
C GLU A 320 -17.00 34.90 -15.15
N LEU A 321 -18.23 34.75 -14.67
CA LEU A 321 -19.02 33.57 -15.01
C LEU A 321 -19.33 33.55 -16.50
N LEU A 322 -19.27 32.36 -17.09
CA LEU A 322 -19.59 32.17 -18.50
C LEU A 322 -20.91 31.47 -18.75
N GLY A 323 -21.28 30.52 -17.92
CA GLY A 323 -22.52 29.78 -18.14
C GLY A 323 -22.52 28.50 -17.33
N GLU A 324 -23.25 27.51 -17.85
CA GLU A 324 -23.41 26.22 -17.21
C GLU A 324 -23.10 25.11 -18.20
N THR A 325 -22.58 24.01 -17.68
CA THR A 325 -22.19 22.86 -18.49
C THR A 325 -22.34 21.61 -17.65
N SER A 326 -22.26 20.46 -18.32
CA SER A 326 -22.23 19.19 -17.60
C SER A 326 -21.14 19.24 -16.54
N ILE A 327 -21.44 18.68 -15.36
CA ILE A 327 -20.51 18.72 -14.25
C ILE A 327 -19.17 18.22 -14.76
N ALA A 328 -18.15 19.07 -14.72
CA ALA A 328 -16.92 18.83 -15.46
C ALA A 328 -15.87 18.17 -14.59
N GLU A 329 -15.18 17.20 -15.17
CA GLU A 329 -14.00 16.58 -14.57
C GLU A 329 -12.70 17.13 -15.15
N CYS A 330 -12.70 17.47 -16.43
CA CYS A 330 -11.54 18.06 -17.07
C CYS A 330 -12.00 18.94 -18.23
N LEU A 331 -11.36 20.08 -18.39
CA LEU A 331 -11.63 21.00 -19.50
C LEU A 331 -10.39 21.10 -20.39
N THR A 332 -10.62 21.36 -21.66
CA THR A 332 -9.52 21.47 -22.61
C THR A 332 -9.95 22.40 -23.75
N TYR A 333 -9.47 23.63 -23.72
CA TYR A 333 -9.72 24.56 -24.82
C TYR A 333 -9.04 24.05 -26.07
N LEU A 334 -9.81 23.91 -27.16
CA LEU A 334 -9.25 23.35 -28.39
C LEU A 334 -8.78 24.46 -29.34
N ASP A 335 -9.72 25.27 -29.83
CA ASP A 335 -9.38 26.35 -30.76
C ASP A 335 -10.63 27.10 -31.16
N ASN A 336 -10.47 28.36 -31.59
CA ASN A 336 -11.58 29.15 -32.10
C ASN A 336 -12.74 29.21 -31.11
N GLY A 337 -12.42 29.28 -29.83
CA GLY A 337 -13.44 29.46 -28.81
C GLY A 337 -14.22 28.22 -28.46
N VAL A 338 -13.78 27.05 -28.90
CA VAL A 338 -14.48 25.79 -28.61
C VAL A 338 -13.78 25.11 -27.44
N VAL A 339 -14.57 24.65 -26.47
CA VAL A 339 -14.06 24.01 -25.27
C VAL A 339 -14.69 22.63 -25.17
N PHE A 340 -13.90 21.65 -24.76
CA PHE A 340 -14.37 20.29 -24.54
C PHE A 340 -14.49 20.05 -23.04
N VAL A 341 -15.68 19.65 -22.60
CA VAL A 341 -15.96 19.42 -21.18
C VAL A 341 -16.11 17.92 -20.97
N GLY A 342 -15.18 17.34 -20.22
CA GLY A 342 -15.24 15.92 -19.89
C GLY A 342 -15.85 15.72 -18.52
N SER A 343 -16.86 14.87 -18.46
CA SER A 343 -17.63 14.65 -17.24
C SER A 343 -17.74 13.16 -16.94
N ARG A 344 -17.67 12.81 -15.66
CA ARG A 344 -17.97 11.46 -15.22
C ARG A 344 -19.44 11.28 -14.91
N LEU A 345 -20.01 12.22 -14.14
CA LEU A 345 -21.39 12.10 -13.70
C LEU A 345 -22.40 12.40 -14.80
N GLY A 346 -21.98 13.10 -15.86
CA GLY A 346 -22.90 13.52 -16.90
C GLY A 346 -22.25 13.42 -18.27
N ASP A 347 -23.07 13.68 -19.29
CA ASP A 347 -22.60 13.60 -20.66
C ASP A 347 -21.49 14.63 -20.90
N SER A 348 -20.52 14.26 -21.72
CA SER A 348 -19.43 15.17 -22.08
C SER A 348 -19.89 16.05 -23.23
N GLN A 349 -19.67 17.35 -23.08
CA GLN A 349 -20.16 18.35 -24.02
C GLN A 349 -19.03 18.93 -24.86
N LEU A 350 -19.42 19.65 -25.90
CA LEU A 350 -18.51 20.39 -26.78
C LEU A 350 -19.12 21.77 -26.96
N VAL A 351 -18.76 22.70 -26.08
CA VAL A 351 -19.43 23.99 -25.99
C VAL A 351 -18.71 25.01 -26.86
N LYS A 352 -19.42 26.07 -27.21
CA LYS A 352 -18.88 27.20 -27.95
C LYS A 352 -18.96 28.45 -27.08
N LEU A 353 -17.83 29.15 -26.97
CA LEU A 353 -17.79 30.45 -26.30
C LEU A 353 -18.08 31.53 -27.34
N ASN A 354 -19.02 32.42 -27.02
CA ASN A 354 -19.51 33.41 -27.97
C ASN A 354 -19.15 34.81 -27.52
N VAL A 355 -18.96 35.69 -28.51
CA VAL A 355 -18.58 37.07 -28.22
C VAL A 355 -19.70 37.76 -27.44
N ASP A 356 -20.95 37.55 -27.84
CA ASP A 356 -22.09 38.22 -27.24
C ASP A 356 -22.96 37.20 -26.51
N SER A 357 -23.36 37.52 -25.29
CA SER A 357 -24.19 36.62 -24.51
C SER A 357 -25.60 36.56 -25.08
N ASN A 358 -26.31 35.48 -24.73
CA ASN A 358 -27.70 35.32 -25.11
C ASN A 358 -28.57 36.18 -24.20
N GLU A 359 -29.89 36.01 -24.29
CA GLU A 359 -30.80 36.80 -23.47
C GLU A 359 -30.57 36.54 -21.99
N GLN A 360 -30.02 35.38 -21.63
CA GLN A 360 -29.84 34.99 -20.24
C GLN A 360 -28.48 35.40 -19.68
N GLY A 361 -27.64 36.08 -20.47
CA GLY A 361 -26.33 36.47 -20.00
C GLY A 361 -25.32 35.34 -19.96
N SER A 362 -25.52 34.30 -20.76
CA SER A 362 -24.61 33.16 -20.82
C SER A 362 -23.92 33.14 -22.17
N TYR A 363 -22.60 33.15 -22.16
CA TYR A 363 -21.80 33.10 -23.39
C TYR A 363 -21.57 31.70 -23.89
N VAL A 364 -22.07 30.68 -23.18
CA VAL A 364 -21.80 29.28 -23.50
C VAL A 364 -22.93 28.75 -24.36
N VAL A 365 -22.57 28.11 -25.47
CA VAL A 365 -23.54 27.46 -26.36
C VAL A 365 -23.05 26.04 -26.62
N ALA A 366 -23.91 25.07 -26.34
CA ALA A 366 -23.55 23.68 -26.56
C ALA A 366 -23.64 23.33 -28.04
N MET A 367 -22.60 22.68 -28.55
CA MET A 367 -22.56 22.23 -29.94
C MET A 367 -22.86 20.75 -30.08
N GLU A 368 -22.27 19.92 -29.22
CA GLU A 368 -22.46 18.49 -29.29
C GLU A 368 -22.43 17.91 -27.88
N THR A 369 -23.02 16.72 -27.74
CA THR A 369 -23.06 16.01 -26.47
C THR A 369 -22.65 14.56 -26.71
N PHE A 370 -21.95 13.99 -25.74
CA PHE A 370 -21.41 12.64 -25.85
C PHE A 370 -22.02 11.76 -24.76
N THR A 371 -22.50 10.59 -25.16
CA THR A 371 -23.21 9.73 -24.23
C THR A 371 -22.29 9.25 -23.11
N ASN A 372 -22.84 9.17 -21.90
CA ASN A 372 -22.09 8.69 -20.74
C ASN A 372 -23.07 7.99 -19.82
N LEU A 373 -23.14 6.66 -19.93
CA LEU A 373 -24.06 5.89 -19.10
C LEU A 373 -23.71 5.97 -17.63
N GLY A 374 -22.43 5.85 -17.30
CA GLY A 374 -22.01 5.77 -15.92
C GLY A 374 -22.24 7.06 -15.18
N PRO A 375 -22.25 7.01 -13.84
CA PRO A 375 -22.10 5.83 -12.98
C PRO A 375 -23.39 5.04 -12.83
N ILE A 376 -23.45 3.81 -13.35
CA ILE A 376 -24.64 2.99 -13.16
C ILE A 376 -24.77 2.67 -11.68
N VAL A 377 -25.91 3.03 -11.09
CA VAL A 377 -26.13 2.86 -9.65
C VAL A 377 -27.09 1.70 -9.36
N ASP A 378 -27.94 1.33 -10.31
CA ASP A 378 -28.84 0.19 -10.19
C ASP A 378 -29.51 0.02 -11.54
N MET A 379 -30.06 -1.17 -11.77
CA MET A 379 -30.69 -1.43 -13.06
C MET A 379 -31.53 -2.69 -12.96
N CYS A 380 -32.47 -2.82 -13.89
CA CYS A 380 -33.37 -3.95 -13.97
C CYS A 380 -33.58 -4.32 -15.43
N VAL A 381 -33.59 -5.62 -15.70
CA VAL A 381 -33.82 -6.14 -17.04
C VAL A 381 -35.29 -6.51 -17.15
N VAL A 382 -35.99 -5.88 -18.09
CA VAL A 382 -37.42 -6.07 -18.28
C VAL A 382 -37.71 -6.21 -19.76
N ASP A 383 -38.83 -6.86 -20.07
CA ASP A 383 -39.23 -7.17 -21.45
C ASP A 383 -40.49 -6.37 -21.75
N LEU A 384 -40.32 -5.15 -22.26
CA LEU A 384 -41.46 -4.30 -22.57
C LEU A 384 -42.32 -4.90 -23.67
N GLU A 385 -41.70 -5.40 -24.73
CA GLU A 385 -42.43 -5.83 -25.91
C GLU A 385 -42.88 -7.29 -25.85
N ARG A 386 -42.55 -8.01 -24.79
CA ARG A 386 -42.91 -9.43 -24.65
C ARG A 386 -42.34 -10.28 -25.78
N GLN A 387 -41.35 -9.74 -26.50
CA GLN A 387 -40.74 -10.43 -27.64
C GLN A 387 -39.50 -11.22 -27.24
N GLY A 388 -39.16 -11.27 -25.95
CA GLY A 388 -37.96 -11.91 -25.49
C GLY A 388 -36.74 -11.02 -25.45
N GLN A 389 -36.86 -9.78 -25.92
CA GLN A 389 -35.75 -8.83 -25.90
C GLN A 389 -35.86 -7.97 -24.65
N GLY A 390 -34.91 -8.15 -23.73
CA GLY A 390 -34.87 -7.31 -22.56
C GLY A 390 -34.35 -5.92 -22.87
N GLN A 391 -34.93 -4.94 -22.18
CA GLN A 391 -34.52 -3.54 -22.31
C GLN A 391 -33.94 -3.09 -20.99
N LEU A 392 -32.62 -3.12 -20.88
CA LEU A 392 -31.96 -2.73 -19.64
C LEU A 392 -32.32 -1.29 -19.30
N VAL A 393 -32.72 -1.07 -18.05
CA VAL A 393 -33.06 0.26 -17.54
C VAL A 393 -32.13 0.56 -16.39
N THR A 394 -31.38 1.66 -16.48
CA THR A 394 -30.34 1.99 -15.52
C THR A 394 -30.71 3.25 -14.75
N CYS A 395 -30.14 3.36 -13.55
CA CYS A 395 -30.21 4.57 -12.74
C CYS A 395 -28.85 5.25 -12.88
N SER A 396 -28.71 6.04 -13.93
CA SER A 396 -27.43 6.62 -14.31
C SER A 396 -27.27 8.02 -13.74
N GLY A 397 -26.06 8.55 -13.87
CA GLY A 397 -25.79 9.93 -13.54
C GLY A 397 -25.89 10.23 -12.05
N ALA A 398 -25.76 11.51 -11.74
CA ALA A 398 -25.88 12.00 -10.38
C ALA A 398 -26.21 13.48 -10.42
N PHE A 399 -26.74 13.98 -9.31
CA PHE A 399 -27.07 15.40 -9.14
C PHE A 399 -27.90 15.83 -10.35
N LYS A 400 -27.63 17.00 -10.94
CA LYS A 400 -28.46 17.49 -12.04
C LYS A 400 -28.34 16.64 -13.30
N GLU A 401 -27.40 15.70 -13.34
CA GLU A 401 -27.21 14.84 -14.50
C GLU A 401 -27.94 13.50 -14.39
N GLY A 402 -28.62 13.26 -13.28
CA GLY A 402 -29.31 11.98 -13.11
C GLY A 402 -30.34 11.76 -14.20
N SER A 403 -30.48 10.50 -14.61
CA SER A 403 -31.39 10.15 -15.69
C SER A 403 -31.59 8.64 -15.69
N LEU A 404 -32.51 8.19 -16.53
CA LEU A 404 -32.74 6.79 -16.80
C LEU A 404 -32.39 6.49 -18.25
N ARG A 405 -31.48 5.54 -18.45
CA ARG A 405 -31.09 5.12 -19.80
C ARG A 405 -31.76 3.80 -20.12
N ILE A 406 -32.53 3.77 -21.20
CA ILE A 406 -33.19 2.54 -21.66
C ILE A 406 -32.28 1.96 -22.73
N ILE A 407 -31.35 1.12 -22.30
CA ILE A 407 -30.37 0.54 -23.21
C ILE A 407 -31.00 -0.66 -23.91
N ARG A 408 -31.18 -0.54 -25.23
CA ARG A 408 -31.80 -1.57 -26.04
C ARG A 408 -30.79 -2.05 -27.08
N ASN A 409 -30.55 -3.35 -27.11
CA ASN A 409 -29.65 -3.93 -28.09
C ASN A 409 -30.29 -3.96 -29.46
N GLY A 410 -29.45 -4.00 -30.49
CA GLY A 410 -29.91 -4.10 -31.86
C GLY A 410 -30.29 -2.75 -32.46
N ILE A 411 -30.70 -2.82 -33.72
CA ILE A 411 -31.10 -1.64 -34.49
C ILE A 411 -32.59 -1.79 -34.82
N GLY A 412 -33.37 -0.79 -34.42
CA GLY A 412 -34.80 -0.81 -34.67
C GLY A 412 -35.58 0.13 -33.77
N GLN A 421 -23.42 1.50 -32.29
CA GLN A 421 -24.26 0.97 -33.37
C GLN A 421 -25.30 0.01 -32.82
N LYS A 422 -24.84 -1.11 -32.26
CA LYS A 422 -25.77 -2.12 -31.76
C LYS A 422 -26.60 -1.57 -30.60
N LEU A 423 -25.98 -0.83 -29.69
CA LEU A 423 -26.66 -0.33 -28.51
C LEU A 423 -27.40 0.96 -28.83
N HIS A 424 -28.70 0.97 -28.62
CA HIS A 424 -29.53 2.16 -28.78
C HIS A 424 -29.93 2.61 -27.39
N ILE A 425 -29.61 3.86 -27.05
CA ILE A 425 -29.81 4.41 -25.72
C ILE A 425 -30.82 5.54 -25.81
N ARG A 426 -31.80 5.53 -24.93
CA ARG A 426 -32.79 6.60 -24.79
C ARG A 426 -32.68 7.19 -23.41
N THR A 427 -32.50 8.50 -23.33
CA THR A 427 -32.26 9.20 -22.07
C THR A 427 -33.55 9.83 -21.56
N VAL A 428 -33.75 9.75 -20.25
CA VAL A 428 -34.91 10.35 -19.60
C VAL A 428 -34.41 11.21 -18.44
N PRO A 429 -34.03 12.47 -18.68
CA PRO A 429 -33.42 13.27 -17.61
C PRO A 429 -34.34 13.40 -16.41
N LEU A 430 -33.74 13.38 -15.22
CA LEU A 430 -34.46 13.55 -13.97
C LEU A 430 -34.01 14.76 -13.17
N TYR A 431 -32.83 15.31 -13.45
CA TYR A 431 -32.31 16.47 -12.73
C TYR A 431 -32.16 16.19 -11.23
N GLU A 432 -32.11 14.91 -10.86
CA GLU A 432 -31.84 14.51 -9.49
C GLU A 432 -31.26 13.11 -9.52
N SER A 433 -30.56 12.76 -8.45
CA SER A 433 -29.82 11.50 -8.42
C SER A 433 -30.77 10.33 -8.19
N PRO A 434 -30.85 9.36 -9.11
CA PRO A 434 -31.60 8.14 -8.82
C PRO A 434 -30.76 7.14 -8.04
N ARG A 435 -31.46 6.27 -7.31
CA ARG A 435 -30.78 5.32 -6.44
C ARG A 435 -31.21 3.88 -6.66
N LYS A 436 -32.49 3.67 -6.96
CA LYS A 436 -33.01 2.31 -7.11
C LYS A 436 -34.12 2.30 -8.14
N ILE A 437 -34.42 1.11 -8.66
CA ILE A 437 -35.46 0.94 -9.67
C ILE A 437 -35.98 -0.48 -9.62
N CYS A 438 -37.27 -0.61 -9.89
CA CYS A 438 -37.89 -1.93 -10.08
C CYS A 438 -39.11 -1.75 -10.96
N TYR A 439 -39.58 -2.85 -11.53
CA TYR A 439 -40.67 -2.85 -12.50
C TYR A 439 -41.85 -3.61 -11.93
N GLN A 440 -43.04 -2.99 -11.98
CA GLN A 440 -44.29 -3.59 -11.53
C GLN A 440 -45.16 -3.80 -12.76
N GLU A 441 -45.18 -5.04 -13.27
CA GLU A 441 -45.84 -5.30 -14.55
C GLU A 441 -47.33 -5.02 -14.48
N VAL A 442 -47.98 -5.39 -13.38
CA VAL A 442 -49.42 -5.23 -13.28
C VAL A 442 -49.81 -3.76 -13.38
N SER A 443 -49.06 -2.88 -12.72
CA SER A 443 -49.34 -1.45 -12.77
C SER A 443 -48.77 -0.77 -14.00
N GLN A 444 -47.94 -1.46 -14.78
CA GLN A 444 -47.30 -0.88 -15.96
C GLN A 444 -46.61 0.43 -15.59
N CYS A 445 -45.69 0.34 -14.63
CA CYS A 445 -44.99 1.53 -14.16
C CYS A 445 -43.66 1.09 -13.54
N PHE A 446 -42.74 2.05 -13.45
CA PHE A 446 -41.46 1.85 -12.80
C PHE A 446 -41.46 2.57 -11.46
N GLY A 447 -41.05 1.88 -10.41
CA GLY A 447 -40.83 2.49 -9.12
C GLY A 447 -39.36 2.83 -8.98
N VAL A 448 -39.09 4.11 -8.73
CA VAL A 448 -37.73 4.63 -8.70
C VAL A 448 -37.54 5.47 -7.45
N LEU A 449 -36.43 5.25 -6.75
CA LEU A 449 -36.01 6.14 -5.69
C LEU A 449 -35.18 7.27 -6.27
N SER A 450 -35.06 8.35 -5.52
CA SER A 450 -34.28 9.50 -5.96
C SER A 450 -34.05 10.41 -4.76
N SER A 451 -33.15 11.37 -4.94
CA SER A 451 -32.82 12.31 -3.87
C SER A 451 -32.31 13.60 -4.51
N ARG A 452 -33.13 14.64 -4.52
CA ARG A 452 -32.68 15.96 -4.88
C ARG A 452 -32.02 16.61 -3.67
N ILE A 453 -31.46 17.82 -3.87
CA ILE A 453 -30.78 18.54 -2.82
C ILE A 453 -31.49 19.89 -2.62
N GLU A 454 -31.83 20.18 -1.37
CA GLU A 454 -32.45 21.44 -1.01
C GLU A 454 -31.64 22.10 0.09
N VAL A 455 -31.51 23.42 0.01
CA VAL A 455 -30.75 24.19 0.98
C VAL A 455 -31.71 24.75 2.02
N GLN A 456 -31.27 24.77 3.27
CA GLN A 456 -32.09 25.28 4.37
C GLN A 456 -32.20 26.78 4.25
N ASP A 457 -33.34 27.25 3.76
CA ASP A 457 -33.55 28.68 3.60
C ASP A 457 -33.67 29.36 4.97
N THR A 458 -33.44 30.68 4.98
CA THR A 458 -33.55 31.44 6.21
C THR A 458 -34.97 31.41 6.78
N SER A 459 -35.96 31.07 5.96
CA SER A 459 -37.34 31.01 6.42
C SER A 459 -37.60 29.86 7.37
N GLY A 460 -36.65 28.94 7.53
CA GLY A 460 -36.80 27.79 8.39
C GLY A 460 -37.07 26.48 7.64
N GLY A 461 -37.50 26.57 6.39
CA GLY A 461 -37.70 25.41 5.55
C GLY A 461 -36.53 25.15 4.63
N THR A 462 -36.80 24.45 3.54
CA THR A 462 -35.81 24.14 2.52
C THR A 462 -36.37 24.48 1.15
N THR A 463 -35.49 24.97 0.27
CA THR A 463 -35.87 25.36 -1.08
C THR A 463 -35.05 24.58 -2.08
N ALA A 464 -35.74 23.92 -3.01
CA ALA A 464 -35.05 23.18 -4.06
C ALA A 464 -34.26 24.14 -4.94
N LEU A 465 -33.03 23.74 -5.28
CA LEU A 465 -32.17 24.60 -6.06
C LEU A 465 -32.67 24.76 -7.49
N ARG A 466 -33.31 23.74 -8.03
CA ARG A 466 -33.79 23.78 -9.41
C ARG A 466 -35.05 22.91 -9.50
N PRO A 467 -35.89 23.14 -10.51
CA PRO A 467 -37.01 22.22 -10.73
C PRO A 467 -36.51 20.86 -11.20
N SER A 468 -37.10 19.81 -10.64
CA SER A 468 -36.71 18.44 -10.94
C SER A 468 -37.96 17.60 -11.16
N ALA A 469 -37.76 16.30 -11.34
CA ALA A 469 -38.89 15.41 -11.58
C ALA A 469 -39.85 15.40 -10.39
N SER A 470 -39.31 15.38 -9.17
CA SER A 470 -40.17 15.33 -7.99
C SER A 470 -41.05 16.56 -7.90
N THR A 471 -40.49 17.75 -8.13
CA THR A 471 -41.25 18.97 -8.03
C THR A 471 -42.21 19.18 -9.21
N GLN A 472 -42.04 18.43 -10.29
CA GLN A 472 -42.90 18.53 -11.46
C GLN A 472 -43.71 17.25 -11.64
N ALA A 473 -44.18 16.69 -10.53
CA ALA A 473 -44.96 15.47 -10.56
C ALA A 473 -46.42 15.77 -10.86
N LEU A 474 -47.05 14.89 -11.62
CA LEU A 474 -48.47 15.06 -11.93
C LEU A 474 -49.29 15.07 -10.65
N SER A 475 -49.02 14.15 -9.73
CA SER A 475 -49.62 14.14 -8.41
C SER A 475 -48.53 13.94 -7.38
N SER A 476 -48.71 14.56 -6.21
CA SER A 476 -47.70 14.55 -5.17
C SER A 476 -48.31 14.10 -3.84
N SER A 477 -47.47 13.49 -3.02
CA SER A 477 -47.86 13.08 -1.68
C SER A 477 -46.64 13.15 -0.77
N VAL A 478 -46.91 13.28 0.53
CA VAL A 478 -45.86 13.37 1.54
C VAL A 478 -46.20 12.40 2.66
N SER A 479 -45.19 11.66 3.12
CA SER A 479 -45.40 10.75 4.23
C SER A 479 -45.87 11.52 5.46
N SER A 480 -46.93 11.02 6.08
CA SER A 480 -47.52 11.62 7.29
C SER A 480 -47.53 10.56 8.37
N SER A 481 -46.46 10.50 9.14
CA SER A 481 -46.32 9.52 10.22
C SER A 481 -45.54 10.13 11.36
N LYS A 482 -45.90 9.76 12.58
CA LYS A 482 -45.22 10.24 13.78
C LYS A 482 -44.54 9.09 14.54
N LEU A 483 -44.02 8.10 13.82
CA LEU A 483 -43.29 7.02 14.48
C LEU A 483 -42.09 7.55 15.25
N PHE A 484 -41.52 8.65 14.77
CA PHE A 484 -40.31 9.23 15.35
C PHE A 484 -40.71 10.53 16.04
N SER A 485 -40.82 10.47 17.37
CA SER A 485 -41.24 11.62 18.15
C SER A 485 -40.14 12.67 18.19
N SER A 486 -40.41 13.75 18.94
CA SER A 486 -39.44 14.83 19.11
C SER A 486 -38.35 14.50 20.12
N SER A 487 -38.19 13.22 20.48
CA SER A 487 -37.14 12.84 21.42
C SER A 487 -35.78 13.33 20.92
N THR A 488 -35.49 13.09 19.64
CA THR A 488 -34.29 13.65 19.05
C THR A 488 -34.46 15.16 18.90
N ALA A 489 -33.52 15.91 19.47
CA ALA A 489 -33.61 17.36 19.42
C ALA A 489 -33.35 17.84 17.99
N PRO A 490 -34.08 18.85 17.51
CA PRO A 490 -33.76 19.40 16.19
C PRO A 490 -32.43 20.14 16.21
N HIS A 491 -31.42 19.57 15.57
CA HIS A 491 -30.08 20.10 15.65
C HIS A 491 -29.99 21.44 14.93
N GLU A 492 -28.80 22.02 14.92
CA GLU A 492 -28.59 23.36 14.37
C GLU A 492 -28.80 23.30 12.86
N THR A 493 -29.99 23.73 12.41
CA THR A 493 -30.31 23.81 10.98
C THR A 493 -29.67 25.07 10.42
N SER A 494 -28.34 25.06 10.36
CA SER A 494 -27.61 26.21 9.88
C SER A 494 -28.02 26.57 8.46
N PHE A 495 -28.25 27.86 8.23
CA PHE A 495 -28.64 28.32 6.91
C PHE A 495 -27.56 28.00 5.89
N GLY A 496 -27.99 27.55 4.70
CA GLY A 496 -27.09 27.31 3.61
C GLY A 496 -26.53 25.90 3.52
N GLU A 497 -26.83 25.04 4.49
CA GLU A 497 -26.31 23.68 4.47
C GLU A 497 -27.18 22.79 3.60
N GLU A 498 -26.55 22.14 2.63
CA GLU A 498 -27.25 21.22 1.75
C GLU A 498 -27.94 20.13 2.54
N VAL A 499 -29.14 19.76 2.10
CA VAL A 499 -29.91 18.67 2.68
C VAL A 499 -30.49 17.84 1.55
N GLU A 500 -30.50 16.52 1.74
CA GLU A 500 -31.05 15.61 0.75
C GLU A 500 -32.48 15.25 1.10
N VAL A 501 -33.36 15.32 0.09
CA VAL A 501 -34.78 15.00 0.26
C VAL A 501 -35.08 13.88 -0.72
N HIS A 502 -35.52 12.73 -0.20
CA HIS A 502 -35.75 11.54 -0.99
C HIS A 502 -37.22 11.38 -1.33
N ASN A 503 -37.49 10.86 -2.52
CA ASN A 503 -38.84 10.64 -2.98
C ASN A 503 -38.92 9.32 -3.74
N LEU A 504 -40.11 8.74 -3.75
CA LEU A 504 -40.40 7.54 -4.54
C LEU A 504 -41.25 7.97 -5.72
N LEU A 505 -40.69 7.83 -6.92
CA LEU A 505 -41.37 8.26 -8.14
C LEU A 505 -41.96 7.06 -8.86
N ILE A 506 -43.22 7.19 -9.26
CA ILE A 506 -43.88 6.21 -10.11
C ILE A 506 -43.81 6.72 -11.53
N ILE A 507 -43.24 5.93 -12.43
CA ILE A 507 -42.93 6.36 -13.79
C ILE A 507 -43.60 5.41 -14.76
N ASP A 508 -44.37 5.97 -15.69
CA ASP A 508 -45.04 5.15 -16.69
C ASP A 508 -44.02 4.47 -17.59
N GLN A 509 -44.40 3.31 -18.12
CA GLN A 509 -43.49 2.51 -18.94
C GLN A 509 -43.52 2.89 -20.41
N HIS A 510 -44.41 3.79 -20.82
CA HIS A 510 -44.49 4.22 -22.22
C HIS A 510 -43.96 5.64 -22.40
N THR A 511 -44.51 6.61 -21.68
CA THR A 511 -44.10 7.99 -21.82
C THR A 511 -43.10 8.42 -20.75
N PHE A 512 -42.85 7.59 -19.75
CA PHE A 512 -41.85 7.88 -18.72
C PHE A 512 -42.15 9.21 -18.02
N GLU A 513 -43.43 9.50 -17.81
CA GLU A 513 -43.80 10.64 -17.00
C GLU A 513 -43.81 10.26 -15.53
N VAL A 514 -43.65 11.27 -14.68
CA VAL A 514 -43.66 11.07 -13.22
C VAL A 514 -45.13 11.12 -12.80
N LEU A 515 -45.78 9.96 -12.83
CA LEU A 515 -47.20 9.91 -12.48
C LEU A 515 -47.43 10.35 -11.04
N HIS A 516 -46.60 9.89 -10.12
CA HIS A 516 -46.71 10.24 -8.71
C HIS A 516 -45.32 10.40 -8.13
N ALA A 517 -45.23 11.17 -7.05
CA ALA A 517 -43.95 11.41 -6.39
C ALA A 517 -44.21 11.53 -4.89
N HIS A 518 -44.07 10.41 -4.19
CA HIS A 518 -44.20 10.41 -2.74
C HIS A 518 -42.90 10.87 -2.09
N GLN A 519 -43.00 11.77 -1.13
CA GLN A 519 -41.86 12.28 -0.40
C GLN A 519 -41.78 11.63 0.97
N PHE A 520 -40.56 11.45 1.45
CA PHE A 520 -40.30 10.80 2.73
C PHE A 520 -40.00 11.84 3.80
N LEU A 521 -39.96 11.38 5.04
CA LEU A 521 -39.81 12.27 6.18
C LEU A 521 -38.48 13.02 6.10
N GLN A 522 -38.35 14.02 6.97
CA GLN A 522 -37.12 14.79 7.04
C GLN A 522 -35.97 13.90 7.51
N ASN A 523 -34.83 14.00 6.82
CA ASN A 523 -33.63 13.26 7.16
C ASN A 523 -33.81 11.76 7.03
N GLU A 524 -34.79 11.31 6.24
CA GLU A 524 -35.01 9.90 5.98
C GLU A 524 -34.53 9.57 4.58
N TYR A 525 -33.68 8.55 4.48
CA TYR A 525 -33.07 8.13 3.23
C TYR A 525 -33.65 6.78 2.82
N ALA A 526 -34.11 6.69 1.58
CA ALA A 526 -34.63 5.44 1.04
C ALA A 526 -33.48 4.66 0.41
N LEU A 527 -33.23 3.44 0.91
CA LEU A 527 -32.08 2.67 0.50
C LEU A 527 -32.42 1.43 -0.33
N SER A 528 -33.58 0.81 -0.11
CA SER A 528 -33.94 -0.41 -0.79
C SER A 528 -35.37 -0.31 -1.30
N LEU A 529 -35.67 -1.07 -2.34
CA LEU A 529 -36.97 -1.01 -2.99
C LEU A 529 -37.29 -2.37 -3.60
N VAL A 530 -38.51 -2.85 -3.36
CA VAL A 530 -38.97 -4.13 -3.86
C VAL A 530 -40.41 -4.00 -4.31
N SER A 531 -40.78 -4.81 -5.31
CA SER A 531 -42.16 -4.87 -5.81
C SER A 531 -42.53 -6.35 -5.92
N CYS A 532 -43.35 -6.83 -4.99
CA CYS A 532 -43.64 -8.25 -4.93
C CYS A 532 -44.96 -8.48 -4.21
N LYS A 533 -45.51 -9.68 -4.41
CA LYS A 533 -46.66 -10.14 -3.66
C LYS A 533 -46.18 -10.88 -2.41
N LEU A 534 -46.87 -10.66 -1.29
CA LEU A 534 -46.51 -11.26 -0.03
C LEU A 534 -47.62 -12.21 0.44
N GLY A 535 -47.25 -13.47 0.64
CA GLY A 535 -48.18 -14.46 1.15
C GLY A 535 -49.34 -14.70 0.19
N LYS A 536 -50.45 -15.14 0.77
CA LYS A 536 -51.68 -15.42 0.03
C LYS A 536 -52.30 -14.17 -0.59
N ASP A 537 -51.87 -12.99 -0.19
CA ASP A 537 -52.48 -11.77 -0.71
C ASP A 537 -52.21 -11.66 -2.21
N PRO A 538 -53.23 -11.44 -3.04
CA PRO A 538 -52.99 -11.32 -4.48
C PRO A 538 -52.58 -9.93 -4.93
N ASN A 539 -52.65 -8.93 -4.06
CA ASN A 539 -52.28 -7.57 -4.46
C ASN A 539 -50.76 -7.43 -4.53
N THR A 540 -50.30 -6.73 -5.55
CA THR A 540 -48.89 -6.37 -5.64
C THR A 540 -48.63 -5.08 -4.86
N TYR A 541 -47.39 -4.91 -4.42
CA TYR A 541 -47.05 -3.82 -3.52
C TYR A 541 -45.70 -3.24 -3.89
N PHE A 542 -45.44 -2.03 -3.38
CA PHE A 542 -44.12 -1.41 -3.41
C PHE A 542 -43.62 -1.33 -1.97
N ILE A 543 -42.46 -1.90 -1.71
CA ILE A 543 -41.90 -1.99 -0.37
C ILE A 543 -40.59 -1.22 -0.35
N VAL A 544 -40.46 -0.30 0.60
CA VAL A 544 -39.32 0.60 0.69
C VAL A 544 -38.69 0.49 2.07
N GLY A 545 -37.38 0.39 2.11
CA GLY A 545 -36.65 0.40 3.37
C GLY A 545 -35.83 1.67 3.51
N THR A 546 -36.03 2.40 4.59
CA THR A 546 -35.41 3.71 4.79
C THR A 546 -34.50 3.68 6.00
N ALA A 547 -33.95 4.84 6.34
CA ALA A 547 -33.06 4.96 7.48
C ALA A 547 -32.97 6.42 7.88
N MET A 548 -33.31 6.73 9.12
CA MET A 548 -33.22 8.10 9.63
C MET A 548 -31.74 8.44 9.83
N VAL A 549 -31.22 9.31 8.98
CA VAL A 549 -29.79 9.64 8.95
C VAL A 549 -29.60 11.00 9.61
N TYR A 550 -28.60 11.09 10.50
CA TYR A 550 -28.24 12.34 11.13
C TYR A 550 -26.74 12.56 11.00
N PRO A 551 -26.29 13.77 10.66
CA PRO A 551 -24.87 13.95 10.31
C PRO A 551 -23.90 13.52 11.40
N GLU A 552 -24.22 13.79 12.67
CA GLU A 552 -23.30 13.50 13.76
C GLU A 552 -23.38 12.08 14.27
N GLU A 553 -24.31 11.27 13.74
CA GLU A 553 -24.48 9.89 14.17
C GLU A 553 -23.59 9.00 13.32
N ALA A 554 -22.77 8.17 13.97
CA ALA A 554 -21.88 7.29 13.23
C ALA A 554 -22.66 6.30 12.38
N GLU A 555 -23.74 5.74 12.93
CA GLU A 555 -24.56 4.75 12.24
C GLU A 555 -26.03 5.05 12.51
N PRO A 556 -26.92 4.66 11.60
CA PRO A 556 -28.35 4.86 11.86
C PRO A 556 -28.86 3.88 12.92
N LYS A 557 -29.59 4.40 13.89
CA LYS A 557 -30.22 3.60 14.93
C LYS A 557 -31.72 3.45 14.72
N GLN A 558 -32.25 3.92 13.60
CA GLN A 558 -33.68 3.86 13.35
C GLN A 558 -33.93 3.66 11.86
N GLY A 559 -35.14 3.24 11.54
CA GLY A 559 -35.50 3.02 10.16
C GLY A 559 -36.98 2.69 10.04
N ARG A 560 -37.38 2.33 8.83
CA ARG A 560 -38.76 1.97 8.57
C ARG A 560 -38.82 1.02 7.39
N ILE A 561 -39.93 0.30 7.29
CA ILE A 561 -40.28 -0.47 6.11
C ILE A 561 -41.72 -0.10 5.77
N VAL A 562 -41.90 0.61 4.66
CA VAL A 562 -43.20 1.13 4.26
C VAL A 562 -43.67 0.34 3.05
N VAL A 563 -44.93 -0.11 3.10
CA VAL A 563 -45.54 -0.85 2.00
C VAL A 563 -46.51 0.09 1.30
N PHE A 564 -46.25 0.35 0.02
CA PHE A 564 -47.10 1.21 -0.79
C PHE A 564 -47.84 0.38 -1.82
N GLN A 565 -49.05 0.83 -2.18
CA GLN A 565 -49.82 0.23 -3.24
C GLN A 565 -50.21 1.31 -4.25
N TYR A 566 -49.95 1.06 -5.52
CA TYR A 566 -50.29 1.97 -6.61
C TYR A 566 -51.45 1.38 -7.39
N SER A 567 -52.60 2.05 -7.33
CA SER A 567 -53.79 1.60 -8.04
C SER A 567 -54.50 2.79 -8.65
N ASP A 568 -54.98 2.60 -9.88
CA ASP A 568 -55.74 3.61 -10.61
C ASP A 568 -55.13 5.00 -10.45
N GLY A 569 -53.80 5.09 -10.53
CA GLY A 569 -53.15 6.38 -10.40
C GLY A 569 -53.06 6.91 -9.00
N LYS A 570 -53.33 6.09 -7.99
CA LYS A 570 -53.32 6.51 -6.60
C LYS A 570 -52.32 5.67 -5.82
N LEU A 571 -51.55 6.32 -4.95
CA LEU A 571 -50.56 5.67 -4.12
C LEU A 571 -51.07 5.64 -2.68
N GLN A 572 -51.11 4.45 -2.08
CA GLN A 572 -51.64 4.26 -0.74
C GLN A 572 -50.57 3.65 0.15
N THR A 573 -50.42 4.23 1.35
CA THR A 573 -49.48 3.71 2.34
C THR A 573 -50.17 2.58 3.09
N VAL A 574 -50.01 1.36 2.58
CA VAL A 574 -50.76 0.21 3.10
C VAL A 574 -50.38 -0.04 4.56
N ALA A 575 -49.09 -0.06 4.86
CA ALA A 575 -48.65 -0.35 6.22
C ALA A 575 -47.21 0.12 6.39
N GLU A 576 -46.86 0.41 7.63
CA GLU A 576 -45.51 0.82 8.01
C GLU A 576 -44.91 -0.24 8.93
N LYS A 577 -43.67 -0.01 9.35
CA LYS A 577 -42.99 -0.90 10.27
C LYS A 577 -41.75 -0.20 10.78
N GLU A 578 -41.58 -0.20 12.10
CA GLU A 578 -40.42 0.43 12.74
C GLU A 578 -39.37 -0.63 13.03
N VAL A 579 -38.13 -0.34 12.65
CA VAL A 579 -37.01 -1.25 12.87
C VAL A 579 -35.88 -0.50 13.54
N LYS A 580 -35.02 -1.23 14.24
CA LYS A 580 -33.93 -0.64 15.01
C LYS A 580 -32.64 -0.64 14.20
N GLY A 581 -32.69 0.01 13.04
CA GLY A 581 -31.51 0.11 12.20
C GLY A 581 -31.86 0.63 10.82
N ALA A 582 -30.95 0.42 9.89
CA ALA A 582 -31.11 0.85 8.51
C ALA A 582 -31.32 -0.37 7.62
N VAL A 583 -32.34 -0.32 6.77
CA VAL A 583 -32.70 -1.46 5.93
C VAL A 583 -31.85 -1.35 4.67
N TYR A 584 -30.63 -1.89 4.74
CA TYR A 584 -29.70 -1.76 3.62
C TYR A 584 -30.22 -2.47 2.38
N SER A 585 -30.83 -3.64 2.54
CA SER A 585 -31.30 -4.40 1.40
C SER A 585 -32.54 -5.19 1.78
N MET A 586 -33.32 -5.54 0.76
CA MET A 586 -34.52 -6.34 0.94
C MET A 586 -34.72 -7.20 -0.30
N VAL A 587 -35.44 -8.29 -0.13
CA VAL A 587 -35.70 -9.21 -1.24
C VAL A 587 -36.85 -10.12 -0.84
N GLU A 588 -37.70 -10.43 -1.82
CA GLU A 588 -38.80 -11.36 -1.59
C GLU A 588 -38.25 -12.77 -1.49
N PHE A 589 -38.67 -13.50 -0.45
CA PHE A 589 -38.16 -14.84 -0.17
C PHE A 589 -39.36 -15.78 -0.04
N ASN A 590 -39.80 -16.34 -1.17
CA ASN A 590 -40.87 -17.33 -1.20
C ASN A 590 -42.08 -16.86 -0.41
N GLY A 591 -42.65 -15.74 -0.84
CA GLY A 591 -43.85 -15.22 -0.21
C GLY A 591 -43.60 -14.54 1.12
N LYS A 592 -42.35 -14.32 1.49
CA LYS A 592 -42.01 -13.64 2.73
C LYS A 592 -40.95 -12.59 2.44
N LEU A 593 -40.92 -11.55 3.26
CA LEU A 593 -40.00 -10.43 3.06
C LEU A 593 -38.73 -10.67 3.86
N LEU A 594 -37.60 -10.68 3.16
CA LEU A 594 -36.28 -10.83 3.77
C LEU A 594 -35.58 -9.48 3.74
N ALA A 595 -35.25 -8.97 4.93
CA ALA A 595 -34.68 -7.63 5.06
C ALA A 595 -33.46 -7.69 5.97
N SER A 596 -32.44 -6.92 5.60
CA SER A 596 -31.20 -6.82 6.35
C SER A 596 -31.17 -5.48 7.07
N ILE A 597 -30.89 -5.51 8.36
CA ILE A 597 -30.93 -4.33 9.22
C ILE A 597 -29.60 -4.24 9.94
N ASN A 598 -28.75 -3.32 9.51
CA ASN A 598 -27.42 -3.15 10.09
C ASN A 598 -26.67 -4.48 10.07
N SER A 599 -26.56 -5.14 11.22
CA SER A 599 -25.84 -6.40 11.35
C SER A 599 -26.78 -7.60 11.39
N THR A 600 -28.07 -7.39 11.19
CA THR A 600 -29.08 -8.44 11.30
C THR A 600 -29.65 -8.78 9.93
N VAL A 601 -30.08 -10.04 9.79
CA VAL A 601 -30.85 -10.50 8.64
C VAL A 601 -32.14 -11.08 9.19
N ARG A 602 -33.26 -10.46 8.82
CA ARG A 602 -34.56 -10.79 9.41
C ARG A 602 -35.50 -11.30 8.32
N LEU A 603 -36.48 -12.10 8.75
CA LEU A 603 -37.50 -12.62 7.86
C LEU A 603 -38.86 -12.24 8.39
N TYR A 604 -39.71 -11.68 7.52
CA TYR A 604 -41.00 -11.14 7.90
C TYR A 604 -42.12 -11.93 7.21
N GLU A 605 -43.28 -11.95 7.85
CA GLU A 605 -44.46 -12.60 7.31
C GLU A 605 -45.57 -11.58 7.12
N TRP A 606 -46.38 -11.80 6.08
CA TRP A 606 -47.49 -10.90 5.73
C TRP A 606 -48.77 -11.50 6.30
N THR A 607 -49.15 -11.05 7.48
CA THR A 607 -50.33 -11.60 8.15
C THR A 607 -51.60 -11.16 7.42
N THR A 608 -52.70 -11.87 7.71
CA THR A 608 -53.97 -11.54 7.07
C THR A 608 -54.44 -10.15 7.42
N GLU A 609 -53.98 -9.61 8.55
CA GLU A 609 -54.29 -8.25 8.96
C GLU A 609 -53.45 -7.22 8.20
N LYS A 610 -52.69 -7.64 7.20
CA LYS A 610 -51.83 -6.75 6.41
C LYS A 610 -50.83 -6.04 7.33
N GLU A 611 -50.04 -6.85 8.02
CA GLU A 611 -48.95 -6.37 8.85
C GLU A 611 -47.77 -7.32 8.71
N LEU A 612 -46.58 -6.81 9.03
CA LEU A 612 -45.36 -7.59 8.96
C LEU A 612 -45.04 -8.17 10.33
N ARG A 613 -44.74 -9.46 10.38
CA ARG A 613 -44.47 -10.17 11.62
C ARG A 613 -43.12 -10.86 11.53
N THR A 614 -42.29 -10.69 12.55
CA THR A 614 -40.96 -11.30 12.55
C THR A 614 -41.07 -12.81 12.65
N GLU A 615 -40.20 -13.50 11.90
CA GLU A 615 -40.15 -14.96 11.92
C GLU A 615 -38.85 -15.49 12.47
N CYS A 616 -37.71 -15.09 11.91
CA CYS A 616 -36.41 -15.58 12.38
C CYS A 616 -35.37 -14.50 12.11
N ASN A 617 -34.26 -14.58 12.86
CA ASN A 617 -33.18 -13.61 12.76
C ASN A 617 -31.86 -14.34 12.58
N HIS A 618 -30.83 -13.58 12.25
CA HIS A 618 -29.46 -14.10 12.16
C HIS A 618 -28.53 -12.91 12.39
N TYR A 619 -27.99 -12.81 13.61
CA TYR A 619 -27.29 -11.61 14.05
C TYR A 619 -25.79 -11.66 13.79
N ASN A 620 -25.30 -12.70 13.12
CA ASN A 620 -23.85 -12.92 12.99
C ASN A 620 -23.34 -12.29 11.69
N ASN A 621 -23.29 -10.96 11.69
CA ASN A 621 -22.70 -10.20 10.60
C ASN A 621 -22.15 -8.89 11.14
N ILE A 622 -21.24 -8.29 10.38
CA ILE A 622 -20.78 -6.95 10.71
C ILE A 622 -21.69 -5.91 10.09
N MET A 623 -22.02 -6.08 8.81
CA MET A 623 -22.97 -5.21 8.13
C MET A 623 -23.49 -5.96 6.91
N ALA A 624 -24.76 -6.34 6.95
CA ALA A 624 -25.36 -7.11 5.86
C ALA A 624 -25.85 -6.14 4.81
N LEU A 625 -25.00 -5.85 3.82
CA LEU A 625 -25.30 -4.84 2.81
C LEU A 625 -26.03 -5.41 1.61
N TYR A 626 -25.70 -6.62 1.18
CA TYR A 626 -26.23 -7.18 -0.05
C TYR A 626 -26.80 -8.56 0.20
N LEU A 627 -27.97 -8.83 -0.34
CA LEU A 627 -28.66 -10.10 -0.17
C LEU A 627 -29.09 -10.63 -1.54
N LYS A 628 -29.01 -11.95 -1.69
CA LYS A 628 -29.53 -12.63 -2.87
C LYS A 628 -30.03 -14.00 -2.43
N THR A 629 -30.97 -14.54 -3.19
CA THR A 629 -31.61 -15.79 -2.82
C THR A 629 -31.80 -16.67 -4.04
N LYS A 630 -31.76 -17.99 -3.80
CA LYS A 630 -32.13 -18.98 -4.80
C LYS A 630 -32.68 -20.18 -4.04
N GLY A 631 -33.93 -20.53 -4.30
CA GLY A 631 -34.56 -21.56 -3.51
C GLY A 631 -34.60 -21.15 -2.05
N ASP A 632 -34.08 -22.00 -1.18
CA ASP A 632 -34.02 -21.73 0.25
C ASP A 632 -32.69 -21.18 0.71
N PHE A 633 -31.77 -20.91 -0.21
CA PHE A 633 -30.43 -20.44 0.11
C PHE A 633 -30.37 -18.92 0.04
N ILE A 634 -29.62 -18.34 0.96
CA ILE A 634 -29.48 -16.88 1.07
C ILE A 634 -28.00 -16.54 1.04
N LEU A 635 -27.61 -15.72 0.08
CA LEU A 635 -26.23 -15.24 -0.05
C LEU A 635 -26.16 -13.84 0.52
N VAL A 636 -25.30 -13.65 1.52
CA VAL A 636 -25.19 -12.38 2.23
C VAL A 636 -23.80 -11.81 2.00
N GLY A 637 -23.75 -10.59 1.48
CA GLY A 637 -22.49 -9.88 1.31
C GLY A 637 -22.27 -8.91 2.45
N ASP A 638 -21.11 -9.00 3.06
CA ASP A 638 -20.77 -8.18 4.22
C ASP A 638 -19.93 -6.98 3.79
N LEU A 639 -19.86 -5.99 4.68
CA LEU A 639 -19.08 -4.79 4.38
C LEU A 639 -17.61 -5.13 4.21
N MET A 640 -17.06 -5.95 5.11
CA MET A 640 -15.64 -6.28 5.08
C MET A 640 -15.33 -7.75 5.30
N ARG A 641 -16.29 -8.58 5.71
CA ARG A 641 -16.04 -9.97 6.02
C ARG A 641 -16.38 -10.91 4.87
N SER A 642 -16.61 -10.37 3.67
CA SER A 642 -16.79 -11.19 2.48
C SER A 642 -18.15 -11.89 2.46
N VAL A 643 -18.23 -12.99 1.71
CA VAL A 643 -19.50 -13.65 1.42
C VAL A 643 -19.86 -14.60 2.55
N LEU A 644 -21.15 -14.88 2.68
CA LEU A 644 -21.68 -15.79 3.69
C LEU A 644 -22.93 -16.45 3.15
N LEU A 645 -23.03 -17.76 3.29
CA LEU A 645 -24.15 -18.52 2.77
C LEU A 645 -25.06 -18.96 3.92
N LEU A 646 -26.36 -18.80 3.72
CA LEU A 646 -27.37 -19.16 4.71
C LEU A 646 -28.38 -20.10 4.07
N ALA A 647 -29.22 -20.69 4.91
CA ALA A 647 -30.32 -21.52 4.45
C ALA A 647 -31.49 -21.37 5.40
N TYR A 648 -32.70 -21.58 4.86
CA TYR A 648 -33.92 -21.50 5.64
C TYR A 648 -34.40 -22.90 5.96
N LYS A 649 -34.79 -23.13 7.21
CA LYS A 649 -35.25 -24.44 7.66
C LYS A 649 -36.77 -24.39 7.81
N PRO A 650 -37.55 -24.80 6.81
CA PRO A 650 -39.01 -24.67 6.92
C PRO A 650 -39.59 -25.39 8.12
N MET A 651 -39.04 -26.57 8.46
CA MET A 651 -39.59 -27.33 9.58
C MET A 651 -39.28 -26.67 10.91
N GLU A 652 -38.09 -26.07 11.05
CA GLU A 652 -37.69 -25.43 12.28
C GLU A 652 -37.90 -23.92 12.30
N GLY A 653 -38.02 -23.29 11.14
CA GLY A 653 -38.26 -21.86 11.08
C GLY A 653 -37.12 -21.01 11.63
N ASN A 654 -35.89 -21.34 11.24
CA ASN A 654 -34.73 -20.54 11.62
C ASN A 654 -33.67 -20.68 10.54
N PHE A 655 -32.59 -19.92 10.68
CA PHE A 655 -31.52 -19.87 9.70
C PHE A 655 -30.38 -20.79 10.13
N GLU A 656 -29.85 -21.56 9.19
CA GLU A 656 -28.69 -22.40 9.41
C GLU A 656 -27.53 -21.82 8.59
N GLU A 657 -26.47 -21.39 9.28
CA GLU A 657 -25.30 -20.82 8.63
C GLU A 657 -24.51 -21.95 8.00
N ILE A 658 -24.76 -22.19 6.71
CA ILE A 658 -24.18 -23.36 6.06
C ILE A 658 -22.67 -23.21 5.92
N ALA A 659 -22.22 -22.05 5.45
CA ALA A 659 -20.79 -21.85 5.18
C ALA A 659 -20.52 -20.36 5.12
N ARG A 660 -19.23 -20.01 5.10
CA ARG A 660 -18.82 -18.62 4.96
C ARG A 660 -17.39 -18.59 4.43
N ASP A 661 -16.95 -17.40 4.07
CA ASP A 661 -15.62 -17.17 3.53
C ASP A 661 -14.79 -16.41 4.55
N PHE A 662 -13.55 -16.86 4.76
CA PHE A 662 -12.67 -16.27 5.76
C PHE A 662 -11.67 -15.28 5.19
N ASN A 663 -11.73 -15.00 3.88
CA ASN A 663 -10.86 -14.00 3.28
C ASN A 663 -11.50 -12.63 3.44
N PRO A 664 -10.87 -11.69 4.15
CA PRO A 664 -11.55 -10.39 4.41
C PRO A 664 -11.53 -9.43 3.22
N ASN A 665 -12.49 -9.62 2.32
CA ASN A 665 -12.67 -8.75 1.18
C ASN A 665 -13.70 -7.66 1.50
N TRP A 666 -13.49 -6.48 0.92
CA TRP A 666 -14.47 -5.40 0.97
C TRP A 666 -15.41 -5.57 -0.21
N MET A 667 -16.66 -5.92 0.08
CA MET A 667 -17.61 -6.28 -0.97
C MET A 667 -18.35 -5.04 -1.48
N SER A 668 -18.78 -5.12 -2.73
CA SER A 668 -19.64 -4.10 -3.33
C SER A 668 -20.79 -4.69 -4.14
N ALA A 669 -20.86 -6.00 -4.29
CA ALA A 669 -21.96 -6.64 -5.00
C ALA A 669 -21.79 -8.15 -4.89
N VAL A 670 -22.91 -8.86 -4.95
CA VAL A 670 -22.91 -10.32 -4.85
C VAL A 670 -23.98 -10.87 -5.77
N GLU A 671 -23.77 -12.10 -6.23
CA GLU A 671 -24.75 -12.78 -7.07
C GLU A 671 -24.54 -14.28 -6.94
N ILE A 672 -25.59 -15.03 -7.24
CA ILE A 672 -25.57 -16.49 -7.16
C ILE A 672 -25.65 -17.02 -8.59
N LEU A 673 -24.51 -17.46 -9.12
CA LEU A 673 -24.49 -18.01 -10.47
C LEU A 673 -25.22 -19.35 -10.51
N ASP A 674 -24.91 -20.24 -9.58
CA ASP A 674 -25.55 -21.55 -9.48
C ASP A 674 -25.76 -21.86 -8.01
N ASP A 675 -26.33 -23.03 -7.73
CA ASP A 675 -26.56 -23.43 -6.36
C ASP A 675 -25.25 -23.62 -5.60
N ASP A 676 -24.14 -23.83 -6.32
CA ASP A 676 -22.85 -24.08 -5.71
C ASP A 676 -21.86 -22.92 -5.86
N ASN A 677 -21.98 -22.11 -6.90
CA ASN A 677 -21.03 -21.04 -7.17
C ASN A 677 -21.65 -19.69 -6.82
N PHE A 678 -20.91 -18.87 -6.08
CA PHE A 678 -21.35 -17.55 -5.66
C PHE A 678 -20.33 -16.51 -6.10
N LEU A 679 -20.77 -15.51 -6.84
CA LEU A 679 -19.91 -14.49 -7.42
C LEU A 679 -19.96 -13.22 -6.57
N GLY A 680 -18.81 -12.58 -6.43
CA GLY A 680 -18.73 -11.33 -5.70
C GLY A 680 -17.76 -10.38 -6.37
N ALA A 681 -17.88 -9.10 -6.00
CA ALA A 681 -17.03 -8.05 -6.53
C ALA A 681 -16.42 -7.28 -5.38
N GLU A 682 -15.11 -7.08 -5.44
CA GLU A 682 -14.39 -6.44 -4.35
C GLU A 682 -14.25 -4.94 -4.60
N ASN A 683 -13.81 -4.23 -3.56
CA ASN A 683 -13.68 -2.78 -3.66
C ASN A 683 -12.51 -2.38 -4.55
N ALA A 684 -11.52 -3.26 -4.71
CA ALA A 684 -10.32 -2.96 -5.50
C ALA A 684 -10.46 -3.39 -6.96
N PHE A 685 -11.69 -3.44 -7.48
CA PHE A 685 -11.93 -3.73 -8.88
C PHE A 685 -11.62 -5.19 -9.23
N ASN A 686 -11.80 -6.09 -8.27
CA ASN A 686 -11.52 -7.51 -8.46
C ASN A 686 -12.80 -8.32 -8.34
N LEU A 687 -12.88 -9.39 -9.13
CA LEU A 687 -13.93 -10.38 -9.03
C LEU A 687 -13.37 -11.66 -8.43
N PHE A 688 -14.22 -12.40 -7.72
CA PHE A 688 -13.84 -13.72 -7.22
C PHE A 688 -15.09 -14.57 -7.10
N VAL A 689 -14.88 -15.88 -7.14
CA VAL A 689 -15.96 -16.86 -7.14
C VAL A 689 -15.73 -17.82 -5.99
N CYS A 690 -16.64 -17.85 -5.02
CA CYS A 690 -16.58 -18.80 -3.93
C CYS A 690 -17.35 -20.06 -4.30
N GLN A 691 -16.91 -21.18 -3.72
CA GLN A 691 -17.54 -22.47 -3.98
C GLN A 691 -17.67 -23.24 -2.67
N LYS A 692 -18.68 -24.08 -2.61
CA LYS A 692 -18.92 -24.88 -1.41
C LYS A 692 -18.00 -26.08 -1.40
N ASP A 693 -17.30 -26.29 -0.28
CA ASP A 693 -16.29 -27.33 -0.18
C ASP A 693 -16.94 -28.71 -0.18
N SER A 694 -16.94 -29.37 -1.33
CA SER A 694 -17.50 -30.72 -1.44
C SER A 694 -16.52 -31.80 -1.01
N ALA A 695 -15.24 -31.47 -0.84
CA ALA A 695 -14.23 -32.41 -0.40
C ALA A 695 -14.01 -32.35 1.11
N ALA A 696 -14.78 -31.54 1.83
CA ALA A 696 -14.62 -31.42 3.27
C ALA A 696 -15.23 -32.64 3.97
N THR A 697 -14.49 -33.19 4.93
CA THR A 697 -14.94 -34.32 5.73
C THR A 697 -15.43 -33.88 7.11
N THR A 698 -14.60 -33.15 7.83
CA THR A 698 -15.01 -32.64 9.14
C THR A 698 -16.08 -31.56 8.99
N ASP A 699 -16.91 -31.43 10.02
CA ASP A 699 -17.92 -30.38 10.00
C ASP A 699 -17.27 -29.01 9.88
N GLU A 700 -16.10 -28.83 10.51
CA GLU A 700 -15.40 -27.55 10.39
C GLU A 700 -15.00 -27.28 8.95
N GLU A 701 -14.47 -28.28 8.24
CA GLU A 701 -14.03 -28.07 6.88
C GLU A 701 -15.20 -27.74 5.96
N ARG A 702 -16.40 -28.21 6.29
CA ARG A 702 -17.59 -27.87 5.51
C ARG A 702 -18.05 -26.43 5.77
N GLN A 703 -17.52 -25.77 6.80
CA GLN A 703 -17.90 -24.40 7.13
C GLN A 703 -16.99 -23.37 6.47
N HIS A 704 -16.12 -23.79 5.55
CA HIS A 704 -15.23 -22.89 4.83
C HIS A 704 -15.64 -22.85 3.37
N LEU A 705 -15.72 -21.65 2.81
CA LEU A 705 -16.00 -21.45 1.40
C LEU A 705 -14.67 -21.21 0.67
N GLN A 706 -14.38 -22.05 -0.30
CA GLN A 706 -13.13 -21.96 -1.05
C GLN A 706 -13.30 -21.05 -2.25
N GLU A 707 -12.26 -20.27 -2.53
CA GLU A 707 -12.25 -19.34 -3.65
C GLU A 707 -11.67 -20.04 -4.87
N VAL A 708 -12.46 -20.13 -5.94
CA VAL A 708 -12.03 -20.80 -7.17
C VAL A 708 -11.79 -19.83 -8.30
N GLY A 709 -12.21 -18.58 -8.19
CA GLY A 709 -12.02 -17.61 -9.24
C GLY A 709 -11.33 -16.37 -8.73
N LEU A 710 -10.51 -15.78 -9.60
CA LEU A 710 -9.82 -14.54 -9.32
C LEU A 710 -9.62 -13.79 -10.62
N PHE A 711 -9.81 -12.47 -10.58
CA PHE A 711 -9.78 -11.68 -11.80
C PHE A 711 -9.74 -10.20 -11.42
N HIS A 712 -8.91 -9.44 -12.14
CA HIS A 712 -8.84 -7.99 -11.97
C HIS A 712 -9.61 -7.35 -13.12
N LEU A 713 -10.78 -6.79 -12.81
CA LEU A 713 -11.62 -6.23 -13.85
C LEU A 713 -11.26 -4.78 -14.15
N GLY A 714 -10.83 -4.03 -13.13
CA GLY A 714 -10.52 -2.62 -13.30
C GLY A 714 -11.71 -1.70 -13.18
N GLU A 715 -12.89 -2.22 -12.83
CA GLU A 715 -14.09 -1.43 -12.67
C GLU A 715 -14.73 -1.75 -11.32
N PHE A 716 -15.36 -0.73 -10.73
CA PHE A 716 -16.07 -0.88 -9.46
C PHE A 716 -17.50 -1.30 -9.77
N VAL A 717 -17.72 -2.62 -9.80
CA VAL A 717 -19.05 -3.13 -10.11
C VAL A 717 -20.02 -2.68 -9.03
N ASN A 718 -21.21 -2.25 -9.45
CA ASN A 718 -22.20 -1.71 -8.54
C ASN A 718 -23.46 -2.55 -8.41
N VAL A 719 -23.73 -3.44 -9.38
CA VAL A 719 -24.97 -4.20 -9.36
C VAL A 719 -24.80 -5.41 -10.27
N PHE A 720 -25.44 -6.52 -9.88
CA PHE A 720 -25.61 -7.68 -10.73
C PHE A 720 -27.09 -7.88 -10.99
N CYS A 721 -27.42 -8.43 -12.16
CA CYS A 721 -28.82 -8.68 -12.50
C CYS A 721 -28.89 -9.75 -13.57
N HIS A 722 -29.49 -10.88 -13.24
CA HIS A 722 -29.67 -11.94 -14.21
C HIS A 722 -30.46 -11.44 -15.41
N GLY A 723 -30.01 -11.76 -16.60
CA GLY A 723 -30.70 -11.34 -17.80
C GLY A 723 -29.79 -11.38 -19.01
N SER A 724 -30.33 -10.92 -20.13
CA SER A 724 -29.59 -10.88 -21.38
C SER A 724 -30.36 -10.04 -22.38
N LEU A 725 -29.64 -9.18 -23.10
CA LEU A 725 -30.24 -8.32 -24.10
C LEU A 725 -30.47 -9.03 -25.44
N VAL A 726 -29.96 -10.25 -25.60
CA VAL A 726 -30.09 -11.00 -26.84
C VAL A 726 -31.33 -11.87 -26.76
N MET A 727 -31.95 -12.13 -27.90
CA MET A 727 -33.11 -13.01 -27.94
C MET A 727 -32.73 -14.38 -27.38
N GLN A 728 -33.58 -14.91 -26.51
CA GLN A 728 -33.31 -16.18 -25.84
C GLN A 728 -33.48 -17.31 -26.86
N ASN A 729 -32.37 -17.98 -27.18
CA ASN A 729 -32.41 -19.08 -28.12
C ASN A 729 -33.27 -20.22 -27.57
N LEU A 730 -34.14 -20.76 -28.41
CA LEU A 730 -35.03 -21.85 -28.02
C LEU A 730 -34.48 -23.17 -28.54
N GLY A 731 -34.31 -24.14 -27.63
CA GLY A 731 -33.84 -25.46 -27.98
C GLY A 731 -32.34 -25.61 -27.97
N GLU A 732 -31.58 -24.53 -27.79
CA GLU A 732 -30.12 -24.59 -27.79
C GLU A 732 -29.65 -24.64 -26.33
N THR A 733 -29.91 -25.77 -25.69
CA THR A 733 -29.45 -26.01 -24.32
C THR A 733 -28.04 -26.55 -24.27
N SER A 734 -27.42 -26.83 -25.42
CA SER A 734 -26.05 -27.28 -25.49
C SER A 734 -25.08 -26.18 -25.92
N THR A 735 -25.48 -24.92 -25.75
CA THR A 735 -24.61 -23.82 -26.13
C THR A 735 -23.34 -23.85 -25.27
N PRO A 736 -22.22 -23.34 -25.80
CA PRO A 736 -20.98 -23.36 -25.02
C PRO A 736 -21.10 -22.66 -23.67
N THR A 737 -22.03 -21.71 -23.53
CA THR A 737 -22.17 -20.92 -22.33
C THR A 737 -23.49 -21.23 -21.64
N GLN A 738 -23.46 -21.21 -20.31
CA GLN A 738 -24.64 -21.43 -19.49
C GLN A 738 -24.81 -20.26 -18.53
N GLY A 739 -26.02 -19.72 -18.48
CA GLY A 739 -26.33 -18.60 -17.62
C GLY A 739 -25.94 -17.27 -18.25
N SER A 740 -26.36 -16.20 -17.58
CA SER A 740 -26.08 -14.85 -18.05
C SER A 740 -26.30 -13.88 -16.90
N VAL A 741 -25.26 -13.11 -16.56
CA VAL A 741 -25.32 -12.12 -15.50
C VAL A 741 -24.74 -10.82 -16.04
N LEU A 742 -25.54 -9.76 -16.03
CA LEU A 742 -25.07 -8.43 -16.38
C LEU A 742 -24.64 -7.69 -15.13
N PHE A 743 -23.74 -6.73 -15.30
CA PHE A 743 -23.30 -5.91 -14.18
C PHE A 743 -22.88 -4.55 -14.69
N GLY A 744 -23.23 -3.51 -13.93
CA GLY A 744 -22.92 -2.15 -14.29
C GLY A 744 -21.89 -1.56 -13.34
N THR A 745 -21.01 -0.73 -13.90
CA THR A 745 -19.87 -0.20 -13.16
C THR A 745 -20.02 1.31 -12.99
N VAL A 746 -19.14 1.87 -12.16
CA VAL A 746 -19.14 3.30 -11.93
C VAL A 746 -18.69 4.06 -13.17
N ASN A 747 -17.97 3.41 -14.08
CA ASN A 747 -17.47 4.04 -15.29
C ASN A 747 -18.39 3.86 -16.49
N GLY A 748 -19.57 3.28 -16.30
CA GLY A 748 -20.49 3.04 -17.39
C GLY A 748 -20.28 1.74 -18.12
N MET A 749 -19.30 0.93 -17.72
CA MET A 749 -19.11 -0.37 -18.34
C MET A 749 -20.27 -1.30 -18.02
N ILE A 750 -20.66 -2.09 -19.01
CA ILE A 750 -21.67 -3.14 -18.83
C ILE A 750 -21.05 -4.45 -19.30
N GLY A 751 -20.88 -5.39 -18.39
CA GLY A 751 -20.26 -6.65 -18.71
C GLY A 751 -21.15 -7.84 -18.45
N LEU A 752 -20.84 -8.97 -19.07
CA LEU A 752 -21.65 -10.17 -18.99
C LEU A 752 -20.78 -11.33 -18.53
N VAL A 753 -21.33 -12.15 -17.64
CA VAL A 753 -20.61 -13.26 -17.03
C VAL A 753 -21.38 -14.54 -17.28
N THR A 754 -20.67 -15.61 -17.66
CA THR A 754 -21.27 -16.90 -17.92
C THR A 754 -20.38 -18.00 -17.36
N SER A 755 -20.98 -19.17 -17.18
CA SER A 755 -20.24 -20.36 -16.78
C SER A 755 -19.87 -21.17 -18.01
N LEU A 756 -18.81 -21.98 -17.88
CA LEU A 756 -18.29 -22.76 -18.99
C LEU A 756 -18.00 -24.18 -18.55
N SER A 757 -18.10 -25.11 -19.49
CA SER A 757 -17.69 -26.48 -19.25
C SER A 757 -16.17 -26.57 -19.20
N GLU A 758 -15.67 -27.50 -18.38
CA GLU A 758 -14.22 -27.61 -18.20
C GLU A 758 -13.50 -27.81 -19.52
N SER A 759 -14.10 -28.56 -20.45
CA SER A 759 -13.44 -28.78 -21.73
C SER A 759 -13.22 -27.46 -22.47
N TRP A 760 -14.21 -26.58 -22.46
CA TRP A 760 -14.06 -25.29 -23.14
C TRP A 760 -13.11 -24.38 -22.39
N TYR A 761 -13.17 -24.37 -21.06
CA TYR A 761 -12.28 -23.50 -20.29
C TYR A 761 -10.82 -23.82 -20.58
N ASN A 762 -10.47 -25.10 -20.60
CA ASN A 762 -9.10 -25.49 -20.92
C ASN A 762 -8.72 -25.10 -22.34
N LEU A 763 -9.66 -25.27 -23.28
CA LEU A 763 -9.37 -24.92 -24.67
C LEU A 763 -9.06 -23.44 -24.81
N LEU A 764 -9.87 -22.59 -24.18
CA LEU A 764 -9.67 -21.15 -24.29
C LEU A 764 -8.51 -20.68 -23.43
N LEU A 765 -8.30 -21.30 -22.27
CA LEU A 765 -7.16 -20.95 -21.45
C LEU A 765 -5.86 -21.19 -22.21
N ASP A 766 -5.75 -22.33 -22.91
CA ASP A 766 -4.59 -22.58 -23.73
C ASP A 766 -4.49 -21.57 -24.87
N MET A 767 -5.62 -21.25 -25.49
CA MET A 767 -5.62 -20.23 -26.55
C MET A 767 -5.22 -18.88 -26.00
N GLN A 768 -5.65 -18.56 -24.78
CA GLN A 768 -5.35 -17.25 -24.21
C GLN A 768 -3.85 -17.02 -24.10
N ASN A 769 -3.11 -18.02 -23.62
CA ASN A 769 -1.67 -17.85 -23.48
C ASN A 769 -1.00 -17.68 -24.83
N ARG A 770 -1.45 -18.41 -25.85
CA ARG A 770 -0.85 -18.31 -27.17
C ARG A 770 -1.01 -16.91 -27.73
N LEU A 771 -2.18 -16.28 -27.51
CA LEU A 771 -2.41 -14.95 -28.05
C LEU A 771 -1.40 -13.95 -27.50
N ASN A 772 -1.11 -14.02 -26.20
CA ASN A 772 -0.19 -13.05 -25.60
C ASN A 772 1.19 -13.09 -26.24
N LYS A 773 1.57 -14.21 -26.84
CA LYS A 773 2.85 -14.28 -27.55
C LYS A 773 2.79 -13.66 -28.93
N VAL A 774 1.59 -13.42 -29.46
CA VAL A 774 1.43 -12.89 -30.81
C VAL A 774 1.12 -11.39 -30.80
N ILE A 775 0.25 -10.96 -29.90
CA ILE A 775 -0.20 -9.57 -29.86
C ILE A 775 0.70 -8.79 -28.90
N LYS A 776 1.22 -7.66 -29.39
CA LYS A 776 2.06 -6.78 -28.58
C LYS A 776 1.17 -5.77 -27.87
N SER A 777 1.16 -5.82 -26.55
CA SER A 777 0.36 -4.89 -25.76
C SER A 777 1.00 -3.51 -25.75
N VAL A 778 0.16 -2.48 -25.88
CA VAL A 778 0.65 -1.12 -25.81
C VAL A 778 1.28 -0.88 -24.44
N GLY A 779 2.49 -0.33 -24.44
CA GLY A 779 3.25 -0.19 -23.22
C GLY A 779 3.98 -1.44 -22.80
N LYS A 780 3.88 -2.52 -23.56
CA LYS A 780 4.57 -3.78 -23.27
C LYS A 780 4.26 -4.25 -21.85
N ILE A 781 2.99 -4.17 -21.48
CA ILE A 781 2.50 -4.63 -20.19
C ILE A 781 2.02 -6.06 -20.35
N GLU A 782 2.46 -6.93 -19.44
CA GLU A 782 2.08 -8.34 -19.50
C GLU A 782 0.60 -8.50 -19.17
N HIS A 783 -0.12 -9.25 -19.99
CA HIS A 783 -1.53 -9.48 -19.73
C HIS A 783 -1.73 -10.18 -18.39
N SER A 784 -0.93 -11.20 -18.11
CA SER A 784 -1.06 -11.91 -16.84
C SER A 784 -0.90 -10.96 -15.65
N PHE A 785 -0.05 -9.95 -15.79
CA PHE A 785 0.10 -8.97 -14.71
C PHE A 785 -1.11 -8.05 -14.63
N TRP A 786 -1.72 -7.74 -15.78
CA TRP A 786 -2.88 -6.85 -15.79
C TRP A 786 -4.06 -7.48 -15.07
N ARG A 787 -4.35 -8.75 -15.37
CA ARG A 787 -5.50 -9.43 -14.79
C ARG A 787 -5.19 -10.12 -13.46
N SER A 788 -3.96 -10.01 -12.97
CA SER A 788 -3.61 -10.63 -11.70
C SER A 788 -4.47 -10.06 -10.58
N PHE A 789 -5.04 -10.94 -9.76
CA PHE A 789 -5.75 -10.50 -8.57
C PHE A 789 -4.81 -9.65 -7.71
N HIS A 790 -5.32 -8.52 -7.24
CA HIS A 790 -4.48 -7.56 -6.52
C HIS A 790 -5.31 -6.81 -5.50
N THR A 791 -4.91 -6.91 -4.23
CA THR A 791 -5.51 -6.13 -3.15
C THR A 791 -4.40 -5.71 -2.22
N GLU A 792 -4.78 -5.14 -1.07
CA GLU A 792 -3.78 -4.72 -0.10
C GLU A 792 -3.18 -5.92 0.64
N ARG A 793 -3.86 -7.08 0.59
CA ARG A 793 -3.41 -8.24 1.34
C ARG A 793 -2.66 -9.24 0.47
N LYS A 794 -3.25 -9.63 -0.66
CA LYS A 794 -2.71 -10.69 -1.49
C LYS A 794 -2.69 -10.27 -2.95
N THR A 795 -1.80 -10.89 -3.72
CA THR A 795 -1.68 -10.67 -5.15
C THR A 795 -1.41 -12.02 -5.80
N GLU A 796 -2.39 -12.53 -6.53
CA GLU A 796 -2.30 -13.84 -7.15
C GLU A 796 -2.67 -13.77 -8.62
N PRO A 797 -2.17 -14.69 -9.43
CA PRO A 797 -2.57 -14.73 -10.84
C PRO A 797 -4.03 -15.13 -11.00
N ALA A 798 -4.61 -14.72 -12.13
CA ALA A 798 -5.99 -15.03 -12.41
C ALA A 798 -6.19 -16.53 -12.52
N THR A 799 -7.34 -17.01 -12.05
CA THR A 799 -7.68 -18.43 -12.11
C THR A 799 -9.19 -18.56 -12.34
N GLY A 800 -9.56 -19.52 -13.18
CA GLY A 800 -10.96 -19.79 -13.41
C GLY A 800 -11.73 -18.70 -14.11
N PHE A 801 -11.04 -17.79 -14.80
CA PHE A 801 -11.69 -16.74 -15.56
C PHE A 801 -11.01 -16.63 -16.93
N ILE A 802 -11.80 -16.24 -17.93
CA ILE A 802 -11.33 -16.05 -19.29
C ILE A 802 -11.67 -14.63 -19.72
N ASP A 803 -10.67 -13.87 -20.14
CA ASP A 803 -10.86 -12.50 -20.58
C ASP A 803 -11.52 -12.53 -21.95
N GLY A 804 -12.83 -12.26 -21.97
CA GLY A 804 -13.55 -12.29 -23.24
C GLY A 804 -13.03 -11.29 -24.24
N ASP A 805 -12.60 -10.12 -23.76
CA ASP A 805 -12.10 -9.08 -24.66
C ASP A 805 -10.89 -9.59 -25.45
N LEU A 806 -9.97 -10.30 -24.78
CA LEU A 806 -8.81 -10.82 -25.48
C LEU A 806 -9.22 -11.80 -26.57
N ILE A 807 -10.18 -12.68 -26.27
CA ILE A 807 -10.60 -13.69 -27.25
C ILE A 807 -11.21 -13.01 -28.47
N GLU A 808 -12.08 -12.01 -28.25
CA GLU A 808 -12.72 -11.35 -29.38
C GLU A 808 -11.69 -10.69 -30.30
N SER A 809 -10.60 -10.17 -29.73
CA SER A 809 -9.56 -9.56 -30.55
C SER A 809 -8.94 -10.55 -31.52
N PHE A 810 -9.10 -11.85 -31.27
CA PHE A 810 -8.55 -12.86 -32.17
C PHE A 810 -9.10 -12.74 -33.58
N LEU A 811 -10.26 -12.11 -33.75
CA LEU A 811 -10.87 -11.98 -35.07
C LEU A 811 -10.23 -10.87 -35.90
N ASP A 812 -9.76 -9.80 -35.26
CA ASP A 812 -9.32 -8.60 -35.97
C ASP A 812 -7.86 -8.67 -36.39
N ILE A 813 -7.14 -9.73 -36.05
CA ILE A 813 -5.74 -9.86 -36.40
C ILE A 813 -5.63 -10.49 -37.79
N SER A 814 -4.46 -10.33 -38.40
CA SER A 814 -4.24 -10.82 -39.76
C SER A 814 -4.29 -12.34 -39.79
N ARG A 815 -4.62 -12.87 -40.96
CA ARG A 815 -4.73 -14.33 -41.13
C ARG A 815 -3.44 -15.06 -40.79
N PRO A 816 -2.26 -14.67 -41.31
CA PRO A 816 -1.05 -15.42 -40.93
C PRO A 816 -0.77 -15.39 -39.43
N LYS A 817 -1.12 -14.28 -38.76
CA LYS A 817 -1.03 -14.25 -37.31
C LYS A 817 -1.94 -15.29 -36.68
N MET A 818 -3.15 -15.45 -37.23
CA MET A 818 -4.06 -16.49 -36.73
C MET A 818 -3.42 -17.87 -36.88
N GLN A 819 -2.79 -18.12 -38.02
CA GLN A 819 -2.17 -19.43 -38.27
C GLN A 819 -1.12 -19.73 -37.21
N GLU A 820 -0.39 -18.72 -36.74
CA GLU A 820 0.65 -18.94 -35.76
C GLU A 820 0.09 -19.52 -34.47
N VAL A 821 -1.05 -19.00 -34.00
CA VAL A 821 -1.64 -19.49 -32.77
C VAL A 821 -2.06 -20.95 -32.92
N VAL A 822 -2.66 -21.30 -34.05
CA VAL A 822 -3.20 -22.66 -34.24
C VAL A 822 -2.11 -23.69 -34.44
N ALA A 823 -0.84 -23.27 -34.54
CA ALA A 823 0.23 -24.22 -34.77
C ALA A 823 0.33 -25.23 -33.64
N ASN A 824 0.67 -26.47 -33.99
CA ASN A 824 0.93 -27.56 -33.05
C ASN A 824 -0.12 -27.64 -31.94
N LEU A 825 -1.35 -27.25 -32.25
CA LEU A 825 -2.44 -27.27 -31.29
C LEU A 825 -3.49 -28.27 -31.74
N GLN A 826 -3.90 -29.16 -30.84
CA GLN A 826 -4.90 -30.18 -31.12
C GLN A 826 -6.26 -29.69 -30.64
N TYR A 827 -7.28 -29.82 -31.50
CA TYR A 827 -8.61 -29.30 -31.24
C TYR A 827 -9.63 -30.41 -31.37
N ASP A 828 -10.65 -30.38 -30.52
CA ASP A 828 -11.70 -31.39 -30.51
C ASP A 828 -12.85 -30.90 -31.40
N ASP A 829 -13.16 -31.67 -32.45
CA ASP A 829 -14.22 -31.32 -33.38
C ASP A 829 -15.60 -31.79 -32.92
N GLY A 830 -15.77 -32.03 -31.61
CA GLY A 830 -17.04 -32.48 -31.09
C GLY A 830 -17.21 -33.98 -31.04
N SER A 831 -16.26 -34.76 -31.56
CA SER A 831 -16.33 -36.20 -31.54
C SER A 831 -15.67 -36.83 -30.32
N GLY A 832 -15.19 -36.02 -29.39
CA GLY A 832 -14.56 -36.52 -28.19
C GLY A 832 -13.05 -36.71 -28.27
N MET A 833 -12.44 -36.48 -29.43
CA MET A 833 -11.00 -36.59 -29.58
C MET A 833 -10.47 -35.31 -30.20
N LYS A 834 -9.22 -34.98 -29.87
CA LYS A 834 -8.58 -33.76 -30.37
C LYS A 834 -7.77 -34.10 -31.61
N ARG A 835 -8.06 -33.39 -32.71
CA ARG A 835 -7.31 -33.48 -33.95
C ARG A 835 -6.55 -32.17 -34.15
N GLU A 836 -5.71 -32.15 -35.19
CA GLU A 836 -4.94 -30.94 -35.48
C GLU A 836 -5.90 -29.77 -35.70
N ALA A 837 -5.68 -28.70 -34.94
CA ALA A 837 -6.57 -27.54 -34.99
C ALA A 837 -6.35 -26.73 -36.27
N THR A 838 -7.39 -26.02 -36.67
CA THR A 838 -7.33 -25.13 -37.82
C THR A 838 -7.98 -23.81 -37.46
N ALA A 839 -7.50 -22.72 -38.06
CA ALA A 839 -7.98 -21.40 -37.72
C ALA A 839 -9.49 -21.26 -37.96
N ASP A 840 -9.95 -21.74 -39.12
CA ASP A 840 -11.37 -21.63 -39.42
C ASP A 840 -12.22 -22.31 -38.36
N ASP A 841 -11.74 -23.41 -37.79
CA ASP A 841 -12.47 -24.06 -36.71
C ASP A 841 -12.60 -23.14 -35.51
N LEU A 842 -11.53 -22.43 -35.15
CA LEU A 842 -11.59 -21.52 -34.01
C LEU A 842 -12.48 -20.32 -34.31
N ILE A 843 -12.54 -19.89 -35.58
CA ILE A 843 -13.41 -18.77 -35.94
C ILE A 843 -14.84 -19.06 -35.52
N LYS A 844 -15.32 -20.28 -35.80
CA LYS A 844 -16.70 -20.62 -35.45
C LYS A 844 -16.89 -20.59 -33.95
N VAL A 845 -15.91 -21.07 -33.18
CA VAL A 845 -16.03 -21.09 -31.73
C VAL A 845 -16.20 -19.66 -31.20
N VAL A 846 -15.35 -18.75 -31.66
CA VAL A 846 -15.41 -17.37 -31.18
C VAL A 846 -16.69 -16.70 -31.65
N GLU A 847 -17.14 -17.02 -32.87
CA GLU A 847 -18.34 -16.38 -33.41
C GLU A 847 -19.56 -16.68 -32.55
N GLU A 848 -19.68 -17.91 -32.04
CA GLU A 848 -20.74 -18.20 -31.09
C GLU A 848 -20.56 -17.38 -29.81
N LEU A 849 -19.33 -17.29 -29.33
CA LEU A 849 -19.07 -16.53 -28.10
C LEU A 849 -19.39 -15.06 -28.29
N THR A 850 -19.03 -14.48 -29.43
CA THR A 850 -19.21 -13.05 -29.64
C THR A 850 -20.66 -12.65 -29.89
N ARG A 851 -21.55 -13.62 -30.11
CA ARG A 851 -22.95 -13.33 -30.37
C ARG A 851 -23.83 -13.47 -29.14
N ILE A 852 -23.25 -13.80 -27.99
CA ILE A 852 -24.01 -13.93 -26.75
C ILE A 852 -24.15 -12.59 -26.03
N HIS A 853 -23.75 -11.50 -26.66
CA HIS A 853 -23.86 -10.18 -26.05
C HIS A 853 -24.00 -9.10 -27.12
N ARG B 51 -16.57 20.29 10.19
CA ARG B 51 -16.50 18.85 9.97
C ARG B 51 -17.39 18.43 8.81
N ILE B 52 -16.86 17.55 7.95
CA ILE B 52 -17.60 17.05 6.80
C ILE B 52 -18.87 16.38 7.28
N GLN B 53 -19.96 16.57 6.54
CA GLN B 53 -21.24 15.99 6.90
C GLN B 53 -21.30 14.52 6.49
N ASN B 54 -20.15 13.97 6.08
CA ASN B 54 -20.06 12.59 5.65
C ASN B 54 -19.70 11.64 6.78
N GLN B 55 -19.78 12.10 8.03
CA GLN B 55 -19.45 11.24 9.17
C GLN B 55 -20.32 9.99 9.21
N ASN B 56 -21.56 10.08 8.73
CA ASN B 56 -22.44 8.92 8.73
C ASN B 56 -21.97 7.88 7.73
N VAL B 57 -22.29 6.61 8.01
CA VAL B 57 -21.90 5.54 7.10
C VAL B 57 -22.63 5.68 5.78
N ILE B 58 -23.90 6.07 5.84
CA ILE B 58 -24.70 6.12 4.62
C ILE B 58 -24.06 7.04 3.59
N HIS B 59 -23.66 8.25 4.02
CA HIS B 59 -23.06 9.18 3.08
C HIS B 59 -21.84 8.56 2.39
N ARG B 60 -20.99 7.90 3.17
CA ARG B 60 -19.83 7.24 2.58
C ARG B 60 -20.23 6.13 1.63
N LEU B 61 -21.27 5.35 2.00
CA LEU B 61 -21.70 4.26 1.14
C LEU B 61 -22.30 4.77 -0.16
N GLU B 62 -23.13 5.81 -0.09
CA GLU B 62 -23.71 6.35 -1.32
C GLU B 62 -22.65 7.05 -2.18
N ARG B 63 -21.77 7.84 -1.55
CA ARG B 63 -20.75 8.52 -2.34
C ARG B 63 -19.84 7.52 -3.04
N ARG B 64 -19.68 6.33 -2.47
CA ARG B 64 -18.81 5.32 -3.07
C ARG B 64 -19.42 4.72 -4.33
N ARG B 65 -20.74 4.82 -4.50
CA ARG B 65 -21.39 4.21 -5.65
C ARG B 65 -21.35 5.08 -6.90
N ILE B 66 -21.02 6.36 -6.78
CA ILE B 66 -21.00 7.27 -7.91
C ILE B 66 -19.59 7.69 -8.29
N SER B 67 -18.63 7.64 -7.37
CA SER B 67 -17.27 8.06 -7.66
C SER B 67 -16.31 7.12 -6.94
N SER B 68 -15.41 6.51 -7.70
CA SER B 68 -14.35 5.69 -7.12
C SER B 68 -13.13 6.51 -6.71
N GLY B 69 -13.17 7.83 -6.91
CA GLY B 69 -12.09 8.70 -6.50
C GLY B 69 -10.98 8.79 -7.53
N LYS B 70 -9.98 9.60 -7.20
CA LYS B 70 -8.82 9.73 -8.05
C LYS B 70 -8.01 8.44 -8.06
N ALA B 71 -7.27 8.22 -9.13
CA ALA B 71 -6.49 6.99 -9.27
C ALA B 71 -5.56 6.82 -8.08
N GLY B 72 -5.58 5.63 -7.49
CA GLY B 72 -4.75 5.32 -6.35
C GLY B 72 -5.30 5.76 -5.02
N THR B 73 -6.46 6.41 -4.99
CA THR B 73 -7.06 6.87 -3.74
C THR B 73 -8.05 5.87 -3.17
N HIS B 74 -8.50 4.89 -3.97
CA HIS B 74 -9.53 3.97 -3.49
C HIS B 74 -9.08 3.20 -2.25
N TRP B 75 -7.78 3.08 -2.01
CA TRP B 75 -7.32 2.43 -0.79
C TRP B 75 -7.81 3.17 0.44
N HIS B 76 -7.74 4.49 0.43
CA HIS B 76 -8.22 5.29 1.56
C HIS B 76 -9.73 5.43 1.57
N GLN B 77 -10.42 5.13 0.46
CA GLN B 77 -11.87 5.20 0.46
C GLN B 77 -12.47 4.21 1.45
N VAL B 78 -11.84 3.05 1.59
CA VAL B 78 -12.34 2.02 2.51
C VAL B 78 -11.78 2.20 3.90
N ARG B 79 -10.52 2.62 4.02
CA ARG B 79 -9.88 2.70 5.33
C ARG B 79 -10.63 3.65 6.26
N VAL B 80 -11.36 4.62 5.73
CA VAL B 80 -12.11 5.53 6.58
C VAL B 80 -13.29 4.84 7.25
N PHE B 81 -13.75 3.71 6.71
CA PHE B 81 -14.84 2.99 7.36
C PHE B 81 -14.50 2.58 8.77
N HIS B 82 -13.21 2.49 9.10
CA HIS B 82 -12.80 2.14 10.46
C HIS B 82 -13.15 3.24 11.46
N GLN B 83 -13.54 4.43 11.00
CA GLN B 83 -14.09 5.44 11.89
C GLN B 83 -15.57 5.23 12.16
N ASN B 84 -16.23 4.36 11.40
CA ASN B 84 -17.62 4.03 11.63
C ASN B 84 -17.80 2.65 12.26
N VAL B 85 -16.88 1.73 12.02
CA VAL B 85 -16.91 0.39 12.59
C VAL B 85 -15.75 0.30 13.57
N PHE B 86 -16.05 0.01 14.83
CA PHE B 86 -15.03 -0.07 15.86
C PHE B 86 -15.53 -0.96 16.98
N PRO B 87 -14.63 -1.49 17.82
CA PRO B 87 -15.02 -2.35 18.96
C PRO B 87 -15.58 -1.54 20.13
N ASN B 88 -16.88 -1.24 20.06
CA ASN B 88 -17.53 -0.39 21.05
C ASN B 88 -17.95 -1.15 22.31
N PHE B 89 -17.89 -2.48 22.31
CA PHE B 89 -18.40 -3.28 23.42
C PHE B 89 -17.28 -4.10 24.04
N THR B 90 -17.34 -4.26 25.36
CA THR B 90 -16.30 -4.93 26.12
C THR B 90 -16.92 -6.02 26.99
N VAL B 91 -16.18 -7.12 27.16
CA VAL B 91 -16.58 -8.23 28.02
C VAL B 91 -15.42 -8.50 28.97
N VAL B 92 -15.73 -8.64 30.26
CA VAL B 92 -14.72 -8.70 31.30
C VAL B 92 -14.59 -10.13 31.80
N ASN B 93 -13.35 -10.58 31.97
CA ASN B 93 -13.03 -11.86 32.61
C ASN B 93 -13.68 -13.04 31.87
N VAL B 94 -13.24 -13.23 30.64
CA VAL B 94 -13.67 -14.39 29.86
C VAL B 94 -12.83 -15.60 30.25
N GLU B 95 -13.48 -16.74 30.43
CA GLU B 95 -12.75 -17.96 30.71
C GLU B 95 -12.05 -18.46 29.46
N LYS B 96 -10.93 -19.15 29.66
CA LYS B 96 -10.06 -19.57 28.58
C LYS B 96 -9.27 -20.79 29.03
N PRO B 97 -8.70 -21.54 28.10
CA PRO B 97 -7.88 -22.69 28.49
C PRO B 97 -6.66 -22.23 29.28
N PRO B 98 -5.99 -23.15 29.98
CA PRO B 98 -4.81 -22.79 30.78
C PRO B 98 -3.54 -22.64 29.95
N CYS B 99 -3.64 -21.91 28.84
CA CYS B 99 -2.55 -21.68 27.92
C CYS B 99 -2.03 -20.26 28.05
N PHE B 100 -1.06 -19.90 27.21
CA PHE B 100 -0.47 -18.57 27.17
C PHE B 100 -0.68 -18.00 25.78
N LEU B 101 -1.44 -16.91 25.70
CA LEU B 101 -1.72 -16.26 24.43
C LEU B 101 -0.49 -15.52 23.93
N ARG B 102 -0.23 -15.60 22.62
CA ARG B 102 0.98 -15.04 22.05
C ARG B 102 0.71 -13.87 21.10
N LYS B 103 -0.07 -14.08 20.04
CA LYS B 103 -0.20 -13.07 19.00
C LYS B 103 -1.09 -13.61 17.88
N PHE B 104 -1.57 -12.70 17.05
CA PHE B 104 -2.23 -13.03 15.80
C PHE B 104 -1.18 -13.25 14.71
N SER B 105 -1.61 -13.86 13.60
CA SER B 105 -0.80 -13.88 12.41
C SER B 105 -1.00 -12.59 11.63
N PRO B 106 -0.02 -12.18 10.82
CA PRO B 106 -0.17 -10.91 10.08
C PRO B 106 -1.45 -10.84 9.26
N ASP B 107 -1.88 -11.94 8.66
CA ASP B 107 -3.14 -11.98 7.94
C ASP B 107 -4.34 -12.14 8.87
N GLY B 108 -4.11 -12.34 10.16
CA GLY B 108 -5.21 -12.33 11.12
C GLY B 108 -6.10 -13.56 11.08
N ARG B 109 -5.64 -14.66 10.49
CA ARG B 109 -6.44 -15.87 10.42
C ARG B 109 -6.14 -16.85 11.54
N TYR B 110 -4.90 -16.91 12.01
CA TYR B 110 -4.49 -17.87 13.02
C TYR B 110 -4.03 -17.16 14.28
N PHE B 111 -4.23 -17.82 15.42
CA PHE B 111 -3.82 -17.31 16.72
C PHE B 111 -3.03 -18.41 17.42
N ILE B 112 -1.89 -18.04 17.98
CA ILE B 112 -0.95 -19.00 18.56
C ILE B 112 -0.87 -18.78 20.07
N ALA B 113 -0.87 -19.88 20.81
CA ALA B 113 -0.72 -19.84 22.26
C ALA B 113 0.16 -21.00 22.70
N PHE B 114 0.75 -20.85 23.88
CA PHE B 114 1.67 -21.83 24.44
C PHE B 114 1.02 -22.52 25.63
N SER B 115 1.05 -23.85 25.63
CA SER B 115 0.47 -24.62 26.72
C SER B 115 1.28 -24.41 28.00
N SER B 116 0.70 -24.85 29.12
CA SER B 116 1.34 -24.68 30.42
C SER B 116 2.55 -25.57 30.61
N ASP B 117 2.81 -26.52 29.72
CA ASP B 117 4.00 -27.35 29.76
C ASP B 117 5.12 -26.81 28.89
N GLN B 118 4.91 -25.66 28.25
CA GLN B 118 5.89 -25.05 27.34
C GLN B 118 6.62 -26.11 26.51
N THR B 119 5.84 -27.03 25.95
CA THR B 119 6.36 -28.04 25.05
C THR B 119 5.56 -28.21 23.78
N SER B 120 4.34 -27.68 23.70
CA SER B 120 3.49 -27.81 22.53
C SER B 120 2.95 -26.45 22.14
N LEU B 121 2.76 -26.25 20.84
CA LEU B 121 2.26 -24.99 20.30
C LEU B 121 0.80 -25.15 19.93
N GLU B 122 -0.06 -24.33 20.52
CA GLU B 122 -1.48 -24.36 20.24
C GLU B 122 -1.79 -23.45 19.06
N ILE B 123 -2.48 -23.98 18.05
CA ILE B 123 -2.87 -23.23 16.88
C ILE B 123 -4.39 -23.07 16.91
N TYR B 124 -4.84 -21.82 16.96
CA TYR B 124 -6.27 -21.49 16.95
C TYR B 124 -6.61 -20.72 15.69
N GLU B 125 -7.79 -20.99 15.14
CA GLU B 125 -8.30 -20.28 13.98
C GLU B 125 -9.30 -19.22 14.42
N TYR B 126 -9.14 -18.01 13.91
CA TYR B 126 -10.02 -16.90 14.26
C TYR B 126 -11.30 -17.01 13.45
N GLN B 127 -12.45 -17.00 14.13
CA GLN B 127 -13.73 -17.19 13.49
C GLN B 127 -14.41 -15.89 13.08
N GLY B 128 -13.83 -14.75 13.41
CA GLY B 128 -14.41 -13.46 13.09
C GLY B 128 -15.00 -12.79 14.31
N CYS B 129 -15.12 -11.46 14.23
CA CYS B 129 -15.66 -10.65 15.32
C CYS B 129 -17.18 -10.56 15.28
N GLN B 130 -17.84 -11.49 14.60
CA GLN B 130 -19.29 -11.48 14.46
C GLN B 130 -19.93 -12.80 14.90
N ALA B 131 -19.16 -13.69 15.50
CA ALA B 131 -19.66 -15.01 15.89
C ALA B 131 -20.25 -15.03 17.29
N ALA B 132 -20.20 -13.92 18.03
CA ALA B 132 -20.77 -13.85 19.37
C ALA B 132 -21.89 -12.83 19.47
N GLU B 133 -22.42 -12.38 18.33
CA GLU B 133 -23.54 -11.44 18.35
C GLU B 133 -24.85 -12.11 18.74
N ASP B 134 -25.01 -13.39 18.39
CA ASP B 134 -26.25 -14.09 18.73
C ASP B 134 -26.45 -14.14 20.24
N LEU B 135 -25.37 -14.37 20.99
CA LEU B 135 -25.50 -14.52 22.43
C LEU B 135 -25.80 -13.19 23.12
N LEU B 136 -25.23 -12.10 22.61
CA LEU B 136 -25.32 -10.81 23.27
C LEU B 136 -26.58 -10.04 22.93
N GLN B 137 -27.48 -10.61 22.12
CA GLN B 137 -28.70 -9.89 21.75
C GLN B 137 -29.48 -9.51 23.01
N GLY B 138 -29.94 -8.27 23.05
CA GLY B 138 -30.64 -7.73 24.19
C GLY B 138 -29.76 -7.04 25.21
N TYR B 139 -28.45 -7.07 25.05
CA TYR B 139 -27.53 -6.42 25.97
C TYR B 139 -27.15 -5.05 25.43
N GLU B 140 -27.28 -4.03 26.26
CA GLU B 140 -26.96 -2.65 25.91
C GLU B 140 -25.73 -2.20 26.67
N GLY B 141 -25.37 -0.93 26.47
CA GLY B 141 -24.22 -0.36 27.16
C GLY B 141 -22.91 -0.70 26.48
N GLU B 142 -21.84 -0.15 27.06
CA GLU B 142 -20.49 -0.34 26.54
C GLU B 142 -19.70 -1.39 27.31
N ILE B 143 -20.28 -1.97 28.35
CA ILE B 143 -19.58 -2.95 29.19
C ILE B 143 -20.56 -4.09 29.51
N LEU B 144 -19.99 -5.20 29.96
CA LEU B 144 -20.75 -6.37 30.41
C LEU B 144 -20.04 -6.89 31.66
N SER B 145 -20.49 -6.44 32.83
CA SER B 145 -19.86 -6.85 34.07
C SER B 145 -19.96 -8.35 34.27
N ASN B 146 -18.87 -8.96 34.74
CA ASN B 146 -18.88 -10.38 35.06
C ASN B 146 -19.65 -10.62 36.35
N GLY B 147 -20.97 -10.45 36.28
CA GLY B 147 -21.80 -10.51 37.47
C GLY B 147 -22.18 -11.93 37.87
N ASN B 148 -23.46 -12.14 38.15
CA ASN B 148 -23.95 -13.42 38.66
C ASN B 148 -25.05 -14.03 37.81
N ASP B 149 -25.63 -13.30 36.87
CA ASP B 149 -26.72 -13.84 36.07
C ASP B 149 -26.24 -15.05 35.27
N GLN B 150 -27.11 -16.06 35.17
CA GLN B 150 -26.75 -17.29 34.48
C GLN B 150 -26.39 -17.02 33.01
N ARG B 151 -27.08 -16.07 32.38
CA ARG B 151 -26.82 -15.79 30.97
C ARG B 151 -25.38 -15.33 30.76
N SER B 152 -24.92 -14.38 31.56
CA SER B 152 -23.56 -13.88 31.41
C SER B 152 -22.54 -14.98 31.66
N VAL B 153 -22.78 -15.82 32.67
CA VAL B 153 -21.88 -16.94 32.93
C VAL B 153 -21.86 -17.88 31.73
N ASN B 154 -23.02 -18.13 31.11
CA ASN B 154 -23.09 -19.07 30.00
C ASN B 154 -22.21 -18.60 28.84
N ILE B 155 -22.27 -17.31 28.51
CA ILE B 155 -21.50 -16.80 27.38
C ILE B 155 -20.01 -16.74 27.74
N ARG B 156 -19.69 -16.29 28.96
CA ARG B 156 -18.29 -16.18 29.35
C ARG B 156 -17.58 -17.52 29.24
N GLY B 157 -18.26 -18.60 29.63
CA GLY B 157 -17.72 -19.93 29.45
C GLY B 157 -17.84 -20.45 28.03
N ARG B 158 -18.37 -19.64 27.12
CA ARG B 158 -18.55 -20.02 25.73
C ARG B 158 -17.99 -19.00 24.75
N LEU B 159 -17.62 -17.80 25.22
CA LEU B 159 -17.17 -16.76 24.30
C LEU B 159 -15.86 -17.16 23.62
N PHE B 160 -14.89 -17.65 24.38
CA PHE B 160 -13.59 -17.93 23.81
C PHE B 160 -13.68 -18.96 22.68
N GLU B 161 -14.49 -20.00 22.88
CA GLU B 161 -14.58 -21.03 21.86
C GLU B 161 -15.33 -20.53 20.64
N ARG B 162 -16.18 -19.51 20.80
CA ARG B 162 -16.89 -18.95 19.66
C ARG B 162 -15.93 -18.30 18.68
N PHE B 163 -14.98 -17.51 19.18
CA PHE B 163 -14.06 -16.79 18.31
C PHE B 163 -12.95 -17.70 17.80
N PHE B 164 -12.36 -18.49 18.69
CA PHE B 164 -11.18 -19.29 18.38
C PHE B 164 -11.56 -20.77 18.34
N VAL B 165 -11.08 -21.47 17.31
CA VAL B 165 -11.34 -22.89 17.12
C VAL B 165 -10.00 -23.62 17.14
N LEU B 166 -9.88 -24.61 18.01
CA LEU B 166 -8.65 -25.38 18.10
C LEU B 166 -8.46 -26.20 16.83
N LEU B 167 -7.26 -26.12 16.26
CA LEU B 167 -6.93 -26.85 15.03
C LEU B 167 -5.85 -27.90 15.25
N HIS B 168 -4.70 -27.50 15.79
CA HIS B 168 -3.59 -28.42 15.98
C HIS B 168 -2.89 -28.13 17.30
N ILE B 169 -2.23 -29.16 17.82
CA ILE B 169 -1.33 -29.01 18.96
C ILE B 169 -0.08 -29.84 18.68
N THR B 170 0.99 -29.18 18.25
CA THR B 170 2.22 -29.85 17.87
C THR B 170 3.23 -29.77 19.01
N ASN B 171 3.78 -30.93 19.38
CA ASN B 171 4.85 -31.00 20.37
C ASN B 171 6.18 -31.06 19.62
N VAL B 172 7.05 -30.09 19.91
CA VAL B 172 8.32 -29.94 19.21
C VAL B 172 9.50 -30.26 20.12
N ALA B 173 9.48 -29.75 21.34
CA ALA B 173 10.54 -30.05 22.29
C ALA B 173 10.44 -31.50 22.74
N ALA B 174 11.56 -32.22 22.69
CA ALA B 174 11.57 -33.63 23.05
C ALA B 174 12.77 -34.03 23.92
N ASN B 175 13.69 -33.12 24.20
CA ASN B 175 14.88 -33.45 24.97
C ASN B 175 15.05 -32.48 26.15
N GLY B 176 13.97 -32.24 26.88
CA GLY B 176 14.01 -31.32 28.00
C GLY B 176 13.92 -29.86 27.63
N GLU B 177 13.76 -29.54 26.36
CA GLU B 177 13.66 -28.15 25.94
C GLU B 177 12.31 -27.57 26.34
N HIS B 178 12.27 -26.24 26.45
CA HIS B 178 11.04 -25.52 26.79
C HIS B 178 10.88 -24.34 25.85
N LEU B 179 9.71 -24.23 25.24
CA LEU B 179 9.45 -23.17 24.29
C LEU B 179 9.40 -21.82 25.00
N ASN B 180 9.93 -20.79 24.35
CA ASN B 180 9.92 -19.45 24.90
C ASN B 180 8.58 -18.79 24.57
N ARG B 181 7.93 -18.23 25.59
CA ARG B 181 6.61 -17.64 25.38
C ARG B 181 6.67 -16.42 24.48
N GLU B 182 7.75 -15.65 24.55
CA GLU B 182 7.83 -14.38 23.83
C GLU B 182 8.49 -14.51 22.46
N CYS B 183 8.83 -15.73 22.03
CA CYS B 183 9.50 -15.94 20.75
C CYS B 183 8.49 -16.41 19.72
N SER B 184 8.41 -15.69 18.59
CA SER B 184 7.50 -16.06 17.53
C SER B 184 7.82 -15.21 16.30
N LEU B 185 7.82 -15.85 15.13
CA LEU B 185 8.04 -15.17 13.87
C LEU B 185 7.21 -15.86 12.79
N PHE B 186 6.64 -15.07 11.90
CA PHE B 186 5.84 -15.59 10.78
C PHE B 186 6.58 -15.30 9.47
N THR B 187 6.57 -16.28 8.57
CA THR B 187 7.24 -16.12 7.30
C THR B 187 6.56 -15.05 6.46
N ASP B 188 7.25 -14.61 5.41
CA ASP B 188 6.69 -13.59 4.54
C ASP B 188 5.39 -14.05 3.90
N ASP B 189 5.35 -15.30 3.44
CA ASP B 189 4.12 -15.85 2.88
C ASP B 189 3.09 -16.19 3.94
N CYS B 190 3.46 -16.14 5.22
CA CYS B 190 2.59 -16.47 6.35
C CYS B 190 2.28 -17.95 6.41
N ARG B 191 2.85 -18.77 5.51
CA ARG B 191 2.57 -20.20 5.53
C ARG B 191 3.09 -20.85 6.80
N CYS B 192 4.28 -20.45 7.26
CA CYS B 192 4.97 -21.14 8.34
C CYS B 192 5.27 -20.17 9.47
N VAL B 193 5.42 -20.73 10.67
CA VAL B 193 5.79 -19.98 11.87
C VAL B 193 7.10 -20.54 12.39
N ILE B 194 7.86 -19.70 13.08
CA ILE B 194 9.17 -20.05 13.59
C ILE B 194 9.18 -19.84 15.10
N VAL B 195 9.54 -20.90 15.84
CA VAL B 195 9.63 -20.85 17.29
C VAL B 195 10.95 -21.47 17.72
N GLY B 196 11.40 -21.09 18.90
CA GLY B 196 12.66 -21.57 19.43
C GLY B 196 12.52 -22.14 20.83
N SER B 197 13.28 -23.20 21.10
CA SER B 197 13.24 -23.89 22.38
C SER B 197 14.61 -23.82 23.03
N ALA B 198 14.63 -23.60 24.34
CA ALA B 198 15.86 -23.46 25.11
C ALA B 198 15.88 -24.50 26.23
N ALA B 199 17.09 -24.96 26.55
CA ALA B 199 17.28 -25.95 27.61
C ALA B 199 18.55 -25.60 28.37
N TYR B 200 18.41 -25.29 29.66
CA TYR B 200 19.58 -24.97 30.47
C TYR B 200 20.53 -26.16 30.50
N LEU B 201 21.82 -25.86 30.45
CA LEU B 201 22.83 -26.91 30.55
C LEU B 201 23.05 -27.28 32.02
N PRO B 202 23.42 -28.53 32.29
CA PRO B 202 23.67 -28.93 33.68
C PRO B 202 24.91 -28.24 34.24
N ASP B 203 24.91 -28.08 35.57
CA ASP B 203 26.02 -27.41 36.22
C ASP B 203 27.31 -28.19 36.03
N GLU B 204 27.27 -29.51 36.17
CA GLU B 204 28.42 -30.36 35.94
C GLU B 204 28.03 -31.54 35.07
N PRO B 205 28.98 -32.10 34.30
CA PRO B 205 30.39 -31.69 34.21
C PRO B 205 30.56 -30.42 33.39
N HIS B 206 31.57 -29.61 33.70
CA HIS B 206 31.73 -28.35 33.00
C HIS B 206 32.02 -28.61 31.53
N PRO B 207 31.56 -27.73 30.62
CA PRO B 207 31.76 -27.99 29.20
C PRO B 207 33.23 -27.88 28.82
N PRO B 208 33.66 -28.55 27.75
CA PRO B 208 35.07 -28.44 27.34
C PRO B 208 35.44 -27.01 27.01
N PHE B 209 36.71 -26.67 27.29
CA PHE B 209 37.19 -25.32 26.98
C PHE B 209 37.11 -25.04 25.49
N PHE B 210 37.54 -25.99 24.66
CA PHE B 210 37.49 -25.80 23.21
C PHE B 210 36.07 -25.80 22.66
N GLU B 211 35.08 -26.24 23.45
CA GLU B 211 33.70 -26.18 23.01
C GLU B 211 33.03 -24.90 23.47
N VAL B 212 33.21 -24.54 24.74
CA VAL B 212 32.63 -23.30 25.25
C VAL B 212 33.27 -22.09 24.59
N TYR B 213 34.60 -22.13 24.40
CA TYR B 213 35.35 -21.05 23.77
C TYR B 213 35.80 -21.53 22.39
N ARG B 214 35.29 -20.89 21.34
CA ARG B 214 35.67 -21.20 19.97
C ARG B 214 36.33 -20.04 19.25
N ASN B 215 36.57 -18.92 19.92
CA ASN B 215 37.23 -17.78 19.29
C ASN B 215 37.85 -16.92 20.38
N SER B 216 38.77 -16.05 19.96
CA SER B 216 39.44 -15.16 20.90
C SER B 216 38.50 -14.09 21.47
N GLU B 217 37.43 -13.76 20.75
CA GLU B 217 36.49 -12.72 21.17
C GLU B 217 35.27 -13.29 21.88
N SER B 218 35.32 -14.56 22.28
CA SER B 218 34.18 -15.18 22.94
C SER B 218 33.93 -14.51 24.29
N VAL B 219 32.66 -14.47 24.69
CA VAL B 219 32.26 -13.89 25.96
C VAL B 219 32.49 -14.89 27.07
N THR B 220 32.64 -14.36 28.30
CA THR B 220 32.76 -15.20 29.49
C THR B 220 31.38 -15.32 30.12
N PRO B 221 30.78 -16.51 30.19
CA PRO B 221 29.42 -16.62 30.72
C PRO B 221 29.34 -16.10 32.15
N ASN B 222 28.23 -15.43 32.45
CA ASN B 222 27.99 -14.90 33.78
C ASN B 222 27.31 -15.93 34.66
N PRO B 223 27.50 -15.85 35.98
CA PRO B 223 26.92 -16.88 36.86
C PRO B 223 25.41 -16.94 36.79
N ARG B 224 24.73 -15.81 36.64
CA ARG B 224 23.28 -15.77 36.73
C ARG B 224 22.61 -16.37 35.50
N SER B 225 23.27 -16.35 34.34
CA SER B 225 22.70 -16.84 33.08
C SER B 225 23.67 -17.81 32.44
N PRO B 226 23.72 -19.05 32.93
CA PRO B 226 24.61 -20.04 32.32
C PRO B 226 24.18 -20.39 30.91
N LEU B 227 25.12 -20.95 30.16
CA LEU B 227 24.88 -21.25 28.75
C LEU B 227 23.70 -22.20 28.60
N GLU B 228 23.25 -22.34 27.35
CA GLU B 228 22.08 -23.14 27.03
C GLU B 228 22.29 -23.80 25.67
N ASP B 229 21.46 -24.79 25.38
CA ASP B 229 21.46 -25.48 24.09
C ASP B 229 20.16 -25.12 23.38
N TYR B 230 20.26 -24.36 22.30
CA TYR B 230 19.10 -23.80 21.63
C TYR B 230 18.73 -24.61 20.39
N SER B 231 17.48 -24.48 19.97
CA SER B 231 16.99 -25.08 18.75
C SER B 231 15.89 -24.21 18.18
N LEU B 232 15.83 -24.13 16.85
CA LEU B 232 14.85 -23.33 16.15
C LEU B 232 14.01 -24.24 15.26
N HIS B 233 12.70 -24.05 15.30
CA HIS B 233 11.76 -24.90 14.58
C HIS B 233 10.89 -24.07 13.66
N ILE B 234 10.61 -24.61 12.47
CA ILE B 234 9.69 -24.01 11.51
C ILE B 234 8.50 -24.94 11.38
N ILE B 235 7.31 -24.42 11.61
CA ILE B 235 6.08 -25.21 11.67
C ILE B 235 5.08 -24.62 10.68
N ASP B 236 4.50 -25.48 9.86
CA ASP B 236 3.45 -25.05 8.94
C ASP B 236 2.15 -24.85 9.71
N LEU B 237 1.55 -23.67 9.58
CA LEU B 237 0.36 -23.35 10.37
C LEU B 237 -0.84 -24.17 9.90
N HIS B 238 -0.96 -24.43 8.60
CA HIS B 238 -2.13 -25.11 8.08
C HIS B 238 -2.25 -26.52 8.65
N THR B 239 -1.15 -27.27 8.64
CA THR B 239 -1.18 -28.68 9.02
C THR B 239 -0.53 -28.98 10.36
N GLY B 240 0.30 -28.10 10.88
CA GLY B 240 1.02 -28.36 12.10
C GLY B 240 2.27 -29.20 11.95
N ARG B 241 2.61 -29.61 10.73
CA ARG B 241 3.81 -30.39 10.51
C ARG B 241 5.05 -29.60 10.91
N LEU B 242 6.07 -30.34 11.36
CA LEU B 242 7.34 -29.72 11.75
C LEU B 242 8.23 -29.70 10.50
N CYS B 243 8.31 -28.53 9.87
CA CYS B 243 8.99 -28.42 8.59
C CYS B 243 10.48 -28.77 8.72
N ASP B 244 11.15 -28.23 9.73
CA ASP B 244 12.59 -28.47 9.90
C ASP B 244 13.02 -27.84 11.21
N THR B 245 14.15 -28.31 11.72
CA THR B 245 14.69 -27.83 12.99
C THR B 245 16.20 -27.77 12.91
N ARG B 246 16.79 -26.72 13.47
CA ARG B 246 18.23 -26.57 13.58
C ARG B 246 18.61 -26.35 15.04
N THR B 247 19.82 -26.78 15.40
CA THR B 247 20.26 -26.81 16.79
C THR B 247 21.51 -25.96 16.96
N PHE B 248 21.63 -25.35 18.13
CA PHE B 248 22.78 -24.55 18.51
C PHE B 248 23.21 -24.96 19.92
N LYS B 249 24.49 -25.29 20.08
CA LYS B 249 25.00 -25.87 21.32
C LYS B 249 25.89 -24.86 22.03
N CYS B 250 25.62 -24.65 23.32
CA CYS B 250 26.47 -23.82 24.18
C CYS B 250 26.56 -22.38 23.65
N ASP B 251 25.40 -21.72 23.59
CA ASP B 251 25.34 -20.32 23.23
C ASP B 251 24.57 -19.51 24.26
N LYS B 252 24.34 -18.24 23.98
CA LYS B 252 23.45 -17.41 24.79
C LYS B 252 22.68 -16.51 23.82
N VAL B 253 21.51 -16.97 23.41
CA VAL B 253 20.67 -16.29 22.44
C VAL B 253 19.39 -15.85 23.15
N VAL B 254 19.05 -14.59 23.00
CA VAL B 254 17.88 -14.01 23.69
C VAL B 254 16.68 -14.27 22.78
N LEU B 255 15.99 -15.38 23.02
CA LEU B 255 14.76 -15.67 22.30
C LEU B 255 13.66 -14.68 22.66
N SER B 256 13.66 -14.18 23.89
CA SER B 256 12.58 -13.30 24.34
C SER B 256 12.48 -12.08 23.45
N HIS B 257 11.27 -11.83 22.94
CA HIS B 257 10.98 -10.68 22.09
C HIS B 257 11.76 -10.70 20.79
N ASN B 258 12.28 -11.86 20.40
CA ASN B 258 13.04 -12.00 19.15
C ASN B 258 14.25 -11.07 19.14
N GLN B 259 14.77 -10.73 20.32
CA GLN B 259 15.86 -9.78 20.39
C GLN B 259 17.09 -10.28 19.64
N GLY B 260 17.37 -11.58 19.73
CA GLY B 260 18.49 -12.18 19.03
C GLY B 260 18.15 -12.69 17.65
N LEU B 261 16.96 -12.40 17.14
CA LEU B 261 16.51 -12.91 15.85
C LEU B 261 15.98 -11.76 14.99
N TYR B 262 16.00 -11.98 13.68
CA TYR B 262 15.42 -11.01 12.75
C TYR B 262 15.22 -11.70 11.41
N LEU B 263 14.03 -11.53 10.83
CA LEU B 263 13.69 -12.09 9.53
C LEU B 263 13.32 -10.98 8.57
N TYR B 264 13.97 -10.94 7.42
CA TYR B 264 13.66 -10.00 6.36
C TYR B 264 13.24 -10.81 5.14
N LYS B 265 11.96 -10.73 4.77
CA LYS B 265 11.43 -11.53 3.68
C LYS B 265 11.69 -13.01 3.96
N ASN B 266 12.76 -13.57 3.37
CA ASN B 266 13.10 -14.97 3.56
C ASN B 266 14.48 -15.18 4.15
N ILE B 267 15.15 -14.12 4.61
CA ILE B 267 16.49 -14.22 5.19
C ILE B 267 16.34 -14.09 6.70
N LEU B 268 16.89 -15.06 7.42
CA LEU B 268 16.84 -15.10 8.88
C LEU B 268 18.25 -14.95 9.44
N ALA B 269 18.39 -14.12 10.47
CA ALA B 269 19.66 -13.85 11.11
C ALA B 269 19.57 -14.16 12.59
N ILE B 270 20.57 -14.86 13.11
CA ILE B 270 20.65 -15.20 14.53
C ILE B 270 21.98 -14.70 15.07
N LEU B 271 21.93 -13.94 16.16
CA LEU B 271 23.13 -13.41 16.79
C LEU B 271 23.46 -14.26 18.00
N SER B 272 24.67 -14.85 17.99
CA SER B 272 25.16 -15.65 19.10
C SER B 272 26.08 -14.77 19.94
N VAL B 273 25.54 -14.21 21.02
CA VAL B 273 26.29 -13.26 21.84
C VAL B 273 27.51 -13.94 22.45
N GLN B 274 27.35 -15.17 22.92
CA GLN B 274 28.46 -15.85 23.58
C GLN B 274 29.65 -16.00 22.64
N GLN B 275 29.40 -16.38 21.39
CA GLN B 275 30.45 -16.63 20.42
C GLN B 275 30.71 -15.45 19.49
N GLN B 276 29.97 -14.36 19.65
CA GLN B 276 30.13 -13.17 18.80
C GLN B 276 30.09 -13.57 17.32
N THR B 277 29.13 -14.43 17.00
CA THR B 277 29.01 -14.98 15.66
C THR B 277 27.56 -14.85 15.21
N ILE B 278 27.37 -14.65 13.92
CA ILE B 278 26.05 -14.50 13.33
C ILE B 278 25.83 -15.61 12.33
N HIS B 279 24.76 -16.38 12.51
CA HIS B 279 24.34 -17.40 11.57
C HIS B 279 23.20 -16.87 10.73
N VAL B 280 23.29 -17.05 9.42
CA VAL B 280 22.30 -16.56 8.48
C VAL B 280 21.72 -17.74 7.73
N PHE B 281 20.39 -17.84 7.71
CA PHE B 281 19.69 -18.93 7.05
C PHE B 281 18.70 -18.38 6.04
N GLN B 282 18.49 -19.15 4.97
CA GLN B 282 17.53 -18.81 3.92
C GLN B 282 16.32 -19.69 4.09
N VAL B 283 15.13 -19.08 4.11
CA VAL B 283 13.88 -19.78 4.33
C VAL B 283 13.28 -20.11 2.97
N THR B 284 13.23 -21.40 2.65
CA THR B 284 12.62 -21.85 1.40
C THR B 284 11.10 -21.76 1.49
N PRO B 285 10.42 -21.80 0.34
CA PRO B 285 8.95 -21.85 0.39
C PRO B 285 8.43 -23.04 1.18
N GLU B 286 9.15 -24.16 1.16
CA GLU B 286 8.76 -25.33 1.93
C GLU B 286 8.94 -25.13 3.43
N GLY B 287 9.61 -24.06 3.85
CA GLY B 287 9.91 -23.88 5.26
C GLY B 287 11.11 -24.64 5.74
N THR B 288 12.04 -24.97 4.83
CA THR B 288 13.24 -25.71 5.17
C THR B 288 14.43 -24.75 5.23
N PHE B 289 15.16 -24.80 6.34
CA PHE B 289 16.32 -23.93 6.50
C PHE B 289 17.41 -24.31 5.50
N ILE B 290 18.11 -23.30 5.00
CA ILE B 290 19.30 -23.48 4.17
C ILE B 290 20.38 -22.57 4.70
N ASP B 291 21.56 -23.14 4.97
CA ASP B 291 22.68 -22.34 5.45
C ASP B 291 23.08 -21.33 4.39
N VAL B 292 23.35 -20.09 4.82
CA VAL B 292 23.75 -19.02 3.91
C VAL B 292 25.22 -18.73 4.11
N ARG B 293 25.58 -18.31 5.30
CA ARG B 293 26.98 -18.04 5.65
C ARG B 293 27.02 -17.68 7.13
N THR B 294 28.25 -17.62 7.66
CA THR B 294 28.48 -17.31 9.06
C THR B 294 29.46 -16.15 9.14
N ILE B 295 29.12 -15.15 9.95
CA ILE B 295 29.93 -13.95 10.11
C ILE B 295 30.59 -13.99 11.48
N GLY B 296 31.86 -13.63 11.53
CA GLY B 296 32.63 -13.73 12.76
C GLY B 296 34.13 -13.74 12.52
N ARG B 297 34.82 -14.75 13.05
CA ARG B 297 36.26 -14.86 12.90
C ARG B 297 36.63 -14.84 11.42
N PHE B 298 35.74 -15.34 10.57
CA PHE B 298 35.91 -15.30 9.12
C PHE B 298 34.70 -14.63 8.50
N CYS B 299 34.94 -13.90 7.41
CA CYS B 299 33.87 -13.19 6.71
C CYS B 299 33.44 -13.88 5.43
N TYR B 300 34.28 -14.71 4.83
CA TYR B 300 33.94 -15.47 3.64
C TYR B 300 33.78 -16.94 4.01
N GLU B 301 32.78 -17.58 3.40
CA GLU B 301 32.48 -18.98 3.72
C GLU B 301 33.66 -19.90 3.43
N ASP B 302 34.53 -19.53 2.49
CA ASP B 302 35.67 -20.37 2.11
C ASP B 302 36.94 -20.01 2.87
N ASP B 303 36.86 -19.10 3.84
CA ASP B 303 38.06 -18.68 4.56
C ASP B 303 38.72 -19.87 5.26
N LEU B 304 37.93 -20.68 5.96
CA LEU B 304 38.50 -21.82 6.67
C LEU B 304 39.12 -22.83 5.71
N LEU B 305 38.48 -23.02 4.55
CA LEU B 305 38.97 -24.02 3.60
C LEU B 305 40.39 -23.71 3.16
N THR B 306 40.66 -22.45 2.80
CA THR B 306 41.99 -22.09 2.31
C THR B 306 43.06 -22.28 3.39
N VAL B 307 42.78 -21.79 4.60
CA VAL B 307 43.78 -21.87 5.67
C VAL B 307 44.01 -23.31 6.08
N SER B 308 42.98 -24.15 6.03
CA SER B 308 43.12 -25.53 6.49
C SER B 308 44.23 -26.25 5.73
N ALA B 309 44.25 -26.10 4.41
CA ALA B 309 45.29 -26.75 3.62
C ALA B 309 46.68 -26.22 3.97
N VAL B 310 46.82 -24.90 4.10
CA VAL B 310 48.11 -24.31 4.39
C VAL B 310 48.45 -24.46 5.87
N PHE B 311 47.52 -24.07 6.75
CA PHE B 311 47.72 -24.10 8.19
C PHE B 311 46.54 -24.84 8.82
N PRO B 312 46.57 -26.17 8.84
CA PRO B 312 45.42 -26.91 9.38
C PRO B 312 45.12 -26.62 10.84
N GLU B 313 46.07 -26.07 11.58
CA GLU B 313 45.86 -25.73 12.99
C GLU B 313 45.58 -26.99 13.81
N PHE B 326 40.87 -19.44 20.16
CA PHE B 326 41.82 -19.27 21.26
C PHE B 326 43.23 -19.67 20.83
N ARG B 327 43.30 -20.64 19.90
CA ARG B 327 44.60 -21.08 19.40
C ARG B 327 45.22 -20.05 18.45
N ASP B 328 44.40 -19.18 17.86
CA ASP B 328 44.86 -18.20 16.90
C ASP B 328 44.80 -16.81 17.51
N PRO B 329 45.88 -16.04 17.53
CA PRO B 329 45.81 -14.67 18.08
C PRO B 329 45.32 -13.64 17.09
N PHE B 330 45.17 -13.98 15.81
CA PHE B 330 44.68 -13.02 14.84
C PHE B 330 43.26 -12.60 15.19
N ILE B 331 42.99 -11.29 15.09
CA ILE B 331 41.65 -10.79 15.40
C ILE B 331 40.69 -11.19 14.29
N ASN B 332 39.40 -11.04 14.58
CA ASN B 332 38.36 -11.50 13.67
C ASN B 332 38.40 -10.72 12.36
N SER B 333 38.04 -11.41 11.27
CA SER B 333 38.00 -10.75 9.97
C SER B 333 37.04 -9.57 9.99
N LEU B 334 35.86 -9.76 10.57
CA LEU B 334 34.89 -8.66 10.67
C LEU B 334 35.44 -7.54 11.54
N LYS B 335 35.95 -7.88 12.72
CA LYS B 335 36.46 -6.84 13.62
C LYS B 335 37.61 -6.08 12.99
N HIS B 336 38.40 -6.74 12.15
CA HIS B 336 39.47 -6.05 11.44
C HIS B 336 38.90 -4.96 10.54
N ARG B 337 37.82 -5.27 9.81
CA ARG B 337 37.20 -4.28 8.94
C ARG B 337 36.67 -3.10 9.74
N LEU B 338 36.04 -3.37 10.88
CA LEU B 338 35.62 -2.27 11.75
C LEU B 338 36.83 -1.48 12.24
N LEU B 339 37.93 -2.16 12.51
CA LEU B 339 39.15 -1.46 12.92
C LEU B 339 39.71 -0.63 11.77
N VAL B 340 39.68 -1.16 10.55
CA VAL B 340 40.17 -0.41 9.40
C VAL B 340 39.39 0.89 9.25
N TYR B 341 38.05 0.80 9.32
CA TYR B 341 37.22 1.97 9.14
C TYR B 341 37.53 3.04 10.18
N LEU B 342 37.60 2.65 11.45
CA LEU B 342 37.96 3.60 12.49
C LEU B 342 39.37 4.12 12.31
N TRP B 343 40.23 3.36 11.61
CA TRP B 343 41.59 3.81 11.34
C TRP B 343 41.62 4.78 10.17
N ARG B 344 41.03 4.39 9.04
CA ARG B 344 41.06 5.25 7.86
C ARG B 344 40.34 6.56 8.11
N ARG B 345 39.24 6.54 8.87
CA ARG B 345 38.58 7.79 9.24
C ARG B 345 39.51 8.66 10.08
N ALA B 346 40.21 8.05 11.04
CA ALA B 346 41.15 8.80 11.87
C ALA B 346 42.37 9.26 11.08
N GLU B 347 42.64 8.63 9.94
CA GLU B 347 43.74 9.06 9.08
C GLU B 347 43.45 10.37 8.36
N GLN B 348 42.17 10.65 8.08
CA GLN B 348 41.83 11.87 7.35
C GLN B 348 42.20 13.11 8.15
N ASP B 349 41.93 13.11 9.46
CA ASP B 349 42.22 14.29 10.27
C ASP B 349 43.71 14.59 10.27
N GLY B 350 44.55 13.57 10.47
CA GLY B 350 45.98 13.76 10.40
C GLY B 350 46.59 14.31 11.66
N SER B 351 45.80 15.06 12.44
CA SER B 351 46.33 15.70 13.64
C SER B 351 46.75 14.65 14.66
N ALA B 352 47.74 15.02 15.48
CA ALA B 352 48.24 14.12 16.50
C ALA B 352 47.14 13.73 17.48
N MET B 353 46.17 14.63 17.68
CA MET B 353 45.06 14.35 18.59
C MET B 353 44.31 13.12 18.11
N ALA B 354 43.85 13.15 16.85
CA ALA B 354 43.14 11.99 16.30
C ALA B 354 44.02 10.75 16.32
N LYS B 355 45.30 10.92 15.99
CA LYS B 355 46.25 9.82 16.14
C LYS B 355 46.41 9.44 17.61
N ARG B 356 46.43 10.44 18.49
CA ARG B 356 46.58 10.17 19.92
C ARG B 356 45.43 9.33 20.45
N ARG B 357 44.20 9.69 20.08
CA ARG B 357 43.04 8.99 20.61
C ARG B 357 42.93 7.57 20.04
N PHE B 358 43.25 7.40 18.76
CA PHE B 358 43.05 6.10 18.13
C PHE B 358 43.84 5.00 18.84
N PHE B 359 45.13 5.24 19.08
CA PHE B 359 45.96 4.24 19.76
C PHE B 359 45.68 4.20 21.26
N GLN B 360 45.29 5.32 21.86
CA GLN B 360 45.02 5.35 23.29
C GLN B 360 43.88 4.41 23.65
N TYR B 361 42.80 4.42 22.84
CA TYR B 361 41.62 3.61 23.11
C TYR B 361 41.59 2.35 22.25
N PHE B 362 42.70 2.01 21.60
CA PHE B 362 42.72 0.81 20.76
C PHE B 362 42.38 -0.43 21.56
N ASP B 363 42.97 -0.58 22.74
CA ASP B 363 42.68 -1.74 23.58
C ASP B 363 41.22 -1.75 23.99
N GLN B 364 40.70 -0.61 24.46
CA GLN B 364 39.30 -0.54 24.86
C GLN B 364 38.39 -0.83 23.68
N LEU B 365 38.75 -0.34 22.49
CA LEU B 365 37.93 -0.58 21.30
C LEU B 365 38.06 -2.01 20.79
N ARG B 366 39.22 -2.63 20.98
CA ARG B 366 39.42 -3.98 20.43
C ARG B 366 38.57 -5.02 21.14
N GLN B 367 38.16 -4.74 22.38
CA GLN B 367 37.35 -5.68 23.15
C GLN B 367 35.85 -5.49 22.96
N LEU B 368 35.44 -4.59 22.08
CA LEU B 368 34.02 -4.37 21.86
C LEU B 368 33.36 -5.64 21.36
N ARG B 369 32.11 -5.86 21.78
CA ARG B 369 31.39 -7.08 21.50
C ARG B 369 30.01 -6.76 20.94
N MET B 370 29.56 -7.61 20.02
CA MET B 370 28.24 -7.46 19.44
C MET B 370 27.16 -7.70 20.50
N TRP B 371 26.07 -6.94 20.41
CA TRP B 371 24.96 -7.09 21.34
C TRP B 371 23.62 -7.28 20.65
N LYS B 372 23.39 -6.62 19.52
CA LYS B 372 22.13 -6.72 18.79
C LYS B 372 22.43 -6.82 17.31
N MET B 373 21.39 -6.81 16.49
CA MET B 373 21.53 -6.78 15.04
C MET B 373 20.15 -6.66 14.43
N GLN B 374 20.11 -6.31 13.15
CA GLN B 374 18.88 -6.27 12.37
C GLN B 374 19.26 -6.07 10.90
N LEU B 375 18.44 -6.62 10.02
CA LEU B 375 18.69 -6.56 8.59
C LEU B 375 18.03 -5.33 8.00
N LEU B 376 18.84 -4.44 7.43
CA LEU B 376 18.31 -3.31 6.67
C LEU B 376 17.83 -3.74 5.28
N ASP B 377 18.40 -4.79 4.73
CA ASP B 377 17.96 -5.36 3.45
C ASP B 377 18.35 -6.83 3.45
N GLU B 378 18.30 -7.44 2.26
CA GLU B 378 18.71 -8.84 2.14
C GLU B 378 20.21 -9.04 2.25
N ASN B 379 21.01 -7.97 2.19
CA ASN B 379 22.46 -8.12 2.22
C ASN B 379 23.15 -7.06 3.09
N HIS B 380 22.44 -6.44 4.03
CA HIS B 380 23.03 -5.43 4.92
C HIS B 380 22.60 -5.72 6.35
N LEU B 381 23.54 -5.57 7.27
CA LEU B 381 23.31 -5.79 8.69
C LEU B 381 23.64 -4.52 9.47
N PHE B 382 22.73 -4.13 10.35
CA PHE B 382 22.91 -2.96 11.22
C PHE B 382 23.24 -3.50 12.62
N ILE B 383 24.51 -3.78 12.86
CA ILE B 383 24.96 -4.33 14.14
C ILE B 383 25.10 -3.20 15.15
N LYS B 384 24.96 -3.54 16.42
CA LYS B 384 25.25 -2.63 17.52
C LYS B 384 26.35 -3.22 18.37
N TYR B 385 27.31 -2.38 18.75
CA TYR B 385 28.45 -2.80 19.57
C TYR B 385 28.41 -2.08 20.91
N THR B 386 28.93 -2.75 21.93
CA THR B 386 28.96 -2.18 23.27
C THR B 386 30.05 -2.88 24.07
N SER B 387 30.24 -2.44 25.30
CA SER B 387 31.28 -2.98 26.14
C SER B 387 30.95 -4.43 26.54
N GLU B 388 32.02 -5.19 26.83
CA GLU B 388 31.84 -6.59 27.17
C GLU B 388 31.04 -6.75 28.45
N ASP B 389 31.22 -5.84 29.41
CA ASP B 389 30.47 -5.94 30.66
C ASP B 389 28.98 -5.78 30.42
N VAL B 390 28.59 -4.78 29.62
CA VAL B 390 27.16 -4.47 29.45
C VAL B 390 26.44 -5.63 28.79
N VAL B 391 27.06 -6.22 27.76
CA VAL B 391 26.40 -7.30 27.01
C VAL B 391 26.10 -8.49 27.92
N THR B 392 26.76 -8.58 29.06
CA THR B 392 26.50 -9.64 30.04
C THR B 392 25.59 -9.18 31.17
N LEU B 393 24.98 -8.00 31.03
CA LEU B 393 23.99 -7.50 31.98
C LEU B 393 24.60 -7.32 33.38
N ARG B 394 25.60 -6.44 33.44
CA ARG B 394 26.24 -6.11 34.71
C ARG B 394 26.35 -4.60 34.90
N VAL B 395 26.34 -3.84 33.81
CA VAL B 395 26.55 -2.40 33.84
C VAL B 395 25.51 -1.71 32.97
N THR B 396 25.35 -0.40 33.20
CA THR B 396 24.42 0.41 32.43
C THR B 396 25.10 0.91 31.16
N ASP B 397 24.45 0.67 30.02
CA ASP B 397 24.99 1.02 28.71
C ASP B 397 25.20 2.52 28.55
N PRO B 398 24.26 3.38 28.96
CA PRO B 398 24.38 4.81 28.66
C PRO B 398 25.76 5.38 28.97
N SER B 399 26.38 4.94 30.06
CA SER B 399 27.73 5.37 30.37
C SER B 399 28.75 4.81 29.41
N GLN B 400 28.41 3.75 28.67
CA GLN B 400 29.31 3.11 27.72
C GLN B 400 28.91 3.49 26.30
N ALA B 401 29.88 3.92 25.51
CA ALA B 401 29.60 4.30 24.12
C ALA B 401 29.29 3.06 23.29
N SER B 402 28.20 3.14 22.54
CA SER B 402 27.77 2.05 21.67
C SER B 402 27.95 2.46 20.22
N PHE B 403 28.65 1.63 19.46
CA PHE B 403 28.99 1.92 18.07
C PHE B 403 28.06 1.12 17.15
N PHE B 404 27.31 1.84 16.32
CA PHE B 404 26.44 1.22 15.32
C PHE B 404 27.23 1.04 14.03
N VAL B 405 27.06 -0.12 13.41
CA VAL B 405 27.84 -0.49 12.22
C VAL B 405 26.89 -1.02 11.16
N VAL B 406 27.11 -0.59 9.91
CA VAL B 406 26.42 -1.11 8.74
C VAL B 406 27.43 -1.96 7.97
N TYR B 407 27.07 -3.21 7.72
CA TYR B 407 27.97 -4.17 7.09
C TYR B 407 27.27 -4.83 5.91
N ASN B 408 28.02 -5.00 4.82
CA ASN B 408 27.51 -5.65 3.62
C ASN B 408 27.94 -7.11 3.63
N MET B 409 26.98 -8.01 3.48
CA MET B 409 27.27 -9.44 3.59
C MET B 409 28.08 -9.94 2.39
N VAL B 410 27.69 -9.53 1.18
CA VAL B 410 28.33 -10.07 -0.02
C VAL B 410 29.64 -9.35 -0.30
N THR B 411 29.61 -8.01 -0.27
CA THR B 411 30.81 -7.24 -0.57
C THR B 411 31.83 -7.31 0.56
N THR B 412 31.37 -7.38 1.82
CA THR B 412 32.25 -7.51 2.99
C THR B 412 33.09 -6.27 3.23
N GLU B 413 32.44 -5.11 3.34
CA GLU B 413 33.09 -3.92 3.88
C GLU B 413 32.13 -3.22 4.82
N VAL B 414 32.71 -2.47 5.76
CA VAL B 414 31.92 -1.64 6.66
C VAL B 414 31.55 -0.34 5.95
N ILE B 415 30.29 -0.21 5.57
CA ILE B 415 29.82 0.98 4.86
C ILE B 415 29.86 2.21 5.76
N ALA B 416 29.38 2.10 7.00
CA ALA B 416 29.33 3.26 7.89
C ALA B 416 29.44 2.80 9.32
N VAL B 417 29.85 3.72 10.19
CA VAL B 417 29.97 3.48 11.62
C VAL B 417 29.59 4.76 12.34
N PHE B 418 28.57 4.69 13.19
CA PHE B 418 28.04 5.85 13.89
C PHE B 418 28.22 5.68 15.39
N GLU B 419 28.81 6.68 16.03
CA GLU B 419 28.89 6.69 17.48
C GLU B 419 27.48 6.81 18.07
N ASN B 420 27.39 6.63 19.38
CA ASN B 420 26.09 6.71 20.04
C ASN B 420 25.51 8.11 19.90
N THR B 421 26.36 9.14 20.04
CA THR B 421 25.92 10.52 19.91
C THR B 421 26.01 11.03 18.48
N SER B 422 25.93 10.15 17.49
CA SER B 422 26.07 10.54 16.09
C SER B 422 24.77 11.18 15.63
N ASP B 423 24.76 12.51 15.51
CA ASP B 423 23.58 13.20 15.03
C ASP B 423 23.25 12.80 13.59
N GLU B 424 24.25 12.41 12.81
CA GLU B 424 23.98 11.96 11.45
C GLU B 424 23.07 10.74 11.46
N LEU B 425 23.31 9.80 12.37
CA LEU B 425 22.43 8.64 12.50
C LEU B 425 21.02 9.07 12.90
N LEU B 426 20.91 9.99 13.85
CA LEU B 426 19.58 10.43 14.29
C LEU B 426 18.81 11.04 13.13
N GLU B 427 19.48 11.84 12.28
CA GLU B 427 18.82 12.38 11.11
C GLU B 427 18.28 11.27 10.22
N LEU B 428 19.07 10.21 10.02
CA LEU B 428 18.61 9.08 9.22
C LEU B 428 17.41 8.40 9.88
N PHE B 429 17.46 8.22 11.19
CA PHE B 429 16.42 7.46 11.86
C PHE B 429 15.05 8.13 11.71
N GLU B 430 14.98 9.42 12.05
CA GLU B 430 13.70 10.12 11.95
C GLU B 430 13.25 10.33 10.51
N ASN B 431 14.20 10.49 9.58
CA ASN B 431 13.88 10.64 8.17
C ASN B 431 13.61 9.31 7.48
N PHE B 432 13.92 8.18 8.13
CA PHE B 432 13.74 6.88 7.51
C PHE B 432 13.19 5.86 8.52
N CYS B 433 12.42 6.33 9.50
CA CYS B 433 11.89 5.43 10.52
C CYS B 433 11.12 4.27 9.90
N ASP B 434 10.47 4.52 8.76
CA ASP B 434 9.74 3.45 8.10
C ASP B 434 10.67 2.33 7.65
N LEU B 435 11.84 2.69 7.12
CA LEU B 435 12.77 1.69 6.62
C LEU B 435 13.44 0.92 7.76
N PHE B 436 13.64 1.56 8.91
CA PHE B 436 14.19 0.85 10.06
C PHE B 436 13.16 -0.10 10.66
N ARG B 437 11.91 0.35 10.81
CA ARG B 437 10.90 -0.49 11.44
C ARG B 437 10.65 -1.77 10.65
N ASN B 438 10.53 -1.65 9.33
CA ASN B 438 10.30 -2.80 8.46
C ASN B 438 9.17 -3.68 9.00
N ALA B 439 8.06 -3.03 9.35
CA ALA B 439 6.88 -3.73 9.85
C ALA B 439 5.85 -3.87 8.74
N THR B 440 4.91 -4.79 8.96
CA THR B 440 3.85 -5.09 7.98
C THR B 440 4.45 -5.43 6.62
N LEU B 441 5.60 -6.11 6.64
CA LEU B 441 6.24 -6.53 5.40
C LEU B 441 5.43 -7.55 4.61
N HIS B 442 4.42 -8.16 5.24
CA HIS B 442 3.65 -9.22 4.62
C HIS B 442 2.53 -8.70 3.73
N SER B 443 2.35 -7.37 3.64
CA SER B 443 1.34 -6.77 2.78
C SER B 443 2.05 -5.93 1.72
N GLU B 444 1.70 -6.17 0.45
CA GLU B 444 2.33 -5.41 -0.62
C GLU B 444 1.97 -3.93 -0.53
N VAL B 445 0.73 -3.62 -0.19
CA VAL B 445 0.29 -2.24 0.00
C VAL B 445 0.32 -1.99 1.50
N GLN B 446 1.45 -1.49 1.99
CA GLN B 446 1.61 -1.19 3.40
C GLN B 446 1.05 0.20 3.71
N PHE B 447 0.61 0.36 4.96
CA PHE B 447 0.09 1.63 5.46
C PHE B 447 0.82 1.95 6.77
N PRO B 448 2.13 2.17 6.70
CA PRO B 448 2.91 2.38 7.91
C PRO B 448 2.55 3.67 8.61
N CYS B 449 2.69 3.65 9.94
CA CYS B 449 2.54 4.83 10.78
C CYS B 449 3.84 5.03 11.54
N SER B 450 4.47 6.20 11.35
CA SER B 450 5.75 6.47 12.00
C SER B 450 6.12 7.93 11.87
N ALA B 451 7.25 8.31 12.46
CA ALA B 451 7.71 9.69 12.38
C ALA B 451 7.99 10.13 10.95
N SER B 452 8.27 9.18 10.05
CA SER B 452 8.56 9.49 8.66
C SER B 452 7.40 9.16 7.73
N SER B 453 6.20 8.96 8.27
CA SER B 453 5.04 8.62 7.46
C SER B 453 3.79 9.43 7.79
N ASN B 454 3.74 10.11 8.93
CA ASN B 454 2.60 10.92 9.30
C ASN B 454 3.09 12.19 9.97
N ASN B 455 2.46 13.33 9.62
CA ASN B 455 2.83 14.59 10.24
C ASN B 455 2.57 14.55 11.74
N PHE B 456 1.42 14.02 12.15
CA PHE B 456 1.08 13.97 13.56
C PHE B 456 2.00 13.03 14.32
N ALA B 457 2.44 11.94 13.69
CA ALA B 457 3.44 11.07 14.32
C ALA B 457 4.75 11.81 14.51
N ARG B 458 5.14 12.63 13.52
CA ARG B 458 6.37 13.40 13.65
C ARG B 458 6.30 14.38 14.81
N GLN B 459 5.14 15.02 15.01
CA GLN B 459 5.02 16.03 16.05
C GLN B 459 5.33 15.44 17.42
N ILE B 460 4.87 14.22 17.69
CA ILE B 460 5.19 13.57 18.96
C ILE B 460 6.69 13.38 19.09
N GLN B 461 7.36 13.04 17.98
CA GLN B 461 8.81 12.87 18.03
C GLN B 461 9.50 14.18 18.43
N ARG B 462 9.05 15.30 17.87
CA ARG B 462 9.65 16.58 18.23
C ARG B 462 9.33 16.94 19.69
N ARG B 463 8.11 16.64 20.14
CA ARG B 463 7.73 17.00 21.50
C ARG B 463 8.61 16.28 22.51
N PHE B 464 8.89 15.00 22.28
CA PHE B 464 9.78 14.26 23.18
C PHE B 464 11.17 14.88 23.20
N LYS B 465 11.71 15.19 22.03
CA LYS B 465 13.06 15.75 21.96
C LYS B 465 13.10 17.15 22.57
N ASP B 466 12.11 17.98 22.24
CA ASP B 466 12.07 19.34 22.77
C ASP B 466 11.86 19.31 24.28
N THR B 467 11.06 18.36 24.77
CA THR B 467 10.82 18.25 26.20
C THR B 467 12.14 18.01 26.95
N ILE B 468 12.99 17.14 26.41
CA ILE B 468 14.26 16.85 27.05
C ILE B 468 15.21 18.03 26.97
N ILE B 469 15.30 18.69 25.81
CA ILE B 469 16.22 19.82 25.67
C ILE B 469 15.82 20.94 26.63
N ASN B 470 14.53 21.26 26.70
CA ASN B 470 14.06 22.33 27.55
C ASN B 470 13.78 21.81 28.97
N GLY B 475 18.51 18.27 27.79
CA GLY B 475 19.79 17.64 27.48
C GLY B 475 19.88 17.18 26.04
N HIS B 476 20.60 17.97 25.22
CA HIS B 476 20.74 17.62 23.81
C HIS B 476 21.44 16.27 23.64
N THR B 477 22.54 16.06 24.37
CA THR B 477 23.27 14.81 24.25
C THR B 477 22.50 13.65 24.88
N GLU B 478 21.93 13.88 26.07
CA GLU B 478 21.13 12.84 26.71
C GLU B 478 19.92 12.49 25.86
N ALA B 479 19.29 13.49 25.25
CA ALA B 479 18.17 13.23 24.34
C ALA B 479 18.59 12.25 23.26
N VAL B 480 19.71 12.53 22.59
CA VAL B 480 20.23 11.61 21.59
C VAL B 480 20.50 10.25 22.21
N ARG B 481 20.90 10.24 23.47
CA ARG B 481 21.24 8.98 24.13
C ARG B 481 20.03 8.06 24.21
N ARG B 482 18.90 8.56 24.71
CA ARG B 482 17.74 7.70 24.94
C ARG B 482 16.98 7.42 23.65
N LEU B 483 16.83 8.42 22.78
CA LEU B 483 16.08 8.22 21.55
C LEU B 483 16.68 7.11 20.69
N LEU B 484 17.97 6.84 20.87
CA LEU B 484 18.60 5.71 20.19
C LEU B 484 18.58 4.43 21.03
N GLY B 485 18.10 4.48 22.27
CA GLY B 485 18.03 3.27 23.07
C GLY B 485 17.14 2.21 22.48
N GLN B 486 16.05 2.62 21.83
CA GLN B 486 15.16 1.63 21.21
C GLN B 486 15.83 0.96 20.02
N LEU B 487 16.57 1.73 19.22
CA LEU B 487 17.25 1.15 18.07
C LEU B 487 18.40 0.26 18.54
N PRO B 488 18.62 -0.89 17.90
CA PRO B 488 17.86 -1.50 16.80
C PRO B 488 16.50 -2.02 17.26
N ILE B 489 15.55 -2.18 16.36
CA ILE B 489 14.20 -2.60 16.74
C ILE B 489 14.09 -4.11 16.59
N SER B 490 13.11 -4.68 17.28
CA SER B 490 12.88 -6.13 17.24
C SER B 490 11.92 -6.46 16.11
N ALA B 491 12.20 -7.58 15.43
CA ALA B 491 11.40 -7.96 14.27
C ALA B 491 9.96 -8.24 14.68
N GLN B 492 9.03 -7.82 13.82
CA GLN B 492 7.60 -8.13 13.99
C GLN B 492 7.11 -7.72 15.38
N SER B 493 7.43 -6.49 15.78
CA SER B 493 7.00 -5.96 17.06
C SER B 493 5.81 -5.02 16.94
N TYR B 494 5.51 -4.53 15.73
CA TYR B 494 4.43 -3.60 15.51
C TYR B 494 3.28 -4.30 14.80
N SER B 495 2.06 -3.83 15.06
CA SER B 495 0.85 -4.37 14.46
C SER B 495 0.23 -3.33 13.54
N GLY B 496 -0.21 -3.77 12.36
CA GLY B 496 -0.83 -2.88 11.41
C GLY B 496 -2.31 -2.68 11.67
N SER B 497 -2.66 -2.34 12.90
CA SER B 497 -4.06 -2.14 13.25
C SER B 497 -4.52 -0.77 12.81
N PRO B 498 -5.55 -0.64 11.97
CA PRO B 498 -6.01 0.69 11.57
C PRO B 498 -6.45 1.54 12.76
N TYR B 499 -6.98 0.91 13.80
CA TYR B 499 -7.38 1.65 14.99
C TYR B 499 -6.19 2.21 15.75
N LEU B 500 -4.98 1.74 15.44
CA LEU B 500 -3.76 2.35 15.95
C LEU B 500 -3.18 3.37 14.99
N ASP B 501 -3.62 3.38 13.74
CA ASP B 501 -3.15 4.37 12.78
C ASP B 501 -3.44 5.77 13.29
N LEU B 502 -2.43 6.64 13.21
CA LEU B 502 -2.58 8.01 13.70
C LEU B 502 -3.38 8.87 12.73
N SER B 503 -3.36 8.53 11.44
CA SER B 503 -4.11 9.32 10.47
C SER B 503 -5.61 9.28 10.77
N LEU B 504 -6.12 8.11 11.12
CA LEU B 504 -7.56 7.96 11.36
C LEU B 504 -7.95 8.35 12.78
N PHE B 505 -7.14 7.99 13.77
CA PHE B 505 -7.50 8.16 15.18
C PHE B 505 -6.39 8.91 15.92
N SER B 506 -6.79 9.51 17.04
CA SER B 506 -5.88 10.26 17.90
C SER B 506 -5.91 9.68 19.30
N TYR B 507 -4.74 9.62 19.92
CA TYR B 507 -4.59 9.16 21.30
C TYR B 507 -3.15 9.45 21.71
N ASP B 508 -2.80 9.01 22.92
CA ASP B 508 -1.43 9.14 23.42
C ASP B 508 -0.73 7.80 23.27
N ASP B 509 0.38 7.80 22.53
CA ASP B 509 1.12 6.57 22.28
C ASP B 509 1.67 5.94 23.55
N LYS B 510 1.75 6.69 24.65
CA LYS B 510 2.32 6.15 25.88
C LYS B 510 1.52 4.99 26.43
N TRP B 511 0.20 4.97 26.23
CA TRP B 511 -0.62 3.91 26.82
C TRP B 511 -0.25 2.55 26.24
N VAL B 512 -0.06 2.46 24.92
CA VAL B 512 0.33 1.22 24.27
C VAL B 512 1.36 1.52 23.20
N SER B 513 2.37 0.67 23.13
CA SER B 513 3.44 0.81 22.14
C SER B 513 3.05 0.12 20.83
N THR B 520 3.48 2.47 36.21
CA THR B 520 3.60 2.24 34.77
C THR B 520 2.24 2.03 34.14
N CYS B 521 1.39 1.26 34.81
CA CYS B 521 0.05 0.98 34.29
C CYS B 521 -0.74 2.27 34.15
N GLY B 522 -1.41 2.42 33.01
CA GLY B 522 -2.28 3.58 32.81
C GLY B 522 -3.60 3.37 33.53
N ASP B 523 -3.81 4.12 34.61
CA ASP B 523 -5.01 3.99 35.42
C ASP B 523 -6.27 4.49 34.69
N HIS B 524 -6.11 5.28 33.64
CA HIS B 524 -7.26 5.80 32.91
C HIS B 524 -7.62 4.88 31.75
N PRO B 525 -8.89 4.85 31.33
CA PRO B 525 -9.26 4.08 30.14
C PRO B 525 -8.71 4.74 28.89
N ILE B 526 -8.23 3.92 27.95
CA ILE B 526 -7.71 4.44 26.70
C ILE B 526 -8.87 4.91 25.84
N ARG B 527 -8.80 6.16 25.36
CA ARG B 527 -9.84 6.77 24.56
C ARG B 527 -9.33 7.00 23.15
N PHE B 528 -10.16 6.68 22.16
CA PHE B 528 -9.83 6.84 20.75
C PHE B 528 -10.69 7.95 20.18
N TYR B 529 -10.07 9.01 19.66
CA TYR B 529 -10.76 10.15 19.11
C TYR B 529 -10.55 10.19 17.60
N ALA B 530 -11.65 10.30 16.85
CA ALA B 530 -11.55 10.43 15.41
C ALA B 530 -10.88 11.75 15.05
N ARG B 531 -9.97 11.71 14.07
CA ARG B 531 -9.21 12.90 13.72
C ARG B 531 -10.01 13.89 12.90
N ASP B 532 -10.96 13.41 12.10
CA ASP B 532 -11.75 14.33 11.27
C ASP B 532 -12.55 15.30 12.12
N SER B 533 -13.15 14.81 13.21
CA SER B 533 -14.01 15.62 14.06
C SER B 533 -13.51 15.79 15.48
N GLY B 534 -12.54 14.98 15.92
CA GLY B 534 -12.07 15.07 17.28
C GLY B 534 -13.01 14.49 18.32
N LEU B 535 -14.00 13.72 17.90
CA LEU B 535 -14.98 13.15 18.81
C LEU B 535 -14.51 11.79 19.31
N LEU B 536 -14.92 11.46 20.54
CA LEU B 536 -14.64 10.14 21.08
C LEU B 536 -15.46 9.09 20.34
N LYS B 537 -14.85 7.94 20.09
CA LYS B 537 -15.51 6.84 19.41
C LYS B 537 -15.72 5.63 20.31
N PHE B 538 -14.68 5.17 21.00
CA PHE B 538 -14.83 4.03 21.89
C PHE B 538 -13.77 4.09 22.97
N GLU B 539 -14.05 3.40 24.08
CA GLU B 539 -13.15 3.29 25.22
C GLU B 539 -12.67 1.86 25.35
N ILE B 540 -11.51 1.70 25.99
CA ILE B 540 -10.95 0.39 26.27
C ILE B 540 -10.48 0.38 27.72
N GLN B 541 -11.02 -0.54 28.51
CA GLN B 541 -10.61 -0.76 29.89
C GLN B 541 -10.19 -2.22 30.05
N ALA B 542 -9.10 -2.44 30.77
CA ALA B 542 -8.48 -3.75 30.92
C ALA B 542 -8.38 -4.13 32.39
N GLY B 543 -9.46 -3.92 33.15
CA GLY B 543 -9.44 -4.24 34.56
C GLY B 543 -10.84 -4.44 35.10
N LEU B 544 -10.88 -4.91 36.35
CA LEU B 544 -12.15 -5.14 37.04
C LEU B 544 -12.55 -3.86 37.76
N LEU B 545 -13.66 -3.27 37.36
CA LEU B 545 -14.12 -2.02 37.97
C LEU B 545 -14.41 -2.21 39.45
N ARG B 555 0.33 -6.13 37.94
CA ARG B 555 -0.57 -5.23 37.24
C ARG B 555 0.01 -4.86 35.87
N LEU B 556 0.27 -5.88 35.05
CA LEU B 556 0.81 -5.69 33.71
C LEU B 556 -0.31 -5.87 32.69
N VAL B 557 -0.49 -4.89 31.82
CA VAL B 557 -1.55 -4.89 30.82
C VAL B 557 -0.93 -5.10 29.44
N ALA B 558 -1.53 -6.02 28.68
CA ALA B 558 -1.07 -6.31 27.32
C ALA B 558 -2.28 -6.29 26.40
N PHE B 559 -2.17 -5.55 25.29
CA PHE B 559 -3.21 -5.48 24.29
C PHE B 559 -2.75 -6.20 23.02
N THR B 560 -3.70 -6.81 22.33
CA THR B 560 -3.41 -7.51 21.08
C THR B 560 -4.56 -7.24 20.11
N PHE B 561 -4.41 -6.20 19.29
CA PHE B 561 -5.42 -5.86 18.30
C PHE B 561 -5.35 -6.82 17.12
N HIS B 562 -6.52 -7.09 16.55
CA HIS B 562 -6.55 -7.80 15.28
C HIS B 562 -5.92 -6.93 14.19
N PRO B 563 -5.24 -7.54 13.21
CA PRO B 563 -4.59 -6.72 12.18
C PRO B 563 -5.51 -5.71 11.50
N PHE B 564 -6.71 -6.12 11.11
CA PHE B 564 -7.63 -5.16 10.49
C PHE B 564 -9.03 -5.16 11.10
N GLU B 565 -9.57 -6.33 11.46
CA GLU B 565 -10.95 -6.38 11.90
C GLU B 565 -11.10 -5.78 13.29
N PRO B 566 -12.32 -5.34 13.65
CA PRO B 566 -12.54 -4.71 14.96
C PRO B 566 -12.62 -5.70 16.12
N PHE B 567 -11.46 -6.12 16.60
CA PHE B 567 -11.39 -7.06 17.71
C PHE B 567 -10.07 -6.85 18.43
N ALA B 568 -10.12 -6.89 19.76
CA ALA B 568 -8.94 -6.63 20.57
C ALA B 568 -9.05 -7.39 21.88
N ILE B 569 -7.91 -7.89 22.37
CA ILE B 569 -7.84 -8.62 23.62
C ILE B 569 -6.94 -7.82 24.57
N SER B 570 -7.45 -7.57 25.77
CA SER B 570 -6.69 -6.90 26.82
C SER B 570 -6.50 -7.88 27.97
N VAL B 571 -5.24 -8.14 28.33
CA VAL B 571 -4.89 -9.10 29.36
C VAL B 571 -4.27 -8.34 30.52
N GLN B 572 -4.85 -8.49 31.71
CA GLN B 572 -4.35 -7.87 32.92
C GLN B 572 -3.79 -8.96 33.83
N ARG B 573 -2.54 -8.80 34.25
CA ARG B 573 -1.84 -9.79 35.06
C ARG B 573 -1.57 -9.21 36.43
N THR B 574 -2.00 -9.93 37.47
CA THR B 574 -1.76 -9.53 38.86
C THR B 574 -1.29 -10.77 39.62
N ASN B 575 -0.01 -10.79 40.01
CA ASN B 575 0.57 -11.94 40.67
C ASN B 575 0.42 -13.18 39.79
N ALA B 576 -0.63 -13.97 40.02
CA ALA B 576 -0.92 -15.14 39.19
C ALA B 576 -2.25 -15.04 38.48
N GLU B 577 -2.99 -13.94 38.64
CA GLU B 577 -4.30 -13.82 38.02
C GLU B 577 -4.15 -13.60 36.52
N TYR B 578 -4.92 -14.37 35.75
CA TYR B 578 -4.93 -14.28 34.29
C TYR B 578 -6.29 -13.70 33.89
N VAL B 579 -6.37 -12.38 33.88
CA VAL B 579 -7.61 -11.67 33.57
C VAL B 579 -7.63 -11.35 32.09
N VAL B 580 -8.71 -11.72 31.41
CA VAL B 580 -8.85 -11.51 29.97
C VAL B 580 -10.16 -10.78 29.71
N ASN B 581 -10.09 -9.71 28.94
CA ASN B 581 -11.27 -8.98 28.49
C ASN B 581 -11.26 -8.92 26.97
N PHE B 582 -12.43 -9.14 26.37
CA PHE B 582 -12.58 -9.09 24.91
C PHE B 582 -13.28 -7.80 24.52
N HIS B 583 -12.70 -7.09 23.56
CA HIS B 583 -13.28 -5.88 23.01
C HIS B 583 -13.72 -6.16 21.58
N MET B 584 -15.04 -6.11 21.35
CA MET B 584 -15.59 -6.45 20.05
C MET B 584 -16.75 -5.52 19.75
N ARG B 585 -17.13 -5.50 18.47
CA ARG B 585 -18.19 -4.61 18.00
C ARG B 585 -19.54 -5.25 18.26
N HIS B 586 -20.39 -4.55 19.03
CA HIS B 586 -21.77 -4.95 19.25
C HIS B 586 -22.68 -3.81 18.81
N CYS B 587 -23.64 -4.12 17.95
CA CYS B 587 -24.59 -3.12 17.50
C CYS B 587 -25.59 -2.82 18.61
N CYS B 588 -25.34 -1.75 19.36
CA CYS B 588 -26.21 -1.41 20.48
C CYS B 588 -27.65 -1.40 20.05
N THR B 589 -28.44 -2.30 20.64
CA THR B 589 -29.84 -2.47 20.24
C THR B 589 -30.77 -1.75 21.20
N ASP C 3 -15.92 42.16 -23.49
CA ASP C 3 -14.63 42.84 -23.58
C ASP C 3 -13.46 41.89 -23.30
N PHE C 4 -13.68 40.95 -22.38
CA PHE C 4 -12.64 40.04 -21.94
C PHE C 4 -12.62 38.73 -22.72
N LEU C 5 -13.69 38.42 -23.46
CA LEU C 5 -13.79 37.18 -24.22
C LEU C 5 -13.34 37.34 -25.67
N LYS C 6 -12.82 38.50 -26.05
CA LYS C 6 -12.57 38.76 -27.46
C LYS C 6 -11.19 38.23 -27.86
N GLY C 7 -11.05 37.93 -29.14
CA GLY C 7 -9.77 37.54 -29.69
C GLY C 7 -9.19 36.27 -29.08
N LEU C 8 -10.01 35.23 -28.98
CA LEU C 8 -9.54 33.97 -28.44
C LEU C 8 -8.55 33.32 -29.40
N PRO C 9 -7.68 32.45 -28.89
CA PRO C 9 -6.66 31.83 -29.76
C PRO C 9 -7.28 31.07 -30.91
N VAL C 10 -6.63 31.14 -32.07
CA VAL C 10 -7.07 30.45 -33.28
C VAL C 10 -5.86 29.75 -33.88
N TYR C 11 -5.87 28.42 -33.85
CA TYR C 11 -4.80 27.66 -34.51
C TYR C 11 -4.99 27.65 -36.02
N ASN C 12 -6.24 27.58 -36.47
CA ASN C 12 -6.54 27.54 -37.89
C ASN C 12 -7.90 28.19 -38.12
N LYS C 13 -8.00 29.02 -39.16
CA LYS C 13 -9.29 29.64 -39.48
C LYS C 13 -10.35 28.60 -39.77
N SER C 14 -9.93 27.42 -40.24
CA SER C 14 -10.83 26.31 -40.50
C SER C 14 -11.04 25.42 -39.27
N ASN C 15 -10.92 25.99 -38.06
CA ASN C 15 -10.97 25.20 -36.84
C ASN C 15 -12.21 24.32 -36.77
N PHE C 16 -13.39 24.90 -36.96
CA PHE C 16 -14.64 24.15 -36.86
C PHE C 16 -15.65 24.53 -37.94
N SER C 17 -15.31 25.46 -38.81
CA SER C 17 -16.20 25.86 -39.90
C SER C 17 -17.48 26.51 -39.38
N PRO C 42 10.14 -2.37 -30.20
CA PRO C 42 11.52 -1.90 -30.15
C PRO C 42 11.75 -0.84 -29.07
N SER C 43 11.68 -1.25 -27.80
CA SER C 43 11.86 -0.31 -26.70
C SER C 43 13.32 0.12 -26.62
N GLU C 44 13.61 1.31 -27.14
CA GLU C 44 14.99 1.82 -27.11
C GLU C 44 15.49 2.07 -25.70
N GLN C 45 14.61 2.14 -24.71
CA GLN C 45 15.01 2.39 -23.33
C GLN C 45 14.13 1.58 -22.39
N ILE C 46 14.65 1.38 -21.17
CA ILE C 46 13.96 0.65 -20.12
C ILE C 46 14.04 1.47 -18.85
N ILE C 47 12.92 1.60 -18.14
CA ILE C 47 12.89 2.30 -16.86
C ILE C 47 13.11 1.25 -15.77
N VAL C 48 14.20 1.40 -15.02
CA VAL C 48 14.54 0.50 -13.92
C VAL C 48 14.69 1.34 -12.67
N THR C 49 13.92 1.01 -11.64
CA THR C 49 14.08 1.65 -10.35
C THR C 49 15.37 1.17 -9.69
N GLU C 50 16.03 2.06 -8.97
CA GLU C 50 17.26 1.69 -8.29
C GLU C 50 16.98 0.57 -7.30
N LYS C 51 17.81 -0.47 -7.35
CA LYS C 51 17.58 -1.64 -6.49
C LYS C 51 17.79 -1.29 -5.02
N THR C 52 18.87 -0.57 -4.72
CA THR C 52 19.18 -0.23 -3.34
C THR C 52 18.08 0.65 -2.75
N ASN C 53 17.76 0.38 -1.49
CA ASN C 53 16.80 1.19 -0.76
C ASN C 53 17.39 2.57 -0.47
N ILE C 54 16.50 3.55 -0.28
CA ILE C 54 16.93 4.95 -0.25
C ILE C 54 17.89 5.20 0.90
N LEU C 55 17.58 4.71 2.09
CA LEU C 55 18.48 4.90 3.22
C LEU C 55 19.87 4.38 2.91
N LEU C 56 19.96 3.20 2.30
CA LEU C 56 21.24 2.64 1.92
C LEU C 56 21.96 3.54 0.92
N ARG C 57 21.22 4.09 -0.04
CA ARG C 57 21.84 4.96 -1.03
C ARG C 57 22.51 6.15 -0.36
N TYR C 58 21.88 6.70 0.69
CA TYR C 58 22.52 7.80 1.41
C TYR C 58 23.81 7.34 2.06
N LEU C 59 23.80 6.16 2.68
CA LEU C 59 25.02 5.66 3.31
C LEU C 59 26.10 5.37 2.27
N HIS C 60 25.73 4.73 1.16
CA HIS C 60 26.70 4.41 0.13
C HIS C 60 27.31 5.67 -0.45
N GLN C 61 26.48 6.66 -0.78
CA GLN C 61 26.99 7.88 -1.39
C GLN C 61 27.91 8.63 -0.44
N GLN C 62 27.55 8.70 0.85
CA GLN C 62 28.43 9.32 1.82
C GLN C 62 29.75 8.57 1.91
N TRP C 63 29.71 7.24 1.79
CA TRP C 63 30.93 6.45 1.85
C TRP C 63 31.88 6.81 0.71
N ASP C 64 31.35 6.98 -0.50
CA ASP C 64 32.21 7.27 -1.64
C ASP C 64 32.96 8.58 -1.47
N LYS C 65 32.42 9.50 -0.67
CA LYS C 65 33.11 10.76 -0.42
C LYS C 65 34.40 10.53 0.37
N LYS C 66 34.40 9.54 1.27
CA LYS C 66 35.59 9.24 2.04
C LYS C 66 36.74 8.83 1.14
N ASN C 67 36.45 8.01 0.11
CA ASN C 67 37.49 7.62 -0.82
C ASN C 67 38.07 8.82 -1.54
N ALA C 68 37.20 9.75 -1.98
CA ALA C 68 37.69 10.96 -2.62
C ALA C 68 38.46 11.84 -1.64
N ALA C 69 38.00 11.92 -0.39
CA ALA C 69 38.66 12.74 0.62
C ALA C 69 39.92 12.06 1.13
N SER D 73 64.72 2.56 34.44
CA SER D 73 64.35 1.91 33.20
C SER D 73 64.90 2.68 32.00
N THR D 74 65.96 2.14 31.39
CA THR D 74 66.56 2.81 30.24
C THR D 74 65.59 2.89 29.07
N SER D 75 64.76 1.87 28.88
CA SER D 75 63.83 1.86 27.76
C SER D 75 62.87 3.04 27.82
N ALA D 76 62.27 3.28 28.99
CA ALA D 76 61.33 4.39 29.12
C ALA D 76 62.00 5.73 28.91
N LYS D 77 63.20 5.92 29.47
CA LYS D 77 63.89 7.19 29.34
C LYS D 77 64.26 7.47 27.88
N ARG D 78 64.68 6.44 27.14
CA ARG D 78 65.07 6.64 25.75
C ARG D 78 63.85 6.80 24.85
N ILE D 79 62.86 5.93 24.99
CA ILE D 79 61.70 5.95 24.10
C ILE D 79 60.87 7.23 24.24
N GLN D 80 60.80 7.81 25.44
CA GLN D 80 60.03 9.04 25.62
C GLN D 80 60.51 10.10 24.63
N LYS D 81 61.83 10.30 24.54
CA LYS D 81 62.39 11.26 23.60
C LYS D 81 62.13 10.87 22.15
N GLU D 82 62.20 9.58 21.83
CA GLU D 82 62.05 9.14 20.45
C GLU D 82 60.63 9.31 19.94
N LEU D 83 59.66 9.55 20.81
CA LEU D 83 58.29 9.75 20.37
C LEU D 83 58.13 11.06 19.62
N ALA D 84 58.82 12.12 20.05
CA ALA D 84 58.64 13.41 19.41
C ALA D 84 59.08 13.39 17.95
N GLU D 85 60.21 12.75 17.67
CA GLU D 85 60.73 12.74 16.30
C GLU D 85 59.89 11.85 15.39
N ILE D 86 59.50 10.66 15.85
CA ILE D 86 58.81 9.72 14.98
C ILE D 86 57.42 10.23 14.62
N THR D 87 56.67 10.73 15.61
CA THR D 87 55.34 11.25 15.31
C THR D 87 55.42 12.48 14.42
N LEU D 88 56.48 13.28 14.59
CA LEU D 88 56.64 14.46 13.72
C LEU D 88 56.99 14.04 12.30
N ASP D 89 57.62 12.89 12.11
CA ASP D 89 58.02 12.41 10.80
C ASP D 89 57.54 10.97 10.61
N PRO D 90 56.26 10.78 10.30
CA PRO D 90 55.74 9.44 10.06
C PRO D 90 56.27 8.88 8.75
N PRO D 91 57.07 7.83 8.78
CA PRO D 91 57.64 7.28 7.54
C PRO D 91 56.55 6.78 6.61
N PRO D 92 56.74 6.88 5.30
CA PRO D 92 55.70 6.39 4.38
C PRO D 92 55.44 4.90 4.55
N ASN D 93 54.18 4.51 4.42
CA ASN D 93 53.73 3.13 4.47
C ASN D 93 54.06 2.44 5.79
N CYS D 94 54.48 3.19 6.81
CA CYS D 94 54.84 2.62 8.10
C CYS D 94 54.56 3.65 9.18
N SER D 95 53.63 3.34 10.09
CA SER D 95 53.24 4.26 11.14
C SER D 95 52.88 3.49 12.40
N ALA D 96 52.88 4.18 13.52
CA ALA D 96 52.58 3.58 14.81
C ALA D 96 52.28 4.68 15.82
N GLY D 97 51.97 4.27 17.05
CA GLY D 97 51.71 5.20 18.12
C GLY D 97 51.68 4.54 19.48
N PRO D 98 51.80 5.34 20.55
CA PRO D 98 51.80 4.77 21.90
C PRO D 98 50.39 4.46 22.38
N LYS D 99 50.33 3.64 23.43
CA LYS D 99 49.12 3.43 24.21
C LYS D 99 49.24 4.22 25.51
N GLY D 100 48.36 5.19 25.71
CA GLY D 100 48.37 5.94 26.95
C GLY D 100 49.74 6.53 27.23
N ASP D 101 50.25 6.25 28.43
CA ASP D 101 51.58 6.71 28.82
C ASP D 101 52.58 5.57 28.94
N ASN D 102 52.11 4.34 29.03
CA ASN D 102 52.98 3.18 29.18
C ASN D 102 53.79 2.93 27.91
N ILE D 103 54.97 2.31 28.09
CA ILE D 103 55.83 1.95 26.97
C ILE D 103 55.89 0.45 26.73
N TYR D 104 55.68 -0.37 27.75
CA TYR D 104 55.77 -1.81 27.60
C TYR D 104 54.63 -2.39 26.76
N GLU D 105 53.62 -1.59 26.43
CA GLU D 105 52.49 -2.03 25.63
C GLU D 105 52.16 -0.96 24.61
N TRP D 106 52.44 -1.25 23.33
CA TRP D 106 52.22 -0.35 22.21
C TRP D 106 51.53 -1.10 21.08
N ARG D 107 50.96 -0.34 20.15
CA ARG D 107 50.38 -0.87 18.93
C ARG D 107 50.90 -0.06 17.75
N SER D 108 50.77 -0.62 16.55
CA SER D 108 51.23 0.04 15.34
C SER D 108 50.32 -0.32 14.17
N THR D 109 50.24 0.60 13.21
CA THR D 109 49.46 0.43 12.00
C THR D 109 50.39 0.44 10.79
N ILE D 110 50.50 -0.69 10.11
CA ILE D 110 51.40 -0.85 8.98
C ILE D 110 50.57 -0.98 7.71
N LEU D 111 50.97 -0.26 6.67
CA LEU D 111 50.27 -0.25 5.39
C LEU D 111 51.14 -0.93 4.34
N GLY D 112 50.54 -1.80 3.54
CA GLY D 112 51.25 -2.47 2.47
C GLY D 112 51.99 -1.49 1.59
N PRO D 113 53.33 -1.57 1.57
CA PRO D 113 54.11 -0.60 0.80
C PRO D 113 53.70 -0.60 -0.66
N PRO D 114 53.74 0.57 -1.32
CA PRO D 114 53.31 0.61 -2.73
C PRO D 114 54.14 -0.34 -3.58
N GLY D 115 53.46 -0.97 -4.55
CA GLY D 115 54.11 -1.92 -5.42
C GLY D 115 54.26 -3.32 -4.84
N SER D 116 53.98 -3.48 -3.55
CA SER D 116 54.04 -4.80 -2.93
C SER D 116 52.82 -5.63 -3.34
N VAL D 117 52.98 -6.95 -3.29
CA VAL D 117 51.85 -7.84 -3.56
C VAL D 117 50.79 -7.76 -2.48
N TYR D 118 51.13 -7.24 -1.30
CA TYR D 118 50.16 -6.93 -0.25
C TYR D 118 49.83 -5.44 -0.21
N GLU D 119 50.09 -4.72 -1.30
CA GLU D 119 49.83 -3.29 -1.32
C GLU D 119 48.35 -3.01 -1.09
N GLY D 120 48.07 -1.92 -0.41
CA GLY D 120 46.70 -1.53 -0.08
C GLY D 120 46.23 -2.00 1.28
N GLY D 121 46.39 -3.29 1.56
CA GLY D 121 45.98 -3.81 2.84
C GLY D 121 46.73 -3.16 3.99
N VAL D 122 46.02 -2.96 5.10
CA VAL D 122 46.58 -2.36 6.31
C VAL D 122 46.64 -3.43 7.39
N PHE D 123 47.82 -3.55 8.02
CA PHE D 123 48.07 -4.61 8.99
C PHE D 123 48.37 -3.99 10.34
N PHE D 124 47.65 -4.44 11.36
CA PHE D 124 47.90 -4.02 12.74
C PHE D 124 49.01 -4.86 13.33
N LEU D 125 50.00 -4.21 13.92
CA LEU D 125 51.18 -4.88 14.45
C LEU D 125 51.22 -4.71 15.96
N ASP D 126 51.33 -5.83 16.68
CA ASP D 126 51.50 -5.81 18.12
C ASP D 126 52.97 -5.61 18.45
N ILE D 127 53.29 -4.50 19.10
CA ILE D 127 54.67 -4.11 19.39
C ILE D 127 54.81 -3.88 20.89
N THR D 128 55.73 -4.61 21.51
CA THR D 128 56.00 -4.52 22.94
C THR D 128 57.46 -4.16 23.16
N PHE D 129 57.69 -3.11 23.94
CA PHE D 129 59.03 -2.65 24.29
C PHE D 129 59.37 -3.12 25.69
N SER D 130 60.31 -4.04 25.80
CA SER D 130 60.66 -4.61 27.08
C SER D 130 61.45 -3.63 27.92
N PRO D 131 61.39 -3.71 29.25
CA PRO D 131 62.28 -2.90 30.08
C PRO D 131 63.74 -3.18 29.81
N ASP D 132 64.10 -4.41 29.43
CA ASP D 132 65.48 -4.73 29.10
C ASP D 132 65.90 -4.06 27.80
N TYR D 133 64.95 -3.54 27.03
CA TYR D 133 65.30 -2.77 25.84
C TYR D 133 66.27 -1.67 26.22
N PRO D 134 67.30 -1.38 25.39
CA PRO D 134 67.62 -1.96 24.08
C PRO D 134 68.59 -3.13 24.10
N PHE D 135 68.89 -3.75 25.25
CA PHE D 135 69.82 -4.88 25.23
C PHE D 135 69.18 -6.14 24.66
N LYS D 136 67.89 -6.14 24.39
CA LYS D 136 67.22 -7.25 23.73
C LYS D 136 66.37 -6.72 22.58
N PRO D 137 66.16 -7.51 21.53
CA PRO D 137 65.45 -7.00 20.35
C PRO D 137 63.98 -6.74 20.66
N PRO D 138 63.34 -5.83 19.94
CA PRO D 138 61.93 -5.55 20.21
C PRO D 138 61.04 -6.74 19.87
N LYS D 139 59.96 -6.85 20.62
CA LYS D 139 59.01 -7.95 20.44
C LYS D 139 58.02 -7.55 19.37
N VAL D 140 57.92 -8.34 18.31
CA VAL D 140 57.06 -8.05 17.17
C VAL D 140 56.12 -9.24 16.93
N THR D 141 54.84 -8.95 16.76
CA THR D 141 53.85 -9.96 16.44
C THR D 141 52.80 -9.37 15.51
N PHE D 142 52.45 -10.14 14.47
CA PHE D 142 51.40 -9.76 13.54
C PHE D 142 50.04 -10.16 14.10
N ARG D 143 49.14 -9.20 14.23
CA ARG D 143 47.77 -9.47 14.62
C ARG D 143 46.85 -9.65 13.41
N THR D 144 47.39 -9.58 12.20
CA THR D 144 46.65 -9.81 10.98
C THR D 144 47.21 -11.05 10.27
N ARG D 145 46.32 -11.94 9.86
CA ARG D 145 46.77 -13.15 9.18
C ARG D 145 47.28 -12.80 7.79
N ILE D 146 48.59 -12.94 7.60
CA ILE D 146 49.25 -12.59 6.35
C ILE D 146 50.10 -13.77 5.92
N TYR D 147 49.95 -14.19 4.66
CA TYR D 147 50.79 -15.26 4.11
C TYR D 147 52.08 -14.61 3.63
N HIS D 148 53.11 -14.69 4.46
CA HIS D 148 54.39 -14.05 4.21
C HIS D 148 55.49 -15.10 4.22
N CYS D 149 56.57 -14.81 3.50
CA CYS D 149 57.69 -15.72 3.35
C CYS D 149 58.64 -15.69 4.54
N ASN D 150 58.30 -14.96 5.61
CA ASN D 150 59.18 -14.80 6.76
C ASN D 150 58.45 -14.99 8.07
N ILE D 151 57.11 -15.04 8.06
CA ILE D 151 56.30 -15.04 9.27
C ILE D 151 55.37 -16.24 9.24
N ASN D 152 55.22 -16.90 10.39
CA ASN D 152 54.38 -18.07 10.55
C ASN D 152 53.01 -17.66 11.10
N SER D 153 52.21 -18.67 11.49
CA SER D 153 50.84 -18.41 11.92
C SER D 153 50.79 -17.55 13.18
N GLN D 154 51.86 -17.53 13.98
CA GLN D 154 51.88 -16.77 15.22
C GLN D 154 52.25 -15.31 14.99
N GLY D 155 52.49 -14.92 13.74
CA GLY D 155 52.74 -13.52 13.43
C GLY D 155 54.09 -13.02 13.87
N VAL D 156 55.00 -13.94 14.21
CA VAL D 156 56.33 -13.53 14.66
C VAL D 156 57.31 -13.63 13.50
N ILE D 157 58.08 -12.56 13.31
CA ILE D 157 59.11 -12.49 12.27
C ILE D 157 60.47 -12.52 12.95
N CYS D 158 61.33 -13.42 12.48
CA CYS D 158 62.65 -13.63 13.09
C CYS D 158 63.71 -13.24 12.07
N LEU D 159 64.18 -12.00 12.17
CA LEU D 159 65.25 -11.47 11.33
C LEU D 159 66.37 -11.04 12.26
N ASP D 160 67.62 -11.21 11.82
CA ASP D 160 68.77 -10.92 12.68
C ASP D 160 68.60 -9.61 13.44
N ILE D 161 68.04 -8.59 12.77
CA ILE D 161 67.79 -7.32 13.46
C ILE D 161 66.81 -7.53 14.61
N LEU D 162 65.89 -8.49 14.48
CA LEU D 162 64.96 -8.84 15.54
C LEU D 162 65.44 -10.05 16.33
N LYS D 163 66.74 -10.24 16.45
CA LYS D 163 67.32 -11.39 17.15
C LYS D 163 68.51 -10.90 17.95
N ASP D 164 69.34 -11.84 18.43
CA ASP D 164 70.50 -11.47 19.23
C ASP D 164 71.41 -10.51 18.49
N ASN D 165 71.40 -10.55 17.15
CA ASN D 165 72.19 -9.60 16.37
C ASN D 165 71.74 -8.16 16.64
N TRP D 166 70.53 -7.97 17.16
CA TRP D 166 70.06 -6.64 17.53
C TRP D 166 71.13 -5.90 18.34
N SER D 167 71.22 -4.59 18.13
CA SER D 167 72.13 -3.73 18.85
C SER D 167 71.39 -2.48 19.29
N PRO D 168 71.83 -1.84 20.37
CA PRO D 168 71.16 -0.60 20.82
C PRO D 168 71.21 0.53 19.81
N ALA D 169 72.12 0.48 18.83
CA ALA D 169 72.22 1.55 17.85
C ALA D 169 70.90 1.75 17.12
N LEU D 170 70.24 0.65 16.76
CA LEU D 170 68.96 0.73 16.07
C LEU D 170 67.88 1.20 17.04
N THR D 171 66.89 1.92 16.50
CA THR D 171 65.81 2.52 17.27
C THR D 171 64.46 2.01 16.76
N ILE D 172 63.39 2.39 17.46
CA ILE D 172 62.07 1.89 17.11
C ILE D 172 61.67 2.39 15.72
N SER D 173 62.31 3.44 15.23
CA SER D 173 61.93 4.01 13.94
C SER D 173 62.42 3.17 12.77
N LYS D 174 63.66 2.69 12.85
CA LYS D 174 64.26 1.97 11.72
C LYS D 174 63.54 0.65 11.47
N VAL D 175 63.13 -0.05 12.54
CA VAL D 175 62.60 -1.39 12.37
C VAL D 175 61.45 -1.39 11.36
N LEU D 176 60.54 -0.42 11.44
CA LEU D 176 59.41 -0.41 10.53
C LEU D 176 59.88 -0.46 9.08
N LEU D 177 60.83 0.40 8.72
CA LEU D 177 61.32 0.41 7.34
C LEU D 177 61.99 -0.90 6.99
N SER D 178 62.78 -1.46 7.89
CA SER D 178 63.38 -2.77 7.64
C SER D 178 62.29 -3.82 7.45
N ILE D 179 61.29 -3.83 8.34
CA ILE D 179 60.14 -4.71 8.13
C ILE D 179 59.39 -4.32 6.86
N CYS D 180 59.13 -3.02 6.68
CA CYS D 180 58.41 -2.58 5.49
C CYS D 180 59.13 -2.97 4.21
N SER D 181 60.46 -2.81 4.17
CA SER D 181 61.21 -3.25 3.01
C SER D 181 61.19 -4.76 2.87
N LEU D 182 61.26 -5.48 4.00
CA LEU D 182 61.29 -6.93 3.96
C LEU D 182 60.00 -7.52 3.40
N LEU D 183 58.86 -6.83 3.57
CA LEU D 183 57.61 -7.34 3.02
C LEU D 183 57.69 -7.48 1.51
N THR D 184 58.47 -6.63 0.85
CA THR D 184 58.51 -6.65 -0.61
C THR D 184 59.04 -7.97 -1.14
N ASP D 185 60.07 -8.53 -0.49
CA ASP D 185 60.74 -9.72 -0.99
C ASP D 185 61.10 -10.65 0.16
N CYS D 186 61.10 -11.95 -0.14
CA CYS D 186 61.50 -12.97 0.81
C CYS D 186 62.99 -12.89 1.12
N ASN D 187 63.41 -13.73 2.06
CA ASN D 187 64.81 -13.99 2.36
C ASN D 187 65.00 -15.50 2.33
N PRO D 188 64.92 -16.12 1.14
CA PRO D 188 64.89 -17.58 1.07
C PRO D 188 66.16 -18.26 1.57
N ALA D 189 67.18 -17.49 1.96
CA ALA D 189 68.37 -18.11 2.54
C ALA D 189 68.06 -18.79 3.87
N ASP D 190 67.03 -18.32 4.57
CA ASP D 190 66.65 -18.84 5.88
C ASP D 190 65.13 -18.77 6.06
N PRO D 191 64.39 -19.36 5.13
CA PRO D 191 62.93 -19.21 5.14
C PRO D 191 62.27 -20.06 6.22
N LEU D 192 61.10 -19.60 6.65
CA LEU D 192 60.33 -20.29 7.68
C LEU D 192 59.34 -21.28 7.10
N VAL D 193 59.20 -21.34 5.77
CA VAL D 193 58.37 -22.35 5.12
C VAL D 193 58.96 -22.67 3.76
N GLY D 194 59.29 -23.94 3.55
CA GLY D 194 59.97 -24.36 2.35
C GLY D 194 59.10 -24.37 1.10
N SER D 195 57.79 -24.55 1.27
CA SER D 195 56.90 -24.62 0.12
C SER D 195 56.98 -23.36 -0.71
N ILE D 196 57.12 -22.20 -0.06
CA ILE D 196 57.26 -20.95 -0.80
C ILE D 196 58.52 -20.97 -1.65
N ALA D 197 59.65 -21.41 -1.07
CA ALA D 197 60.91 -21.34 -1.80
C ALA D 197 60.83 -22.09 -3.13
N THR D 198 60.25 -23.29 -3.12
CA THR D 198 60.04 -24.01 -4.36
C THR D 198 59.10 -23.22 -5.28
N GLN D 199 58.01 -22.68 -4.72
CA GLN D 199 57.10 -21.86 -5.49
C GLN D 199 57.69 -20.48 -5.80
N TYR D 200 58.57 -19.98 -4.93
CA TYR D 200 59.11 -18.64 -5.12
C TYR D 200 59.96 -18.56 -6.38
N MET D 201 60.77 -19.59 -6.64
CA MET D 201 61.64 -19.62 -7.81
C MET D 201 60.99 -20.34 -8.99
N THR D 202 60.42 -21.53 -8.75
CA THR D 202 59.85 -22.31 -9.84
C THR D 202 58.71 -21.57 -10.51
N ASN D 203 57.62 -21.32 -9.77
CA ASN D 203 56.45 -20.63 -10.30
C ASN D 203 55.97 -19.64 -9.25
N ARG D 204 56.50 -18.42 -9.30
CA ARG D 204 56.03 -17.37 -8.40
C ARG D 204 54.58 -16.99 -8.70
N ALA D 205 54.10 -17.29 -9.90
CA ALA D 205 52.76 -16.88 -10.30
C ALA D 205 51.72 -17.37 -9.31
N GLU D 206 51.81 -18.64 -8.90
CA GLU D 206 50.91 -19.16 -7.89
C GLU D 206 51.07 -18.39 -6.57
N HIS D 207 52.30 -17.95 -6.28
CA HIS D 207 52.54 -17.28 -5.00
C HIS D 207 52.02 -15.85 -5.00
N ASP D 208 51.86 -15.24 -6.17
CA ASP D 208 51.40 -13.86 -6.23
C ASP D 208 49.88 -13.77 -6.23
N ARG D 209 49.23 -14.43 -7.20
CA ARG D 209 47.77 -14.34 -7.29
C ARG D 209 47.12 -14.68 -5.96
N MET D 210 47.58 -15.77 -5.34
CA MET D 210 47.09 -16.13 -4.01
C MET D 210 47.51 -15.12 -2.97
N ALA D 211 48.75 -14.60 -3.06
CA ALA D 211 49.18 -13.57 -2.13
C ALA D 211 48.33 -12.32 -2.29
N ARG D 212 47.99 -11.96 -3.52
CA ARG D 212 47.06 -10.86 -3.75
C ARG D 212 45.71 -11.16 -3.12
N GLN D 213 45.23 -12.39 -3.28
CA GLN D 213 43.92 -12.76 -2.74
C GLN D 213 43.89 -12.65 -1.23
N TRP D 214 44.94 -13.10 -0.56
CA TRP D 214 44.94 -13.13 0.91
C TRP D 214 44.74 -11.74 1.48
N THR D 215 45.56 -10.77 1.03
CA THR D 215 45.36 -9.40 1.48
C THR D 215 44.00 -8.88 1.05
N LYS D 216 43.60 -9.18 -0.19
CA LYS D 216 42.29 -8.75 -0.67
C LYS D 216 41.17 -9.41 0.13
N ARG D 217 41.40 -10.62 0.64
CA ARG D 217 40.35 -11.38 1.28
C ARG D 217 40.32 -11.20 2.80
N TYR D 218 41.43 -10.79 3.41
CA TYR D 218 41.50 -10.60 4.85
C TYR D 218 41.64 -9.13 5.26
N ALA D 219 42.67 -8.45 4.78
CA ALA D 219 42.96 -7.10 5.22
C ALA D 219 41.96 -6.07 4.69
N THR D 220 41.21 -6.41 3.64
CA THR D 220 40.24 -5.49 3.07
C THR D 220 39.04 -5.35 4.01
#